data_2MXY
#
_entry.id   2MXY
#
loop_
_entity.id
_entity.type
_entity.pdbx_description
1 polymer 'Heterogeneous nuclear ribonucleoproteins C1/C2'
2 polymer "5'-R(*AP*UP*UP*UP*UP*UP*C)-3'"
#
loop_
_entity_poly.entity_id
_entity_poly.type
_entity_poly.pdbx_seq_one_letter_code
_entity_poly.pdbx_strand_id
1 'polypeptide(L)'
;ASNVTNKTDPRSMNSRVFIGNLNTLVVKKSDVEAIFSKYGKIVGCSVHKGFAFVQYVNERNARAAVAGEDGRMIAGQVLD
INLAAEPKVNRGKAGVKRSAAEMYG
;
A
2 'polyribonucleotide' AUUUUUC B
#
loop_
_chem_comp.id
_chem_comp.type
_chem_comp.name
_chem_comp.formula
A RNA linking ADENOSINE-5'-MONOPHOSPHATE 'C10 H14 N5 O7 P'
C RNA linking CYTIDINE-5'-MONOPHOSPHATE 'C9 H14 N3 O8 P'
U RNA linking URIDINE-5'-MONOPHOSPHATE 'C9 H13 N2 O9 P'
#
# COMPACT_ATOMS: atom_id res chain seq x y z
N ALA A 1 -5.54 7.75 -13.03
CA ALA A 1 -5.25 6.35 -13.37
C ALA A 1 -6.50 5.49 -13.25
N SER A 2 -6.46 4.28 -13.79
CA SER A 2 -7.58 3.34 -13.80
C SER A 2 -7.93 2.89 -12.38
N ASN A 3 -8.99 2.08 -12.26
CA ASN A 3 -9.50 1.62 -10.98
C ASN A 3 -9.20 0.14 -10.73
N VAL A 4 -8.16 -0.41 -11.36
CA VAL A 4 -7.88 -1.84 -11.34
C VAL A 4 -6.51 -2.13 -10.76
N THR A 5 -6.47 -3.03 -9.78
CA THR A 5 -5.24 -3.37 -9.07
C THR A 5 -5.22 -4.82 -8.57
N ASN A 6 -6.10 -5.70 -9.08
CA ASN A 6 -6.18 -7.07 -8.55
C ASN A 6 -5.76 -8.17 -9.53
N LYS A 7 -4.98 -7.83 -10.57
CA LYS A 7 -4.45 -8.83 -11.50
C LYS A 7 -3.52 -9.79 -10.76
N THR A 8 -3.15 -10.90 -11.39
CA THR A 8 -2.30 -11.91 -10.77
C THR A 8 -1.16 -12.36 -11.69
N ASP A 9 -0.81 -11.52 -12.67
CA ASP A 9 0.28 -11.82 -13.59
C ASP A 9 1.63 -11.81 -12.87
N PRO A 10 2.61 -12.55 -13.39
CA PRO A 10 3.91 -12.74 -12.78
C PRO A 10 4.75 -11.46 -12.71
N ARG A 11 4.27 -10.36 -13.32
CA ARG A 11 4.94 -9.07 -13.24
C ARG A 11 4.01 -7.99 -12.69
N SER A 12 2.73 -8.30 -12.54
CA SER A 12 1.75 -7.37 -11.98
C SER A 12 1.58 -7.61 -10.48
N MET A 13 2.00 -8.79 -10.00
CA MET A 13 1.99 -9.12 -8.58
C MET A 13 3.15 -8.43 -7.87
N ASN A 14 4.12 -7.91 -8.62
CA ASN A 14 5.28 -7.24 -8.06
C ASN A 14 5.45 -5.82 -8.60
N SER A 15 4.52 -5.36 -9.44
CA SER A 15 4.46 -3.97 -9.87
C SER A 15 3.36 -3.25 -9.08
N ARG A 16 2.87 -3.88 -8.01
CA ARG A 16 1.77 -3.41 -7.20
C ARG A 16 2.25 -3.02 -5.80
N VAL A 17 1.49 -2.15 -5.15
CA VAL A 17 1.80 -1.67 -3.81
C VAL A 17 0.61 -1.93 -2.89
N PHE A 18 0.87 -2.58 -1.76
CA PHE A 18 -0.13 -2.77 -0.71
C PHE A 18 0.04 -1.64 0.29
N ILE A 19 -1.06 -1.04 0.74
CA ILE A 19 -1.02 0.09 1.66
C ILE A 19 -1.99 -0.20 2.81
N GLY A 20 -1.47 -0.79 3.89
CA GLY A 20 -2.27 -1.20 5.03
C GLY A 20 -2.27 -0.17 6.15
N ASN A 21 -3.11 -0.40 7.16
CA ASN A 21 -3.28 0.47 8.33
C ASN A 21 -3.57 1.91 7.91
N LEU A 22 -4.14 2.09 6.71
CA LEU A 22 -4.33 3.40 6.10
C LEU A 22 -5.50 4.16 6.72
N ASN A 23 -5.39 5.50 6.73
CA ASN A 23 -6.41 6.44 7.17
C ASN A 23 -7.53 6.57 6.13
N THR A 24 -8.16 5.45 5.79
CA THR A 24 -9.13 5.37 4.71
C THR A 24 -10.42 6.16 4.97
N LEU A 25 -10.55 6.75 6.16
CA LEU A 25 -11.71 7.57 6.52
C LEU A 25 -11.46 9.04 6.22
N VAL A 26 -10.27 9.37 5.70
CA VAL A 26 -9.93 10.73 5.30
C VAL A 26 -9.31 10.74 3.90
N VAL A 27 -8.69 9.62 3.49
CA VAL A 27 -8.09 9.51 2.16
C VAL A 27 -9.14 9.13 1.13
N LYS A 28 -8.79 9.24 -0.15
CA LYS A 28 -9.64 8.82 -1.25
C LYS A 28 -8.77 8.30 -2.39
N LYS A 29 -9.41 7.76 -3.42
CA LYS A 29 -8.68 7.22 -4.57
C LYS A 29 -7.88 8.33 -5.25
N SER A 30 -8.41 9.56 -5.25
CA SER A 30 -7.77 10.69 -5.89
C SER A 30 -6.62 11.22 -5.05
N ASP A 31 -6.49 10.72 -3.82
CA ASP A 31 -5.38 11.06 -2.95
C ASP A 31 -4.30 10.00 -3.06
N VAL A 32 -4.67 8.72 -3.12
CA VAL A 32 -3.69 7.66 -3.18
C VAL A 32 -2.98 7.68 -4.54
N GLU A 33 -3.70 8.01 -5.62
CA GLU A 33 -3.05 8.14 -6.92
C GLU A 33 -2.32 9.48 -7.06
N ALA A 34 -2.28 10.26 -5.98
CA ALA A 34 -1.58 11.55 -5.95
C ALA A 34 -0.44 11.55 -4.93
N ILE A 35 -0.37 10.51 -4.09
CA ILE A 35 0.67 10.36 -3.07
C ILE A 35 1.72 9.35 -3.53
N PHE A 36 1.35 8.46 -4.46
CA PHE A 36 2.23 7.43 -4.97
C PHE A 36 2.64 7.71 -6.42
N SER A 37 2.05 8.72 -7.06
CA SER A 37 2.40 9.06 -8.44
C SER A 37 3.74 9.81 -8.50
N LYS A 38 4.28 10.22 -7.34
CA LYS A 38 5.56 10.88 -7.25
C LYS A 38 6.72 9.88 -7.29
N TYR A 39 6.41 8.58 -7.23
CA TYR A 39 7.41 7.53 -7.21
C TYR A 39 7.28 6.58 -8.41
N GLY A 40 6.29 6.80 -9.28
CA GLY A 40 6.13 5.98 -10.46
C GLY A 40 4.85 6.28 -11.22
N LYS A 41 4.74 5.73 -12.43
CA LYS A 41 3.56 5.88 -13.27
C LYS A 41 2.49 4.92 -12.79
N ILE A 42 1.38 5.45 -12.26
CA ILE A 42 0.27 4.64 -11.83
C ILE A 42 -0.66 4.39 -13.01
N VAL A 43 -1.01 3.12 -13.23
CA VAL A 43 -1.91 2.71 -14.30
C VAL A 43 -3.15 2.03 -13.72
N GLY A 44 -3.28 2.06 -12.40
CA GLY A 44 -4.44 1.52 -11.71
C GLY A 44 -4.34 1.86 -10.22
N CYS A 45 -5.49 2.10 -9.58
CA CYS A 45 -5.51 2.45 -8.17
C CYS A 45 -6.87 2.08 -7.57
N SER A 46 -6.89 1.63 -6.31
CA SER A 46 -8.14 1.36 -5.62
C SER A 46 -7.97 1.63 -4.13
N VAL A 47 -9.09 1.87 -3.43
CA VAL A 47 -9.06 2.18 -2.01
C VAL A 47 -10.19 1.44 -1.32
N HIS A 48 -9.95 1.01 -0.07
CA HIS A 48 -10.88 0.19 0.68
C HIS A 48 -10.86 0.66 2.14
N LYS A 49 -11.49 -0.09 3.06
CA LYS A 49 -11.40 0.23 4.48
C LYS A 49 -10.11 -0.34 5.06
N GLY A 50 -9.35 0.51 5.77
CA GLY A 50 -8.12 0.12 6.44
C GLY A 50 -6.94 -0.14 5.50
N PHE A 51 -7.19 -0.25 4.19
CA PHE A 51 -6.11 -0.47 3.24
C PHE A 51 -6.46 0.10 1.87
N ALA A 52 -5.46 0.20 1.00
CA ALA A 52 -5.61 0.65 -0.36
C ALA A 52 -4.58 -0.05 -1.25
N PHE A 53 -4.72 0.12 -2.57
CA PHE A 53 -3.82 -0.50 -3.53
C PHE A 53 -3.46 0.45 -4.66
N VAL A 54 -2.25 0.28 -5.20
CA VAL A 54 -1.74 1.03 -6.33
C VAL A 54 -1.09 0.06 -7.30
N GLN A 55 -1.31 0.28 -8.59
CA GLN A 55 -0.77 -0.56 -9.65
C GLN A 55 0.14 0.28 -10.54
N TYR A 56 1.44 -0.01 -10.49
CA TYR A 56 2.43 0.66 -11.32
C TYR A 56 2.62 -0.11 -12.63
N VAL A 57 3.51 0.38 -13.48
CA VAL A 57 3.79 -0.24 -14.78
C VAL A 57 4.81 -1.37 -14.62
N ASN A 58 5.66 -1.29 -13.60
CA ASN A 58 6.72 -2.27 -13.38
C ASN A 58 7.08 -2.39 -11.90
N GLU A 59 7.97 -3.34 -11.58
CA GLU A 59 8.40 -3.61 -10.22
C GLU A 59 9.27 -2.50 -9.66
N ARG A 60 10.09 -1.88 -10.52
CA ARG A 60 11.00 -0.82 -10.12
C ARG A 60 10.22 0.33 -9.49
N ASN A 61 9.05 0.65 -10.04
CA ASN A 61 8.20 1.71 -9.53
C ASN A 61 7.63 1.32 -8.16
N ALA A 62 7.34 0.03 -7.96
CA ALA A 62 6.82 -0.44 -6.69
C ALA A 62 7.87 -0.34 -5.58
N ARG A 63 9.12 -0.70 -5.86
CA ARG A 63 10.19 -0.62 -4.88
C ARG A 63 10.45 0.85 -4.51
N ALA A 64 10.14 1.78 -5.42
CA ALA A 64 10.35 3.19 -5.19
C ALA A 64 9.39 3.71 -4.12
N ALA A 65 8.12 3.29 -4.15
CA ALA A 65 7.16 3.76 -3.17
C ALA A 65 7.08 2.85 -1.94
N VAL A 66 7.37 1.55 -2.10
CA VAL A 66 7.36 0.62 -0.99
C VAL A 66 8.53 0.91 -0.05
N ALA A 67 9.56 1.58 -0.54
CA ALA A 67 10.67 2.05 0.28
C ALA A 67 10.68 3.58 0.43
N GLY A 68 9.86 4.29 -0.36
CA GLY A 68 9.83 5.74 -0.33
C GLY A 68 8.70 6.33 0.53
N GLU A 69 7.64 5.55 0.79
CA GLU A 69 6.48 6.03 1.54
C GLU A 69 6.20 5.15 2.76
N ASP A 70 6.76 3.95 2.82
CA ASP A 70 6.48 3.06 3.94
C ASP A 70 6.87 3.71 5.27
N GLY A 71 5.94 3.66 6.23
CA GLY A 71 6.17 4.22 7.56
C GLY A 71 5.90 5.71 7.63
N ARG A 72 5.23 6.28 6.63
CA ARG A 72 4.95 7.72 6.61
C ARG A 72 3.59 8.03 7.23
N MET A 73 3.41 9.28 7.65
CA MET A 73 2.13 9.72 8.19
C MET A 73 1.29 10.43 7.14
N ILE A 74 -0.01 10.12 7.15
CA ILE A 74 -1.00 10.74 6.29
C ILE A 74 -2.29 10.87 7.10
N ALA A 75 -2.98 12.01 6.97
CA ALA A 75 -4.21 12.29 7.69
C ALA A 75 -4.12 12.08 9.22
N GLY A 76 -2.91 11.93 9.77
CA GLY A 76 -2.72 11.80 11.21
C GLY A 76 -2.38 10.38 11.65
N GLN A 77 -2.36 9.41 10.72
CA GLN A 77 -2.01 8.03 11.04
C GLN A 77 -0.91 7.56 10.10
N VAL A 78 -0.24 6.46 10.47
CA VAL A 78 0.82 5.88 9.65
C VAL A 78 0.29 4.66 8.92
N LEU A 79 0.82 4.43 7.72
CA LEU A 79 0.42 3.32 6.88
C LEU A 79 1.60 2.38 6.64
N ASP A 80 1.29 1.09 6.56
CA ASP A 80 2.29 0.04 6.38
C ASP A 80 2.29 -0.35 4.92
N ILE A 81 3.33 0.04 4.18
CA ILE A 81 3.39 -0.19 2.75
C ILE A 81 4.36 -1.32 2.44
N ASN A 82 3.99 -2.19 1.49
CA ASN A 82 4.78 -3.36 1.15
C ASN A 82 4.49 -3.82 -0.27
N LEU A 83 5.37 -4.68 -0.81
CA LEU A 83 5.14 -5.30 -2.10
C LEU A 83 3.90 -6.19 -1.98
N ALA A 84 3.11 -6.30 -3.04
CA ALA A 84 1.83 -7.01 -2.99
C ALA A 84 1.99 -8.54 -3.04
N ALA A 85 3.23 -9.02 -3.19
CA ALA A 85 3.50 -10.45 -3.23
C ALA A 85 4.62 -10.83 -2.25
N GLU A 86 4.96 -9.92 -1.33
CA GLU A 86 6.04 -10.16 -0.38
C GLU A 86 5.64 -9.79 1.06
N PRO A 87 4.47 -10.25 1.54
CA PRO A 87 3.99 -9.91 2.86
C PRO A 87 4.91 -10.45 3.94
N LYS A 88 5.16 -9.64 4.97
CA LYS A 88 6.00 -10.00 6.10
C LYS A 88 5.30 -9.68 7.42
N VAL A 89 4.33 -8.75 7.38
CA VAL A 89 3.56 -8.36 8.55
C VAL A 89 2.51 -9.42 8.87
N ASN A 90 2.10 -9.48 10.13
CA ASN A 90 1.15 -10.48 10.61
C ASN A 90 -0.29 -10.07 10.33
N ARG A 91 -0.47 -8.93 9.65
CA ARG A 91 -1.77 -8.31 9.40
C ARG A 91 -2.59 -8.22 10.68
N GLY A 92 -1.94 -7.76 11.75
CA GLY A 92 -2.52 -7.66 13.08
C GLY A 92 -3.53 -6.53 13.23
N LYS A 93 -3.90 -5.86 12.13
CA LYS A 93 -4.87 -4.76 12.11
C LYS A 93 -4.47 -3.59 12.99
N ALA A 94 -3.24 -3.59 13.54
CA ALA A 94 -2.75 -2.51 14.38
C ALA A 94 -1.22 -2.43 14.34
N GLY A 95 -0.55 -3.47 13.85
CA GLY A 95 0.91 -3.51 13.75
C GLY A 95 1.55 -3.85 15.10
N VAL A 96 0.73 -4.17 16.10
CA VAL A 96 1.21 -4.49 17.44
C VAL A 96 1.57 -5.97 17.56
N LYS A 97 0.99 -6.82 16.70
CA LYS A 97 1.26 -8.24 16.71
C LYS A 97 2.65 -8.54 16.17
N ARG A 98 3.27 -9.60 16.68
CA ARG A 98 4.60 -10.05 16.28
C ARG A 98 4.54 -11.48 15.77
N SER A 99 5.55 -11.88 15.00
CA SER A 99 5.67 -13.24 14.50
C SER A 99 6.32 -14.11 15.58
N ALA A 100 6.04 -15.42 15.57
CA ALA A 100 6.59 -16.34 16.56
C ALA A 100 8.10 -16.50 16.42
N ALA A 101 8.68 -15.94 15.35
CA ALA A 101 10.11 -15.96 15.09
C ALA A 101 10.75 -14.59 15.34
N GLU A 102 9.91 -13.58 15.60
CA GLU A 102 10.33 -12.21 15.81
C GLU A 102 9.93 -11.72 17.20
N MET A 103 9.57 -12.65 18.09
CA MET A 103 9.19 -12.30 19.45
C MET A 103 10.37 -11.73 20.24
N TYR A 104 10.07 -11.19 21.41
CA TYR A 104 11.00 -10.52 22.30
C TYR A 104 12.04 -11.47 22.89
N GLY A 105 11.80 -12.78 22.78
CA GLY A 105 12.70 -13.80 23.29
C GLY A 105 12.68 -13.84 24.82
N ALA A 1 -5.85 7.50 -12.95
CA ALA A 1 -5.50 6.17 -13.48
C ALA A 1 -6.70 5.23 -13.43
N SER A 2 -6.54 4.00 -13.92
CA SER A 2 -7.59 3.00 -13.95
C SER A 2 -8.04 2.63 -12.53
N ASN A 3 -9.12 1.85 -12.42
CA ASN A 3 -9.71 1.49 -11.14
C ASN A 3 -9.47 0.02 -10.78
N VAL A 4 -8.55 -0.65 -11.49
CA VAL A 4 -8.32 -2.08 -11.29
C VAL A 4 -6.88 -2.33 -10.86
N THR A 5 -6.71 -3.19 -9.87
CA THR A 5 -5.40 -3.51 -9.31
C THR A 5 -5.34 -4.94 -8.80
N ASN A 6 -6.32 -5.79 -9.07
CA ASN A 6 -6.37 -7.13 -8.50
C ASN A 6 -5.87 -8.23 -9.45
N LYS A 7 -5.12 -7.86 -10.49
CA LYS A 7 -4.55 -8.80 -11.44
C LYS A 7 -3.54 -9.69 -10.73
N THR A 8 -3.25 -10.87 -11.30
CA THR A 8 -2.40 -11.87 -10.67
C THR A 8 -1.32 -12.38 -11.62
N ASP A 9 -0.92 -11.55 -12.59
CA ASP A 9 0.11 -11.91 -13.54
C ASP A 9 1.49 -11.93 -12.89
N PRO A 10 2.45 -12.64 -13.50
CA PRO A 10 3.77 -12.89 -12.94
C PRO A 10 4.61 -11.62 -12.76
N ARG A 11 4.14 -10.49 -13.31
CA ARG A 11 4.85 -9.22 -13.18
C ARG A 11 3.96 -8.10 -12.64
N SER A 12 2.64 -8.33 -12.58
CA SER A 12 1.71 -7.34 -12.03
C SER A 12 1.57 -7.51 -10.52
N MET A 13 1.86 -8.73 -10.03
CA MET A 13 1.83 -9.02 -8.60
C MET A 13 3.04 -8.41 -7.89
N ASN A 14 4.06 -8.00 -8.64
CA ASN A 14 5.25 -7.38 -8.09
C ASN A 14 5.48 -5.98 -8.66
N SER A 15 4.54 -5.48 -9.47
CA SER A 15 4.54 -4.09 -9.92
C SER A 15 3.42 -3.34 -9.20
N ARG A 16 2.90 -3.94 -8.13
CA ARG A 16 1.79 -3.39 -7.36
C ARG A 16 2.20 -3.14 -5.91
N VAL A 17 1.53 -2.19 -5.27
CA VAL A 17 1.82 -1.77 -3.91
C VAL A 17 0.62 -2.04 -3.01
N PHE A 18 0.88 -2.62 -1.84
CA PHE A 18 -0.13 -2.79 -0.80
C PHE A 18 0.05 -1.65 0.20
N ILE A 19 -1.04 -1.05 0.65
CA ILE A 19 -1.00 0.07 1.58
C ILE A 19 -1.94 -0.22 2.74
N GLY A 20 -1.42 -0.77 3.83
CA GLY A 20 -2.21 -1.18 4.98
C GLY A 20 -2.21 -0.14 6.09
N ASN A 21 -3.07 -0.37 7.10
CA ASN A 21 -3.21 0.47 8.28
C ASN A 21 -3.54 1.92 7.94
N LEU A 22 -4.04 2.18 6.72
CA LEU A 22 -4.36 3.52 6.27
C LEU A 22 -5.61 4.03 6.99
N ASN A 23 -5.74 5.35 7.15
CA ASN A 23 -6.85 5.95 7.88
C ASN A 23 -8.19 5.70 7.19
N THR A 24 -8.21 5.83 5.86
CA THR A 24 -9.34 5.57 4.98
C THR A 24 -10.65 6.29 5.36
N LEU A 25 -10.60 7.24 6.31
CA LEU A 25 -11.77 8.05 6.63
C LEU A 25 -11.67 9.45 6.01
N VAL A 26 -10.45 9.85 5.61
CA VAL A 26 -10.20 11.18 5.10
C VAL A 26 -9.45 11.10 3.76
N VAL A 27 -8.88 9.94 3.45
CA VAL A 27 -8.19 9.74 2.18
C VAL A 27 -9.21 9.33 1.12
N LYS A 28 -8.87 9.53 -0.15
CA LYS A 28 -9.72 9.14 -1.27
C LYS A 28 -8.86 8.58 -2.38
N LYS A 29 -9.50 8.04 -3.43
CA LYS A 29 -8.77 7.46 -4.54
C LYS A 29 -7.84 8.50 -5.16
N SER A 30 -8.31 9.75 -5.23
CA SER A 30 -7.60 10.84 -5.87
C SER A 30 -6.45 11.34 -4.99
N ASP A 31 -6.35 10.82 -3.76
CA ASP A 31 -5.24 11.12 -2.88
C ASP A 31 -4.19 10.01 -2.99
N VAL A 32 -4.61 8.74 -3.05
CA VAL A 32 -3.66 7.65 -3.13
C VAL A 32 -2.92 7.70 -4.47
N GLU A 33 -3.61 8.09 -5.54
CA GLU A 33 -2.98 8.22 -6.85
C GLU A 33 -2.26 9.56 -6.99
N ALA A 34 -2.17 10.32 -5.90
CA ALA A 34 -1.46 11.59 -5.88
C ALA A 34 -0.32 11.57 -4.86
N ILE A 35 -0.26 10.53 -4.03
CA ILE A 35 0.77 10.35 -3.02
C ILE A 35 1.79 9.32 -3.49
N PHE A 36 1.40 8.45 -4.42
CA PHE A 36 2.27 7.41 -4.95
C PHE A 36 2.67 7.69 -6.40
N SER A 37 2.11 8.73 -7.03
CA SER A 37 2.44 9.07 -8.40
C SER A 37 3.76 9.85 -8.47
N LYS A 38 4.35 10.16 -7.31
CA LYS A 38 5.64 10.84 -7.22
C LYS A 38 6.79 9.84 -7.25
N TYR A 39 6.48 8.54 -7.20
CA TYR A 39 7.48 7.48 -7.18
C TYR A 39 7.34 6.54 -8.37
N GLY A 40 6.35 6.76 -9.23
CA GLY A 40 6.17 5.93 -10.40
C GLY A 40 4.91 6.25 -11.18
N LYS A 41 4.80 5.71 -12.39
CA LYS A 41 3.62 5.86 -13.23
C LYS A 41 2.54 4.90 -12.76
N ILE A 42 1.45 5.44 -12.23
CA ILE A 42 0.32 4.63 -11.81
C ILE A 42 -0.59 4.40 -13.01
N VAL A 43 -0.92 3.13 -13.28
CA VAL A 43 -1.80 2.75 -14.37
C VAL A 43 -3.08 2.11 -13.83
N GLY A 44 -3.20 2.05 -12.50
CA GLY A 44 -4.40 1.57 -11.84
C GLY A 44 -4.31 1.86 -10.34
N CYS A 45 -5.44 2.17 -9.70
CA CYS A 45 -5.47 2.45 -8.28
C CYS A 45 -6.84 2.15 -7.69
N SER A 46 -6.87 1.72 -6.44
CA SER A 46 -8.10 1.50 -5.69
C SER A 46 -7.84 1.78 -4.21
N VAL A 47 -8.90 2.12 -3.49
CA VAL A 47 -8.79 2.41 -2.06
C VAL A 47 -10.01 1.85 -1.34
N HIS A 48 -9.78 1.34 -0.13
CA HIS A 48 -10.77 0.59 0.63
C HIS A 48 -10.72 1.03 2.09
N LYS A 49 -11.43 0.32 2.98
CA LYS A 49 -11.34 0.59 4.40
C LYS A 49 -10.14 -0.15 4.99
N GLY A 50 -9.31 0.59 5.74
CA GLY A 50 -8.13 0.07 6.39
C GLY A 50 -6.94 -0.16 5.44
N PHE A 51 -7.17 -0.18 4.12
CA PHE A 51 -6.09 -0.41 3.17
C PHE A 51 -6.39 0.19 1.80
N ALA A 52 -5.37 0.21 0.94
CA ALA A 52 -5.48 0.69 -0.45
C ALA A 52 -4.49 -0.04 -1.34
N PHE A 53 -4.62 0.12 -2.66
CA PHE A 53 -3.75 -0.53 -3.64
C PHE A 53 -3.37 0.44 -4.76
N VAL A 54 -2.14 0.28 -5.26
CA VAL A 54 -1.62 1.07 -6.36
C VAL A 54 -0.88 0.15 -7.33
N GLN A 55 -1.33 0.13 -8.58
CA GLN A 55 -0.77 -0.71 -9.62
C GLN A 55 0.14 0.15 -10.52
N TYR A 56 1.45 -0.09 -10.45
CA TYR A 56 2.42 0.59 -11.30
C TYR A 56 2.63 -0.18 -12.59
N VAL A 57 3.54 0.32 -13.44
CA VAL A 57 3.85 -0.29 -14.73
C VAL A 57 4.87 -1.41 -14.56
N ASN A 58 5.74 -1.32 -13.55
CA ASN A 58 6.79 -2.30 -13.33
C ASN A 58 7.16 -2.42 -11.86
N GLU A 59 8.05 -3.38 -11.55
CA GLU A 59 8.47 -3.66 -10.19
C GLU A 59 9.34 -2.53 -9.64
N ARG A 60 10.15 -1.92 -10.49
CA ARG A 60 11.05 -0.85 -10.08
C ARG A 60 10.26 0.29 -9.46
N ASN A 61 9.10 0.61 -10.03
CA ASN A 61 8.24 1.67 -9.51
C ASN A 61 7.66 1.27 -8.14
N ALA A 62 7.39 -0.01 -7.94
CA ALA A 62 6.85 -0.47 -6.67
C ALA A 62 7.89 -0.38 -5.57
N ARG A 63 9.15 -0.74 -5.85
CA ARG A 63 10.22 -0.65 -4.86
C ARG A 63 10.48 0.81 -4.50
N ALA A 64 10.16 1.74 -5.41
CA ALA A 64 10.37 3.16 -5.16
C ALA A 64 9.41 3.68 -4.09
N ALA A 65 8.15 3.25 -4.13
CA ALA A 65 7.18 3.72 -3.15
C ALA A 65 7.10 2.81 -1.93
N VAL A 66 7.40 1.52 -2.10
CA VAL A 66 7.40 0.58 -0.98
C VAL A 66 8.57 0.88 -0.05
N ALA A 67 9.60 1.56 -0.55
CA ALA A 67 10.71 2.01 0.29
C ALA A 67 10.72 3.54 0.44
N GLY A 68 9.90 4.26 -0.33
CA GLY A 68 9.87 5.71 -0.29
C GLY A 68 8.75 6.29 0.58
N GLU A 69 7.67 5.55 0.79
CA GLU A 69 6.52 6.03 1.56
C GLU A 69 6.23 5.13 2.76
N ASP A 70 6.79 3.93 2.82
CA ASP A 70 6.49 3.03 3.92
C ASP A 70 6.88 3.65 5.25
N GLY A 71 5.96 3.62 6.22
CA GLY A 71 6.20 4.13 7.55
C GLY A 71 5.92 5.64 7.65
N ARG A 72 5.28 6.23 6.64
CA ARG A 72 5.00 7.67 6.64
C ARG A 72 3.64 7.95 7.27
N MET A 73 3.42 9.20 7.70
CA MET A 73 2.13 9.61 8.23
C MET A 73 1.30 10.32 7.18
N ILE A 74 0.00 10.01 7.16
CA ILE A 74 -0.98 10.64 6.29
C ILE A 74 -2.28 10.77 7.09
N ALA A 75 -2.94 11.92 7.00
CA ALA A 75 -4.20 12.18 7.69
C ALA A 75 -4.16 11.91 9.20
N GLY A 76 -2.97 11.76 9.80
CA GLY A 76 -2.83 11.59 11.24
C GLY A 76 -2.54 10.15 11.66
N GLN A 77 -2.42 9.23 10.69
CA GLN A 77 -2.05 7.84 10.98
C GLN A 77 -0.93 7.39 10.06
N VAL A 78 -0.18 6.39 10.48
CA VAL A 78 0.88 5.80 9.66
C VAL A 78 0.34 4.59 8.92
N LEU A 79 0.88 4.37 7.72
CA LEU A 79 0.46 3.29 6.85
C LEU A 79 1.64 2.35 6.58
N ASP A 80 1.35 1.06 6.52
CA ASP A 80 2.33 0.02 6.32
C ASP A 80 2.30 -0.38 4.84
N ILE A 81 3.34 0.03 4.10
CA ILE A 81 3.40 -0.19 2.66
C ILE A 81 4.35 -1.32 2.35
N ASN A 82 3.98 -2.18 1.40
CA ASN A 82 4.77 -3.36 1.08
C ASN A 82 4.50 -3.82 -0.35
N LEU A 83 5.38 -4.67 -0.89
CA LEU A 83 5.15 -5.30 -2.18
C LEU A 83 3.91 -6.18 -2.06
N ALA A 84 3.13 -6.29 -3.13
CA ALA A 84 1.85 -7.00 -3.07
C ALA A 84 2.02 -8.52 -3.09
N ALA A 85 3.25 -9.02 -3.20
CA ALA A 85 3.53 -10.44 -3.22
C ALA A 85 4.65 -10.81 -2.25
N GLU A 86 5.03 -9.89 -1.35
CA GLU A 86 6.13 -10.12 -0.41
C GLU A 86 5.78 -9.71 1.02
N PRO A 87 4.63 -10.12 1.57
CA PRO A 87 4.22 -9.74 2.91
C PRO A 87 5.16 -10.34 3.95
N LYS A 88 5.44 -9.55 5.00
CA LYS A 88 6.31 -9.96 6.10
C LYS A 88 5.71 -9.57 7.45
N VAL A 89 4.59 -8.85 7.42
CA VAL A 89 3.91 -8.37 8.62
C VAL A 89 2.75 -9.30 8.97
N ASN A 90 2.38 -9.35 10.24
CA ASN A 90 1.38 -10.26 10.76
C ASN A 90 -0.05 -9.83 10.40
N ARG A 91 -0.19 -8.72 9.69
CA ARG A 91 -1.48 -8.11 9.38
C ARG A 91 -2.35 -8.02 10.62
N GLY A 92 -1.75 -7.52 11.71
CA GLY A 92 -2.38 -7.43 13.02
C GLY A 92 -3.41 -6.30 13.14
N LYS A 93 -3.84 -5.73 12.02
CA LYS A 93 -4.89 -4.71 11.95
C LYS A 93 -4.62 -3.44 12.76
N ALA A 94 -3.43 -3.31 13.36
CA ALA A 94 -3.10 -2.13 14.15
C ALA A 94 -1.59 -1.85 14.16
N GLY A 95 -0.77 -2.84 13.82
CA GLY A 95 0.69 -2.68 13.78
C GLY A 95 1.29 -2.65 15.17
N VAL A 96 0.51 -3.00 16.20
CA VAL A 96 0.95 -2.97 17.59
C VAL A 96 1.79 -4.20 17.92
N LYS A 97 1.63 -5.28 17.13
CA LYS A 97 2.36 -6.52 17.34
C LYS A 97 3.84 -6.33 16.98
N ARG A 98 4.70 -7.10 17.65
CA ARG A 98 6.14 -7.06 17.43
C ARG A 98 6.62 -8.39 16.86
N SER A 99 7.80 -8.37 16.22
CA SER A 99 8.41 -9.55 15.64
C SER A 99 9.15 -10.34 16.71
N ALA A 100 9.37 -11.64 16.47
CA ALA A 100 10.08 -12.49 17.42
C ALA A 100 11.57 -12.16 17.45
N ALA A 101 12.04 -11.30 16.54
CA ALA A 101 13.42 -10.85 16.48
C ALA A 101 13.55 -9.42 17.03
N GLU A 102 12.42 -8.77 17.31
CA GLU A 102 12.38 -7.41 17.82
C GLU A 102 11.71 -7.37 19.20
N MET A 103 11.40 -8.53 19.75
CA MET A 103 10.74 -8.64 21.04
C MET A 103 11.75 -8.38 22.17
N TYR A 104 11.23 -8.11 23.37
CA TYR A 104 12.01 -7.65 24.51
C TYR A 104 12.64 -8.80 25.31
N GLY A 105 12.25 -10.04 24.99
CA GLY A 105 12.76 -11.24 25.67
C GLY A 105 12.27 -11.31 27.11
N ALA A 1 -5.97 7.52 -12.72
CA ALA A 1 -5.66 6.22 -13.34
C ALA A 1 -6.85 5.27 -13.25
N SER A 2 -6.72 4.07 -13.81
CA SER A 2 -7.79 3.07 -13.82
C SER A 2 -8.15 2.60 -12.42
N ASN A 3 -9.17 1.75 -12.30
CA ASN A 3 -9.64 1.23 -11.02
C ASN A 3 -9.13 -0.18 -10.75
N VAL A 4 -8.20 -0.68 -11.56
CA VAL A 4 -7.82 -2.08 -11.52
C VAL A 4 -6.45 -2.28 -10.89
N THR A 5 -6.40 -3.12 -9.86
CA THR A 5 -5.18 -3.39 -9.12
C THR A 5 -5.14 -4.82 -8.58
N ASN A 6 -5.94 -5.76 -9.09
CA ASN A 6 -6.00 -7.10 -8.52
C ASN A 6 -5.58 -8.25 -9.47
N LYS A 7 -4.83 -7.94 -10.54
CA LYS A 7 -4.33 -8.96 -11.45
C LYS A 7 -3.38 -9.89 -10.70
N THR A 8 -3.07 -11.05 -11.30
CA THR A 8 -2.24 -12.07 -10.65
C THR A 8 -1.10 -12.54 -11.55
N ASP A 9 -0.66 -11.69 -12.48
CA ASP A 9 0.42 -12.01 -13.39
C ASP A 9 1.76 -12.00 -12.63
N PRO A 10 2.76 -12.75 -13.11
CA PRO A 10 4.05 -12.89 -12.47
C PRO A 10 4.86 -11.59 -12.44
N ARG A 11 4.30 -10.51 -12.98
CA ARG A 11 4.95 -9.20 -13.00
C ARG A 11 4.02 -8.10 -12.51
N SER A 12 2.73 -8.38 -12.38
CA SER A 12 1.78 -7.42 -11.83
C SER A 12 1.68 -7.58 -10.32
N MET A 13 2.06 -8.77 -9.83
CA MET A 13 2.06 -9.07 -8.40
C MET A 13 3.25 -8.44 -7.69
N ASN A 14 4.21 -7.89 -8.44
CA ASN A 14 5.37 -7.22 -7.89
C ASN A 14 5.51 -5.80 -8.43
N SER A 15 4.60 -5.39 -9.33
CA SER A 15 4.53 -4.01 -9.80
C SER A 15 3.42 -3.26 -9.06
N ARG A 16 2.92 -3.87 -7.98
CA ARG A 16 1.80 -3.39 -7.20
C ARG A 16 2.26 -2.97 -5.81
N VAL A 17 1.48 -2.07 -5.19
CA VAL A 17 1.76 -1.60 -3.85
C VAL A 17 0.57 -1.88 -2.94
N PHE A 18 0.82 -2.53 -1.81
CA PHE A 18 -0.18 -2.74 -0.78
C PHE A 18 0.01 -1.65 0.26
N ILE A 19 -1.07 -0.98 0.66
CA ILE A 19 -1.01 0.14 1.60
C ILE A 19 -1.95 -0.15 2.76
N GLY A 20 -1.42 -0.80 3.80
CA GLY A 20 -2.20 -1.20 4.96
C GLY A 20 -2.17 -0.17 6.08
N ASN A 21 -3.01 -0.40 7.09
CA ASN A 21 -3.12 0.44 8.28
C ASN A 21 -3.44 1.90 7.94
N LEU A 22 -3.94 2.16 6.73
CA LEU A 22 -4.27 3.50 6.27
C LEU A 22 -5.51 4.01 7.00
N ASN A 23 -5.63 5.33 7.18
CA ASN A 23 -6.74 5.92 7.92
C ASN A 23 -8.08 5.67 7.21
N THR A 24 -8.07 5.80 5.88
CA THR A 24 -9.20 5.60 4.99
C THR A 24 -10.47 6.38 5.34
N LEU A 25 -10.40 7.32 6.30
CA LEU A 25 -11.56 8.16 6.62
C LEU A 25 -11.38 9.56 6.03
N VAL A 26 -10.15 9.95 5.73
CA VAL A 26 -9.81 11.28 5.24
C VAL A 26 -9.14 11.17 3.87
N VAL A 27 -8.63 9.98 3.54
CA VAL A 27 -8.00 9.75 2.25
C VAL A 27 -9.07 9.38 1.22
N LYS A 28 -8.77 9.59 -0.06
CA LYS A 28 -9.65 9.21 -1.17
C LYS A 28 -8.80 8.66 -2.30
N LYS A 29 -9.44 8.15 -3.35
CA LYS A 29 -8.70 7.59 -4.47
C LYS A 29 -7.78 8.65 -5.07
N SER A 30 -8.29 9.90 -5.13
CA SER A 30 -7.58 11.01 -5.76
C SER A 30 -6.41 11.47 -4.90
N ASP A 31 -6.30 10.93 -3.69
CA ASP A 31 -5.18 11.21 -2.82
C ASP A 31 -4.13 10.11 -2.96
N VAL A 32 -4.56 8.85 -3.05
CA VAL A 32 -3.61 7.75 -3.17
C VAL A 32 -2.90 7.82 -4.52
N GLU A 33 -3.61 8.25 -5.57
CA GLU A 33 -3.01 8.41 -6.88
C GLU A 33 -2.28 9.75 -7.00
N ALA A 34 -2.15 10.48 -5.90
CA ALA A 34 -1.43 11.74 -5.85
C ALA A 34 -0.26 11.68 -4.86
N ILE A 35 -0.22 10.63 -4.03
CA ILE A 35 0.83 10.42 -3.05
C ILE A 35 1.81 9.36 -3.54
N PHE A 36 1.37 8.53 -4.49
CA PHE A 36 2.22 7.47 -5.04
C PHE A 36 2.58 7.75 -6.50
N SER A 37 1.91 8.69 -7.16
CA SER A 37 2.22 9.03 -8.55
C SER A 37 3.54 9.80 -8.63
N LYS A 38 4.07 10.21 -7.47
CA LYS A 38 5.35 10.91 -7.37
C LYS A 38 6.52 9.93 -7.28
N TYR A 39 6.24 8.63 -7.31
CA TYR A 39 7.25 7.58 -7.25
C TYR A 39 7.21 6.68 -8.48
N GLY A 40 6.21 6.85 -9.35
CA GLY A 40 6.09 6.02 -10.53
C GLY A 40 4.79 6.29 -11.31
N LYS A 41 4.70 5.73 -12.51
CA LYS A 41 3.51 5.85 -13.34
C LYS A 41 2.44 4.88 -12.85
N ILE A 42 1.33 5.42 -12.34
CA ILE A 42 0.21 4.61 -11.91
C ILE A 42 -0.71 4.38 -13.10
N VAL A 43 -1.06 3.11 -13.34
CA VAL A 43 -1.96 2.71 -14.41
C VAL A 43 -3.21 2.05 -13.85
N GLY A 44 -3.33 2.03 -12.52
CA GLY A 44 -4.48 1.49 -11.82
C GLY A 44 -4.38 1.87 -10.34
N CYS A 45 -5.50 2.24 -9.73
CA CYS A 45 -5.51 2.63 -8.32
C CYS A 45 -6.87 2.32 -7.71
N SER A 46 -6.87 1.90 -6.44
CA SER A 46 -8.10 1.63 -5.71
C SER A 46 -7.86 1.85 -4.22
N VAL A 47 -8.92 2.21 -3.49
CA VAL A 47 -8.82 2.45 -2.06
C VAL A 47 -10.06 1.91 -1.36
N HIS A 48 -9.85 1.39 -0.14
CA HIS A 48 -10.86 0.69 0.63
C HIS A 48 -10.77 1.13 2.08
N LYS A 49 -11.49 0.46 2.99
CA LYS A 49 -11.33 0.73 4.42
C LYS A 49 -10.12 -0.03 4.95
N GLY A 50 -9.32 0.65 5.79
CA GLY A 50 -8.15 0.09 6.43
C GLY A 50 -6.96 -0.15 5.50
N PHE A 51 -7.18 -0.17 4.19
CA PHE A 51 -6.08 -0.39 3.23
C PHE A 51 -6.41 0.20 1.86
N ALA A 52 -5.38 0.27 1.00
CA ALA A 52 -5.52 0.75 -0.36
C ALA A 52 -4.52 0.02 -1.27
N PHE A 53 -4.67 0.18 -2.58
CA PHE A 53 -3.81 -0.46 -3.56
C PHE A 53 -3.45 0.48 -4.70
N VAL A 54 -2.25 0.30 -5.25
CA VAL A 54 -1.77 1.04 -6.40
C VAL A 54 -1.09 0.08 -7.36
N GLN A 55 -1.34 0.27 -8.65
CA GLN A 55 -0.80 -0.59 -9.70
C GLN A 55 0.08 0.24 -10.62
N TYR A 56 1.39 -0.03 -10.57
CA TYR A 56 2.37 0.64 -11.41
C TYR A 56 2.56 -0.14 -12.71
N VAL A 57 3.44 0.36 -13.57
CA VAL A 57 3.73 -0.27 -14.85
C VAL A 57 4.76 -1.40 -14.69
N ASN A 58 5.60 -1.31 -13.66
CA ASN A 58 6.66 -2.29 -13.44
C ASN A 58 7.03 -2.40 -11.96
N GLU A 59 7.93 -3.35 -11.65
CA GLU A 59 8.36 -3.63 -10.29
C GLU A 59 9.21 -2.50 -9.73
N ARG A 60 10.03 -1.88 -10.58
CA ARG A 60 10.94 -0.82 -10.18
C ARG A 60 10.15 0.34 -9.55
N ASN A 61 8.99 0.65 -10.11
CA ASN A 61 8.14 1.73 -9.60
C ASN A 61 7.56 1.33 -8.23
N ALA A 62 7.25 0.04 -8.05
CA ALA A 62 6.72 -0.43 -6.78
C ALA A 62 7.78 -0.36 -5.68
N ARG A 63 9.02 -0.76 -5.97
CA ARG A 63 10.09 -0.71 -4.99
C ARG A 63 10.38 0.73 -4.60
N ALA A 64 10.07 1.68 -5.48
CA ALA A 64 10.31 3.08 -5.23
C ALA A 64 9.37 3.62 -4.16
N ALA A 65 8.09 3.25 -4.21
CA ALA A 65 7.13 3.73 -3.22
C ALA A 65 7.04 2.82 -2.00
N VAL A 66 7.34 1.53 -2.18
CA VAL A 66 7.33 0.57 -1.08
C VAL A 66 8.52 0.81 -0.15
N ALA A 67 9.57 1.46 -0.65
CA ALA A 67 10.69 1.88 0.19
C ALA A 67 10.72 3.39 0.39
N GLY A 68 9.91 4.14 -0.35
CA GLY A 68 9.89 5.60 -0.27
C GLY A 68 8.84 6.14 0.70
N GLU A 69 7.64 5.56 0.71
CA GLU A 69 6.53 6.04 1.52
C GLU A 69 6.25 5.14 2.73
N ASP A 70 6.82 3.93 2.76
CA ASP A 70 6.53 3.01 3.86
C ASP A 70 6.93 3.63 5.19
N GLY A 71 6.01 3.59 6.17
CA GLY A 71 6.24 4.11 7.50
C GLY A 71 5.98 5.62 7.60
N ARG A 72 5.33 6.22 6.60
CA ARG A 72 5.05 7.66 6.62
C ARG A 72 3.69 7.95 7.24
N MET A 73 3.48 9.19 7.69
CA MET A 73 2.20 9.60 8.24
C MET A 73 1.36 10.31 7.20
N ILE A 74 0.06 9.99 7.18
CA ILE A 74 -0.94 10.63 6.33
C ILE A 74 -2.22 10.72 7.13
N ALA A 75 -2.89 11.88 7.08
CA ALA A 75 -4.12 12.14 7.80
C ALA A 75 -4.05 11.89 9.30
N GLY A 76 -2.84 11.75 9.88
CA GLY A 76 -2.67 11.58 11.31
C GLY A 76 -2.40 10.13 11.72
N GLN A 77 -2.32 9.21 10.76
CA GLN A 77 -1.96 7.83 11.03
C GLN A 77 -0.85 7.38 10.09
N VAL A 78 -0.09 6.36 10.49
CA VAL A 78 0.97 5.79 9.67
C VAL A 78 0.41 4.59 8.92
N LEU A 79 0.94 4.36 7.71
CA LEU A 79 0.52 3.27 6.85
C LEU A 79 1.69 2.33 6.59
N ASP A 80 1.39 1.04 6.55
CA ASP A 80 2.37 -0.01 6.35
C ASP A 80 2.34 -0.41 4.87
N ILE A 81 3.35 0.03 4.12
CA ILE A 81 3.39 -0.18 2.68
C ILE A 81 4.35 -1.32 2.37
N ASN A 82 3.96 -2.19 1.43
CA ASN A 82 4.75 -3.35 1.07
C ASN A 82 4.42 -3.79 -0.36
N LEU A 83 5.24 -4.65 -0.94
CA LEU A 83 4.91 -5.24 -2.23
C LEU A 83 3.68 -6.12 -2.06
N ALA A 84 2.99 -6.43 -3.16
CA ALA A 84 1.75 -7.20 -3.09
C ALA A 84 2.00 -8.70 -3.03
N ALA A 85 3.27 -9.14 -3.12
CA ALA A 85 3.61 -10.55 -3.11
C ALA A 85 4.75 -10.85 -2.14
N GLU A 86 5.09 -9.90 -1.27
CA GLU A 86 6.19 -10.07 -0.32
C GLU A 86 5.80 -9.69 1.11
N PRO A 87 4.64 -10.12 1.61
CA PRO A 87 4.17 -9.75 2.94
C PRO A 87 5.09 -10.33 4.02
N LYS A 88 5.31 -9.54 5.07
CA LYS A 88 6.12 -9.94 6.21
C LYS A 88 5.42 -9.58 7.53
N VAL A 89 4.35 -8.79 7.45
CA VAL A 89 3.58 -8.36 8.62
C VAL A 89 2.54 -9.41 8.97
N ASN A 90 2.12 -9.42 10.23
CA ASN A 90 1.16 -10.39 10.74
C ASN A 90 -0.28 -10.00 10.41
N ARG A 91 -0.46 -8.89 9.69
CA ARG A 91 -1.77 -8.30 9.41
C ARG A 91 -2.60 -8.20 10.69
N GLY A 92 -1.93 -7.75 11.77
CA GLY A 92 -2.53 -7.64 13.09
C GLY A 92 -3.49 -6.47 13.23
N LYS A 93 -3.89 -5.85 12.12
CA LYS A 93 -4.81 -4.71 12.07
C LYS A 93 -4.32 -3.49 12.85
N ALA A 94 -3.09 -3.54 13.37
CA ALA A 94 -2.48 -2.41 14.06
C ALA A 94 -0.96 -2.48 13.93
N GLY A 95 -0.32 -1.33 13.83
CA GLY A 95 1.13 -1.25 13.70
C GLY A 95 1.83 -1.41 15.04
N VAL A 96 1.07 -1.68 16.10
CA VAL A 96 1.59 -1.81 17.46
C VAL A 96 2.25 -3.17 17.66
N LYS A 97 1.84 -4.17 16.86
CA LYS A 97 2.36 -5.52 16.96
C LYS A 97 3.77 -5.61 16.38
N ARG A 98 4.52 -6.61 16.82
CA ARG A 98 5.90 -6.88 16.37
C ARG A 98 5.97 -8.27 15.74
N SER A 99 7.09 -8.53 15.06
CA SER A 99 7.34 -9.83 14.45
C SER A 99 7.65 -10.84 15.54
N ALA A 100 7.41 -12.13 15.26
CA ALA A 100 7.68 -13.19 16.23
C ALA A 100 9.19 -13.36 16.46
N ALA A 101 10.01 -12.67 15.68
CA ALA A 101 11.45 -12.69 15.80
C ALA A 101 11.98 -11.40 16.41
N GLU A 102 11.10 -10.41 16.63
CA GLU A 102 11.46 -9.13 17.20
C GLU A 102 10.64 -8.84 18.45
N MET A 103 9.79 -9.77 18.86
CA MET A 103 8.94 -9.64 20.03
C MET A 103 9.74 -9.91 21.31
N TYR A 104 10.71 -10.83 21.20
CA TYR A 104 11.57 -11.22 22.32
C TYR A 104 13.04 -11.30 21.89
N GLY A 105 13.30 -11.21 20.59
CA GLY A 105 14.65 -11.27 20.05
C GLY A 105 15.25 -12.67 20.19
N ALA A 1 -6.13 7.38 -12.73
CA ALA A 1 -5.76 6.12 -13.40
C ALA A 1 -6.92 5.12 -13.33
N SER A 2 -6.71 3.91 -13.87
CA SER A 2 -7.71 2.86 -13.90
C SER A 2 -8.12 2.44 -12.49
N ASN A 3 -9.14 1.59 -12.38
CA ASN A 3 -9.69 1.17 -11.09
C ASN A 3 -9.40 -0.30 -10.78
N VAL A 4 -8.50 -0.93 -11.53
CA VAL A 4 -8.23 -2.36 -11.38
C VAL A 4 -6.82 -2.57 -10.85
N THR A 5 -6.69 -3.37 -9.80
CA THR A 5 -5.41 -3.62 -9.14
C THR A 5 -5.33 -5.02 -8.54
N ASN A 6 -6.16 -5.96 -8.99
CA ASN A 6 -6.19 -7.31 -8.41
C ASN A 6 -5.83 -8.41 -9.41
N LYS A 7 -5.07 -8.09 -10.46
CA LYS A 7 -4.58 -9.10 -11.39
C LYS A 7 -3.55 -9.98 -10.70
N THR A 8 -3.20 -11.11 -11.31
CA THR A 8 -2.28 -12.08 -10.69
C THR A 8 -1.15 -12.47 -11.64
N ASP A 9 -0.84 -11.61 -12.60
CA ASP A 9 0.22 -11.86 -13.57
C ASP A 9 1.59 -11.88 -12.87
N PRO A 10 2.58 -12.59 -13.44
CA PRO A 10 3.89 -12.78 -12.85
C PRO A 10 4.70 -11.48 -12.73
N ARG A 11 4.19 -10.37 -13.27
CA ARG A 11 4.83 -9.07 -13.14
C ARG A 11 3.91 -8.06 -12.45
N SER A 12 2.60 -8.28 -12.52
CA SER A 12 1.63 -7.38 -11.91
C SER A 12 1.52 -7.65 -10.42
N MET A 13 1.94 -8.83 -9.98
CA MET A 13 1.99 -9.18 -8.56
C MET A 13 3.16 -8.49 -7.86
N ASN A 14 4.09 -7.93 -8.63
CA ASN A 14 5.26 -7.26 -8.06
C ASN A 14 5.42 -5.84 -8.60
N SER A 15 4.49 -5.38 -9.45
CA SER A 15 4.43 -3.99 -9.88
C SER A 15 3.32 -3.26 -9.12
N ARG A 16 2.82 -3.91 -8.05
CA ARG A 16 1.72 -3.42 -7.24
C ARG A 16 2.19 -3.03 -5.85
N VAL A 17 1.44 -2.13 -5.21
CA VAL A 17 1.74 -1.67 -3.86
C VAL A 17 0.57 -1.92 -2.95
N PHE A 18 0.83 -2.54 -1.80
CA PHE A 18 -0.16 -2.71 -0.75
C PHE A 18 0.01 -1.57 0.25
N ILE A 19 -1.08 -0.97 0.71
CA ILE A 19 -1.04 0.15 1.64
C ILE A 19 -1.99 -0.12 2.78
N GLY A 20 -1.49 -0.79 3.82
CA GLY A 20 -2.30 -1.18 4.98
C GLY A 20 -2.27 -0.16 6.10
N ASN A 21 -3.14 -0.34 7.10
CA ASN A 21 -3.25 0.51 8.28
C ASN A 21 -3.49 1.98 7.90
N LEU A 22 -4.00 2.21 6.68
CA LEU A 22 -4.21 3.54 6.14
C LEU A 22 -5.41 4.20 6.80
N ASN A 23 -5.35 5.53 6.95
CA ASN A 23 -6.49 6.31 7.43
C ASN A 23 -7.43 6.53 6.24
N THR A 24 -8.44 5.68 6.11
CA THR A 24 -9.35 5.68 4.97
C THR A 24 -10.60 6.51 5.23
N LEU A 25 -10.65 7.27 6.33
CA LEU A 25 -11.78 8.12 6.61
C LEU A 25 -11.63 9.50 5.99
N VAL A 26 -10.41 9.85 5.56
CA VAL A 26 -10.11 11.17 5.03
C VAL A 26 -9.34 11.07 3.72
N VAL A 27 -8.67 9.94 3.47
CA VAL A 27 -7.96 9.74 2.20
C VAL A 27 -8.96 9.26 1.16
N LYS A 28 -8.64 9.45 -0.12
CA LYS A 28 -9.48 9.01 -1.23
C LYS A 28 -8.59 8.53 -2.38
N LYS A 29 -9.22 7.97 -3.43
CA LYS A 29 -8.51 7.48 -4.59
C LYS A 29 -7.71 8.62 -5.25
N SER A 30 -8.24 9.84 -5.17
CA SER A 30 -7.61 11.01 -5.78
C SER A 30 -6.45 11.52 -4.93
N ASP A 31 -6.29 10.96 -3.72
CA ASP A 31 -5.17 11.27 -2.86
C ASP A 31 -4.09 10.20 -3.00
N VAL A 32 -4.48 8.94 -3.13
CA VAL A 32 -3.51 7.86 -3.25
C VAL A 32 -2.79 7.95 -4.59
N GLU A 33 -3.48 8.41 -5.64
CA GLU A 33 -2.84 8.60 -6.94
C GLU A 33 -2.08 9.92 -6.98
N ALA A 34 -2.02 10.64 -5.85
CA ALA A 34 -1.29 11.89 -5.74
C ALA A 34 -0.17 11.79 -4.71
N ILE A 35 -0.12 10.67 -3.96
CA ILE A 35 0.90 10.43 -2.95
C ILE A 35 1.89 9.37 -3.43
N PHE A 36 1.48 8.55 -4.41
CA PHE A 36 2.33 7.49 -4.95
C PHE A 36 2.74 7.76 -6.39
N SER A 37 2.16 8.77 -7.03
CA SER A 37 2.50 9.11 -8.41
C SER A 37 3.84 9.85 -8.49
N LYS A 38 4.40 10.22 -7.33
CA LYS A 38 5.70 10.87 -7.26
C LYS A 38 6.86 9.87 -7.28
N TYR A 39 6.52 8.58 -7.23
CA TYR A 39 7.51 7.50 -7.21
C TYR A 39 7.37 6.56 -8.40
N GLY A 40 6.36 6.79 -9.26
CA GLY A 40 6.19 5.95 -10.44
C GLY A 40 4.92 6.30 -11.21
N LYS A 41 4.81 5.77 -12.44
CA LYS A 41 3.63 5.95 -13.26
C LYS A 41 2.54 4.99 -12.80
N ILE A 42 1.45 5.54 -12.25
CA ILE A 42 0.32 4.74 -11.84
C ILE A 42 -0.59 4.52 -13.05
N VAL A 43 -0.89 3.25 -13.34
CA VAL A 43 -1.77 2.87 -14.46
C VAL A 43 -3.05 2.26 -13.91
N GLY A 44 -3.19 2.19 -12.59
CA GLY A 44 -4.39 1.74 -11.92
C GLY A 44 -4.27 1.95 -10.42
N CYS A 45 -5.38 2.26 -9.75
CA CYS A 45 -5.38 2.44 -8.31
C CYS A 45 -6.78 2.22 -7.75
N SER A 46 -6.86 1.87 -6.46
CA SER A 46 -8.12 1.67 -5.78
C SER A 46 -7.94 1.89 -4.28
N VAL A 47 -9.04 2.17 -3.57
CA VAL A 47 -8.99 2.43 -2.14
C VAL A 47 -10.14 1.70 -1.44
N HIS A 48 -9.91 1.27 -0.21
CA HIS A 48 -10.84 0.46 0.55
C HIS A 48 -10.85 0.90 2.01
N LYS A 49 -11.49 0.15 2.89
CA LYS A 49 -11.44 0.43 4.33
C LYS A 49 -10.14 -0.11 4.92
N GLY A 50 -9.41 0.75 5.62
CA GLY A 50 -8.18 0.39 6.31
C GLY A 50 -6.99 0.12 5.38
N PHE A 51 -7.23 -0.03 4.07
CA PHE A 51 -6.14 -0.24 3.12
C PHE A 51 -6.47 0.36 1.75
N ALA A 52 -5.46 0.41 0.89
CA ALA A 52 -5.60 0.87 -0.48
C ALA A 52 -4.61 0.12 -1.37
N PHE A 53 -4.79 0.22 -2.69
CA PHE A 53 -3.94 -0.47 -3.65
C PHE A 53 -3.55 0.46 -4.80
N VAL A 54 -2.33 0.26 -5.30
CA VAL A 54 -1.80 1.00 -6.43
C VAL A 54 -1.12 0.03 -7.39
N GLN A 55 -1.32 0.26 -8.68
CA GLN A 55 -0.77 -0.56 -9.74
C GLN A 55 0.14 0.28 -10.63
N TYR A 56 1.44 0.01 -10.56
CA TYR A 56 2.43 0.69 -11.38
C TYR A 56 2.65 -0.07 -12.69
N VAL A 57 3.57 0.45 -13.52
CA VAL A 57 3.87 -0.16 -14.81
C VAL A 57 4.86 -1.31 -14.65
N ASN A 58 5.69 -1.26 -13.60
CA ASN A 58 6.73 -2.27 -13.39
C ASN A 58 7.08 -2.43 -11.92
N GLU A 59 7.96 -3.39 -11.63
CA GLU A 59 8.39 -3.74 -10.29
C GLU A 59 9.28 -2.67 -9.67
N ARG A 60 10.07 -1.99 -10.51
CA ARG A 60 10.98 -0.94 -10.08
C ARG A 60 10.20 0.21 -9.45
N ASN A 61 9.05 0.55 -10.02
CA ASN A 61 8.22 1.63 -9.52
C ASN A 61 7.60 1.25 -8.17
N ALA A 62 7.28 -0.04 -7.97
CA ALA A 62 6.68 -0.48 -6.72
C ALA A 62 7.67 -0.36 -5.57
N ARG A 63 8.92 -0.77 -5.77
CA ARG A 63 9.93 -0.73 -4.72
C ARG A 63 10.35 0.71 -4.44
N ALA A 64 10.10 1.62 -5.38
CA ALA A 64 10.36 3.04 -5.19
C ALA A 64 9.43 3.62 -4.13
N ALA A 65 8.15 3.23 -4.17
CA ALA A 65 7.18 3.73 -3.20
C ALA A 65 7.08 2.84 -1.95
N VAL A 66 7.35 1.54 -2.11
CA VAL A 66 7.35 0.60 -0.98
C VAL A 66 8.52 0.89 -0.05
N ALA A 67 9.55 1.59 -0.54
CA ALA A 67 10.65 2.03 0.30
C ALA A 67 10.68 3.55 0.43
N GLY A 68 9.89 4.27 -0.37
CA GLY A 68 9.86 5.72 -0.35
C GLY A 68 8.77 6.30 0.55
N GLU A 69 7.67 5.58 0.77
CA GLU A 69 6.54 6.06 1.56
C GLU A 69 6.25 5.16 2.76
N ASP A 70 6.79 3.94 2.79
CA ASP A 70 6.50 3.04 3.89
C ASP A 70 6.92 3.66 5.24
N GLY A 71 6.01 3.62 6.21
CA GLY A 71 6.25 4.14 7.54
C GLY A 71 5.99 5.64 7.64
N ARG A 72 5.33 6.23 6.64
CA ARG A 72 5.05 7.67 6.65
C ARG A 72 3.70 7.96 7.29
N MET A 73 3.47 9.20 7.71
CA MET A 73 2.19 9.61 8.26
C MET A 73 1.33 10.32 7.22
N ILE A 74 0.03 9.99 7.21
CA ILE A 74 -0.95 10.62 6.36
C ILE A 74 -2.25 10.74 7.15
N ALA A 75 -2.90 11.91 7.09
CA ALA A 75 -4.14 12.19 7.78
C ALA A 75 -4.13 11.87 9.28
N GLY A 76 -2.94 11.73 9.88
CA GLY A 76 -2.81 11.57 11.32
C GLY A 76 -2.44 10.15 11.76
N GLN A 77 -2.31 9.21 10.81
CA GLN A 77 -1.89 7.85 11.12
C GLN A 77 -0.80 7.39 10.15
N VAL A 78 -0.05 6.37 10.54
CA VAL A 78 0.99 5.79 9.71
C VAL A 78 0.42 4.59 8.96
N LEU A 79 0.92 4.37 7.75
CA LEU A 79 0.49 3.29 6.89
C LEU A 79 1.65 2.33 6.64
N ASP A 80 1.33 1.05 6.56
CA ASP A 80 2.29 -0.01 6.35
C ASP A 80 2.28 -0.39 4.87
N ILE A 81 3.28 0.08 4.13
CA ILE A 81 3.34 -0.14 2.69
C ILE A 81 4.30 -1.27 2.38
N ASN A 82 3.93 -2.14 1.43
CA ASN A 82 4.72 -3.31 1.11
C ASN A 82 4.44 -3.78 -0.31
N LEU A 83 5.33 -4.61 -0.86
CA LEU A 83 5.11 -5.26 -2.15
C LEU A 83 3.88 -6.15 -2.02
N ALA A 84 3.08 -6.27 -3.09
CA ALA A 84 1.83 -7.00 -3.01
C ALA A 84 2.01 -8.52 -3.03
N ALA A 85 3.25 -9.00 -3.19
CA ALA A 85 3.54 -10.42 -3.20
C ALA A 85 4.70 -10.76 -2.25
N GLU A 86 5.08 -9.82 -1.38
CA GLU A 86 6.21 -10.00 -0.48
C GLU A 86 5.89 -9.58 0.96
N PRO A 87 4.74 -9.96 1.52
CA PRO A 87 4.34 -9.52 2.85
C PRO A 87 5.28 -10.08 3.92
N LYS A 88 5.55 -9.26 4.95
CA LYS A 88 6.40 -9.62 6.07
C LYS A 88 5.74 -9.25 7.39
N VAL A 89 4.48 -8.80 7.33
CA VAL A 89 3.72 -8.37 8.50
C VAL A 89 2.66 -9.40 8.86
N ASN A 90 2.27 -9.44 10.13
CA ASN A 90 1.32 -10.42 10.64
C ASN A 90 -0.13 -10.02 10.36
N ARG A 91 -0.31 -8.87 9.69
CA ARG A 91 -1.61 -8.29 9.42
C ARG A 91 -2.48 -8.27 10.68
N GLY A 92 -1.89 -7.76 11.76
CA GLY A 92 -2.55 -7.67 13.06
C GLY A 92 -3.62 -6.59 13.12
N LYS A 93 -3.90 -5.93 12.00
CA LYS A 93 -4.91 -4.88 11.86
C LYS A 93 -4.69 -3.67 12.77
N ALA A 94 -3.66 -3.70 13.61
CA ALA A 94 -3.31 -2.58 14.48
C ALA A 94 -1.86 -2.68 14.95
N GLY A 95 -1.36 -3.91 15.07
CA GLY A 95 0.02 -4.16 15.48
C GLY A 95 0.18 -4.09 17.00
N VAL A 96 -0.91 -3.82 17.71
CA VAL A 96 -0.92 -3.70 19.16
C VAL A 96 -1.93 -4.65 19.80
N LYS A 97 -2.97 -5.03 19.04
CA LYS A 97 -4.06 -5.84 19.55
C LYS A 97 -4.32 -7.06 18.67
N ARG A 98 -5.01 -8.05 19.23
CA ARG A 98 -5.40 -9.28 18.56
C ARG A 98 -6.74 -9.14 17.87
N SER A 99 -7.06 -10.10 17.00
CA SER A 99 -8.35 -10.19 16.34
C SER A 99 -9.37 -10.84 17.28
N ALA A 100 -10.66 -10.70 16.99
CA ALA A 100 -11.70 -11.27 17.83
C ALA A 100 -11.71 -12.80 17.76
N ALA A 101 -10.96 -13.38 16.82
CA ALA A 101 -10.84 -14.82 16.66
C ALA A 101 -9.60 -15.36 17.37
N GLU A 102 -8.75 -14.46 17.87
CA GLU A 102 -7.52 -14.81 18.58
C GLU A 102 -7.49 -14.15 19.95
N MET A 103 -8.59 -13.51 20.36
CA MET A 103 -8.64 -12.66 21.53
C MET A 103 -8.30 -13.43 22.82
N TYR A 104 -8.45 -14.76 22.82
CA TYR A 104 -8.19 -15.57 24.00
C TYR A 104 -7.44 -16.86 23.67
N GLY A 105 -7.20 -17.11 22.39
CA GLY A 105 -6.51 -18.30 21.91
C GLY A 105 -5.08 -18.39 22.44
N ALA A 1 -5.54 7.75 -13.21
CA ALA A 1 -5.24 6.34 -13.47
C ALA A 1 -6.49 5.47 -13.38
N SER A 2 -6.41 4.23 -13.86
CA SER A 2 -7.53 3.30 -13.85
C SER A 2 -7.90 2.89 -12.41
N ASN A 3 -8.92 2.06 -12.27
CA ASN A 3 -9.44 1.64 -10.97
C ASN A 3 -9.14 0.16 -10.67
N VAL A 4 -8.15 -0.42 -11.35
CA VAL A 4 -7.88 -1.85 -11.30
C VAL A 4 -6.51 -2.11 -10.70
N THR A 5 -6.46 -3.00 -9.70
CA THR A 5 -5.22 -3.32 -9.01
C THR A 5 -5.19 -4.77 -8.52
N ASN A 6 -6.03 -5.66 -9.08
CA ASN A 6 -6.15 -7.03 -8.57
C ASN A 6 -5.82 -8.11 -9.60
N LYS A 7 -4.91 -7.83 -10.54
CA LYS A 7 -4.44 -8.84 -11.47
C LYS A 7 -3.50 -9.81 -10.76
N THR A 8 -3.10 -10.90 -11.41
CA THR A 8 -2.24 -11.90 -10.79
C THR A 8 -1.09 -12.33 -11.71
N ASP A 9 -0.72 -11.48 -12.66
CA ASP A 9 0.37 -11.77 -13.60
C ASP A 9 1.72 -11.76 -12.87
N PRO A 10 2.70 -12.51 -13.39
CA PRO A 10 4.01 -12.70 -12.77
C PRO A 10 4.83 -11.42 -12.73
N ARG A 11 4.36 -10.34 -13.34
CA ARG A 11 5.03 -9.04 -13.30
C ARG A 11 4.10 -7.93 -12.80
N SER A 12 2.85 -8.30 -12.48
CA SER A 12 1.86 -7.39 -11.94
C SER A 12 1.72 -7.60 -10.43
N MET A 13 2.11 -8.79 -9.95
CA MET A 13 2.11 -9.12 -8.54
C MET A 13 3.26 -8.45 -7.80
N ASN A 14 4.23 -7.89 -8.54
CA ASN A 14 5.39 -7.23 -7.97
C ASN A 14 5.51 -5.79 -8.47
N SER A 15 4.60 -5.35 -9.34
CA SER A 15 4.51 -3.96 -9.78
C SER A 15 3.40 -3.24 -9.03
N ARG A 16 2.90 -3.90 -7.98
CA ARG A 16 1.77 -3.42 -7.19
C ARG A 16 2.21 -3.02 -5.79
N VAL A 17 1.48 -2.11 -5.17
CA VAL A 17 1.77 -1.62 -3.84
C VAL A 17 0.57 -1.89 -2.93
N PHE A 18 0.82 -2.59 -1.82
CA PHE A 18 -0.17 -2.81 -0.78
C PHE A 18 0.00 -1.70 0.25
N ILE A 19 -1.09 -1.06 0.67
CA ILE A 19 -1.03 0.07 1.59
C ILE A 19 -1.97 -0.22 2.77
N GLY A 20 -1.43 -0.83 3.83
CA GLY A 20 -2.21 -1.22 4.98
C GLY A 20 -2.23 -0.16 6.09
N ASN A 21 -3.07 -0.39 7.10
CA ASN A 21 -3.23 0.45 8.28
C ASN A 21 -3.58 1.90 7.92
N LEU A 22 -4.03 2.15 6.68
CA LEU A 22 -4.35 3.48 6.22
C LEU A 22 -5.60 4.01 6.94
N ASN A 23 -5.70 5.33 7.11
CA ASN A 23 -6.80 5.94 7.85
C ASN A 23 -8.14 5.70 7.15
N THR A 24 -8.13 5.77 5.81
CA THR A 24 -9.29 5.57 4.94
C THR A 24 -10.54 6.36 5.32
N LEU A 25 -10.45 7.36 6.21
CA LEU A 25 -11.58 8.21 6.55
C LEU A 25 -11.44 9.57 5.89
N VAL A 26 -10.20 9.98 5.56
CA VAL A 26 -9.89 11.29 5.02
C VAL A 26 -9.26 11.16 3.64
N VAL A 27 -8.72 9.99 3.33
CA VAL A 27 -8.09 9.73 2.04
C VAL A 27 -9.15 9.33 1.02
N LYS A 28 -8.76 9.31 -0.27
CA LYS A 28 -9.62 8.85 -1.35
C LYS A 28 -8.75 8.33 -2.48
N LYS A 29 -9.39 7.78 -3.52
CA LYS A 29 -8.67 7.24 -4.66
C LYS A 29 -7.85 8.34 -5.34
N SER A 30 -8.37 9.57 -5.34
CA SER A 30 -7.71 10.68 -6.00
C SER A 30 -6.56 11.21 -5.16
N ASP A 31 -6.46 10.75 -3.90
CA ASP A 31 -5.36 11.10 -3.03
C ASP A 31 -4.27 10.02 -3.13
N VAL A 32 -4.66 8.74 -3.18
CA VAL A 32 -3.67 7.68 -3.23
C VAL A 32 -2.94 7.69 -4.58
N GLU A 33 -3.66 7.98 -5.67
CA GLU A 33 -3.00 8.10 -6.97
C GLU A 33 -2.26 9.42 -7.11
N ALA A 34 -2.21 10.23 -6.03
CA ALA A 34 -1.51 11.50 -6.01
C ALA A 34 -0.39 11.49 -4.96
N ILE A 35 -0.33 10.45 -4.12
CA ILE A 35 0.70 10.30 -3.10
C ILE A 35 1.72 9.25 -3.53
N PHE A 36 1.36 8.41 -4.51
CA PHE A 36 2.25 7.38 -5.02
C PHE A 36 2.67 7.66 -6.47
N SER A 37 2.10 8.70 -7.08
CA SER A 37 2.52 9.10 -8.43
C SER A 37 3.87 9.82 -8.38
N LYS A 38 4.34 10.14 -7.17
CA LYS A 38 5.63 10.77 -6.94
C LYS A 38 6.78 9.76 -7.08
N TYR A 39 6.46 8.47 -7.22
CA TYR A 39 7.43 7.40 -7.24
C TYR A 39 7.27 6.48 -8.45
N GLY A 40 6.27 6.74 -9.31
CA GLY A 40 6.10 5.93 -10.50
C GLY A 40 4.83 6.26 -11.27
N LYS A 41 4.72 5.69 -12.47
CA LYS A 41 3.55 5.85 -13.33
C LYS A 41 2.47 4.90 -12.84
N ILE A 42 1.39 5.44 -12.29
CA ILE A 42 0.26 4.65 -11.84
C ILE A 42 -0.67 4.41 -13.03
N VAL A 43 -1.01 3.14 -13.26
CA VAL A 43 -1.93 2.75 -14.33
C VAL A 43 -3.19 2.09 -13.75
N GLY A 44 -3.28 2.06 -12.42
CA GLY A 44 -4.43 1.53 -11.71
C GLY A 44 -4.34 1.88 -10.24
N CYS A 45 -5.48 2.14 -9.59
CA CYS A 45 -5.50 2.48 -8.18
C CYS A 45 -6.86 2.12 -7.57
N SER A 46 -6.87 1.69 -6.31
CA SER A 46 -8.11 1.43 -5.59
C SER A 46 -7.92 1.72 -4.11
N VAL A 47 -9.03 1.98 -3.41
CA VAL A 47 -8.99 2.30 -1.99
C VAL A 47 -10.13 1.57 -1.29
N HIS A 48 -9.88 1.17 -0.03
CA HIS A 48 -10.80 0.36 0.74
C HIS A 48 -10.79 0.85 2.18
N LYS A 49 -11.45 0.12 3.10
CA LYS A 49 -11.39 0.46 4.51
C LYS A 49 -10.14 -0.17 5.13
N GLY A 50 -9.37 0.64 5.85
CA GLY A 50 -8.17 0.21 6.54
C GLY A 50 -6.98 -0.04 5.61
N PHE A 51 -7.19 -0.07 4.29
CA PHE A 51 -6.10 -0.27 3.35
C PHE A 51 -6.45 0.27 1.96
N ALA A 52 -5.43 0.33 1.09
CA ALA A 52 -5.57 0.78 -0.28
C ALA A 52 -4.58 0.04 -1.17
N PHE A 53 -4.71 0.22 -2.49
CA PHE A 53 -3.83 -0.43 -3.46
C PHE A 53 -3.47 0.51 -4.60
N VAL A 54 -2.27 0.30 -5.16
CA VAL A 54 -1.78 1.05 -6.31
C VAL A 54 -1.12 0.07 -7.29
N GLN A 55 -1.31 0.31 -8.58
CA GLN A 55 -0.77 -0.54 -9.63
C GLN A 55 0.13 0.29 -10.53
N TYR A 56 1.43 -0.02 -10.52
CA TYR A 56 2.40 0.64 -11.38
C TYR A 56 2.58 -0.14 -12.67
N VAL A 57 3.48 0.34 -13.53
CA VAL A 57 3.75 -0.29 -14.81
C VAL A 57 4.77 -1.42 -14.66
N ASN A 58 5.64 -1.32 -13.65
CA ASN A 58 6.70 -2.29 -13.43
C ASN A 58 7.07 -2.41 -11.95
N GLU A 59 7.96 -3.37 -11.64
CA GLU A 59 8.39 -3.66 -10.29
C GLU A 59 9.24 -2.54 -9.71
N ARG A 60 10.06 -1.91 -10.56
CA ARG A 60 10.97 -0.85 -10.15
C ARG A 60 10.18 0.29 -9.51
N ASN A 61 9.02 0.62 -10.08
CA ASN A 61 8.17 1.69 -9.56
C ASN A 61 7.60 1.30 -8.20
N ALA A 62 7.28 0.00 -8.01
CA ALA A 62 6.72 -0.45 -6.74
C ALA A 62 7.77 -0.39 -5.64
N ARG A 63 9.01 -0.79 -5.92
CA ARG A 63 10.07 -0.75 -4.93
C ARG A 63 10.35 0.69 -4.52
N ALA A 64 10.08 1.64 -5.41
CA ALA A 64 10.32 3.05 -5.16
C ALA A 64 9.37 3.60 -4.11
N ALA A 65 8.09 3.20 -4.16
CA ALA A 65 7.12 3.69 -3.19
C ALA A 65 7.02 2.78 -1.97
N VAL A 66 7.31 1.48 -2.13
CA VAL A 66 7.31 0.54 -1.03
C VAL A 66 8.46 0.81 -0.08
N ALA A 67 9.52 1.46 -0.57
CA ALA A 67 10.62 1.90 0.26
C ALA A 67 10.64 3.43 0.43
N GLY A 68 9.82 4.16 -0.34
CA GLY A 68 9.81 5.61 -0.30
C GLY A 68 8.68 6.20 0.54
N GLU A 69 7.58 5.47 0.74
CA GLU A 69 6.42 5.97 1.49
C GLU A 69 6.12 5.09 2.69
N ASP A 70 6.69 3.90 2.78
CA ASP A 70 6.40 3.01 3.90
C ASP A 70 6.79 3.66 5.22
N GLY A 71 5.87 3.63 6.19
CA GLY A 71 6.10 4.18 7.51
C GLY A 71 5.85 5.69 7.58
N ARG A 72 5.20 6.27 6.56
CA ARG A 72 4.93 7.70 6.54
C ARG A 72 3.58 8.02 7.17
N MET A 73 3.37 9.27 7.57
CA MET A 73 2.10 9.72 8.11
C MET A 73 1.25 10.39 7.05
N ILE A 74 -0.04 10.07 7.04
CA ILE A 74 -1.05 10.66 6.18
C ILE A 74 -2.33 10.79 6.98
N ALA A 75 -3.00 11.94 6.88
CA ALA A 75 -4.24 12.23 7.61
C ALA A 75 -4.13 12.05 9.13
N GLY A 76 -2.91 11.92 9.68
CA GLY A 76 -2.70 11.82 11.12
C GLY A 76 -2.38 10.40 11.57
N GLN A 77 -2.36 9.43 10.65
CA GLN A 77 -2.04 8.04 10.96
C GLN A 77 -0.96 7.55 10.02
N VAL A 78 -0.25 6.50 10.42
CA VAL A 78 0.82 5.91 9.61
C VAL A 78 0.27 4.69 8.88
N LEU A 79 0.82 4.43 7.69
CA LEU A 79 0.41 3.32 6.84
C LEU A 79 1.59 2.38 6.62
N ASP A 80 1.29 1.09 6.58
CA ASP A 80 2.28 0.04 6.41
C ASP A 80 2.25 -0.42 4.96
N ILE A 81 3.26 0.00 4.19
CA ILE A 81 3.32 -0.25 2.76
C ILE A 81 4.28 -1.40 2.47
N ASN A 82 3.93 -2.24 1.49
CA ASN A 82 4.73 -3.39 1.13
C ASN A 82 4.43 -3.80 -0.31
N LEU A 83 5.28 -4.64 -0.91
CA LEU A 83 4.99 -5.20 -2.22
C LEU A 83 3.78 -6.12 -2.08
N ALA A 84 3.07 -6.37 -3.18
CA ALA A 84 1.85 -7.13 -3.15
C ALA A 84 2.07 -8.65 -3.14
N ALA A 85 3.33 -9.10 -3.25
CA ALA A 85 3.66 -10.52 -3.28
C ALA A 85 4.77 -10.85 -2.29
N GLU A 86 5.11 -9.92 -1.40
CA GLU A 86 6.21 -10.12 -0.45
C GLU A 86 5.85 -9.71 0.98
N PRO A 87 4.69 -10.13 1.52
CA PRO A 87 4.26 -9.75 2.85
C PRO A 87 5.20 -10.34 3.91
N LYS A 88 5.46 -9.55 4.96
CA LYS A 88 6.34 -9.93 6.07
C LYS A 88 5.71 -9.58 7.42
N VAL A 89 4.45 -9.11 7.40
CA VAL A 89 3.75 -8.66 8.59
C VAL A 89 2.57 -9.59 8.86
N ASN A 90 2.17 -9.68 10.14
CA ASN A 90 1.14 -10.59 10.59
C ASN A 90 -0.28 -10.10 10.24
N ARG A 91 -0.37 -8.97 9.53
CA ARG A 91 -1.64 -8.31 9.24
C ARG A 91 -2.49 -8.18 10.50
N GLY A 92 -1.83 -7.77 11.60
CA GLY A 92 -2.43 -7.68 12.92
C GLY A 92 -3.41 -6.51 13.08
N LYS A 93 -3.75 -5.81 11.99
CA LYS A 93 -4.64 -4.66 11.99
C LYS A 93 -4.16 -3.53 12.89
N ALA A 94 -2.95 -3.64 13.45
CA ALA A 94 -2.36 -2.63 14.30
C ALA A 94 -0.84 -2.82 14.34
N GLY A 95 -0.11 -1.77 14.72
CA GLY A 95 1.34 -1.78 14.82
C GLY A 95 1.83 -2.43 16.12
N VAL A 96 0.92 -3.03 16.89
CA VAL A 96 1.24 -3.61 18.19
C VAL A 96 1.99 -4.94 18.02
N LYS A 97 1.83 -5.60 16.88
CA LYS A 97 2.48 -6.88 16.63
C LYS A 97 3.97 -6.69 16.32
N ARG A 98 4.76 -7.74 16.58
CA ARG A 98 6.20 -7.76 16.36
C ARG A 98 6.53 -8.68 15.19
N SER A 99 7.78 -8.58 14.70
CA SER A 99 8.28 -9.42 13.62
C SER A 99 8.78 -10.75 14.20
N ALA A 100 8.82 -11.79 13.37
CA ALA A 100 9.28 -13.10 13.80
C ALA A 100 10.79 -13.10 14.05
N ALA A 101 11.48 -12.02 13.64
CA ALA A 101 12.92 -11.85 13.85
C ALA A 101 13.21 -10.94 15.05
N GLU A 102 12.16 -10.33 15.62
CA GLU A 102 12.27 -9.43 16.75
C GLU A 102 11.40 -9.91 17.92
N MET A 103 10.82 -11.11 17.80
CA MET A 103 9.94 -11.66 18.81
C MET A 103 10.75 -12.17 20.00
N TYR A 104 11.96 -12.67 19.74
CA TYR A 104 12.85 -13.21 20.76
C TYR A 104 14.28 -12.71 20.57
N GLY A 105 14.56 -12.05 19.45
CA GLY A 105 15.88 -11.52 19.12
C GLY A 105 16.87 -12.66 18.86
N ALA A 1 -5.88 7.54 -12.77
CA ALA A 1 -5.53 6.24 -13.36
C ALA A 1 -6.73 5.30 -13.35
N SER A 2 -6.56 4.09 -13.88
CA SER A 2 -7.62 3.09 -13.94
C SER A 2 -8.01 2.60 -12.54
N ASN A 3 -9.01 1.73 -12.46
CA ASN A 3 -9.55 1.24 -11.20
C ASN A 3 -9.17 -0.23 -10.96
N VAL A 4 -8.13 -0.73 -11.64
CA VAL A 4 -7.82 -2.15 -11.64
C VAL A 4 -6.45 -2.41 -11.04
N THR A 5 -6.41 -3.28 -10.04
CA THR A 5 -5.17 -3.59 -9.31
C THR A 5 -5.12 -5.04 -8.81
N ASN A 6 -6.06 -5.92 -9.20
CA ASN A 6 -6.10 -7.27 -8.64
C ASN A 6 -5.54 -8.34 -9.59
N LYS A 7 -4.73 -7.95 -10.57
CA LYS A 7 -4.10 -8.90 -11.48
C LYS A 7 -3.16 -9.82 -10.71
N THR A 8 -2.94 -11.03 -11.25
CA THR A 8 -2.14 -12.06 -10.58
C THR A 8 -1.00 -12.55 -11.46
N ASP A 9 -0.61 -11.74 -12.46
CA ASP A 9 0.49 -12.08 -13.35
C ASP A 9 1.82 -12.06 -12.59
N PRO A 10 2.80 -12.83 -13.05
CA PRO A 10 4.10 -12.99 -12.41
C PRO A 10 4.92 -11.70 -12.39
N ARG A 11 4.39 -10.61 -12.96
CA ARG A 11 5.06 -9.32 -12.95
C ARG A 11 4.13 -8.21 -12.47
N SER A 12 2.83 -8.49 -12.38
CA SER A 12 1.85 -7.52 -11.90
C SER A 12 1.69 -7.65 -10.38
N MET A 13 2.03 -8.82 -9.84
CA MET A 13 2.00 -9.08 -8.41
C MET A 13 3.16 -8.39 -7.69
N ASN A 14 4.18 -7.96 -8.43
CA ASN A 14 5.34 -7.28 -7.87
C ASN A 14 5.51 -5.88 -8.43
N SER A 15 4.64 -5.48 -9.37
CA SER A 15 4.59 -4.11 -9.87
C SER A 15 3.47 -3.35 -9.16
N ARG A 16 2.95 -3.92 -8.07
CA ARG A 16 1.83 -3.37 -7.33
C ARG A 16 2.21 -3.09 -5.88
N VAL A 17 1.54 -2.11 -5.28
CA VAL A 17 1.78 -1.69 -3.91
C VAL A 17 0.55 -2.02 -3.05
N PHE A 18 0.81 -2.57 -1.86
CA PHE A 18 -0.21 -2.79 -0.86
C PHE A 18 -0.03 -1.72 0.22
N ILE A 19 -1.12 -1.08 0.63
CA ILE A 19 -1.09 0.00 1.61
C ILE A 19 -2.08 -0.34 2.71
N GLY A 20 -1.58 -0.73 3.88
CA GLY A 20 -2.41 -1.14 5.01
C GLY A 20 -2.38 -0.15 6.16
N ASN A 21 -3.23 -0.40 7.17
CA ASN A 21 -3.37 0.45 8.35
C ASN A 21 -3.66 1.90 7.96
N LEU A 22 -4.23 2.12 6.77
CA LEU A 22 -4.41 3.44 6.18
C LEU A 22 -5.54 4.22 6.85
N ASN A 23 -5.41 5.55 6.85
CA ASN A 23 -6.39 6.50 7.35
C ASN A 23 -7.54 6.68 6.35
N THR A 24 -8.21 5.58 6.01
CA THR A 24 -9.21 5.54 4.94
C THR A 24 -10.48 6.33 5.24
N LEU A 25 -10.58 6.94 6.41
CA LEU A 25 -11.72 7.79 6.77
C LEU A 25 -11.39 9.26 6.51
N VAL A 26 -10.19 9.55 6.01
CA VAL A 26 -9.78 10.89 5.63
C VAL A 26 -9.12 10.88 4.25
N VAL A 27 -8.61 9.72 3.81
CA VAL A 27 -8.04 9.59 2.48
C VAL A 27 -9.15 9.33 1.47
N LYS A 28 -8.88 9.62 0.20
CA LYS A 28 -9.80 9.35 -0.91
C LYS A 28 -9.01 8.77 -2.07
N LYS A 29 -9.70 8.28 -3.10
CA LYS A 29 -9.02 7.66 -4.23
C LYS A 29 -8.11 8.68 -4.92
N SER A 30 -8.50 9.95 -4.90
CA SER A 30 -7.77 11.03 -5.56
C SER A 30 -6.57 11.45 -4.72
N ASP A 31 -6.45 10.92 -3.50
CA ASP A 31 -5.30 11.18 -2.64
C ASP A 31 -4.27 10.07 -2.81
N VAL A 32 -4.70 8.81 -2.90
CA VAL A 32 -3.75 7.70 -3.03
C VAL A 32 -3.04 7.79 -4.37
N GLU A 33 -3.75 8.19 -5.43
CA GLU A 33 -3.14 8.37 -6.74
C GLU A 33 -2.38 9.69 -6.85
N ALA A 34 -2.29 10.43 -5.74
CA ALA A 34 -1.57 11.70 -5.69
C ALA A 34 -0.41 11.62 -4.69
N ILE A 35 -0.34 10.54 -3.90
CA ILE A 35 0.70 10.35 -2.91
C ILE A 35 1.72 9.31 -3.41
N PHE A 36 1.31 8.46 -4.35
CA PHE A 36 2.19 7.43 -4.89
C PHE A 36 2.59 7.73 -6.33
N SER A 37 1.94 8.69 -6.99
CA SER A 37 2.27 9.04 -8.37
C SER A 37 3.61 9.78 -8.43
N LYS A 38 4.17 10.17 -7.29
CA LYS A 38 5.46 10.83 -7.22
C LYS A 38 6.62 9.83 -7.26
N TYR A 39 6.31 8.53 -7.19
CA TYR A 39 7.32 7.47 -7.18
C TYR A 39 7.18 6.54 -8.38
N GLY A 40 6.16 6.74 -9.23
CA GLY A 40 6.00 5.89 -10.40
C GLY A 40 4.74 6.21 -11.18
N LYS A 41 4.62 5.65 -12.39
CA LYS A 41 3.46 5.80 -13.23
C LYS A 41 2.37 4.84 -12.76
N ILE A 42 1.27 5.38 -12.24
CA ILE A 42 0.15 4.56 -11.82
C ILE A 42 -0.75 4.33 -13.03
N VAL A 43 -1.07 3.06 -13.29
CA VAL A 43 -1.95 2.67 -14.39
C VAL A 43 -3.20 1.98 -13.85
N GLY A 44 -3.32 1.93 -12.53
CA GLY A 44 -4.48 1.36 -11.84
C GLY A 44 -4.37 1.70 -10.36
N CYS A 45 -5.50 2.05 -9.72
CA CYS A 45 -5.50 2.36 -8.30
C CYS A 45 -6.88 2.14 -7.70
N SER A 46 -6.92 1.82 -6.42
CA SER A 46 -8.16 1.64 -5.68
C SER A 46 -7.92 1.90 -4.20
N VAL A 47 -8.98 2.24 -3.47
CA VAL A 47 -8.90 2.51 -2.05
C VAL A 47 -10.13 1.92 -1.36
N HIS A 48 -9.93 1.35 -0.18
CA HIS A 48 -10.95 0.61 0.54
C HIS A 48 -10.90 1.01 2.01
N LYS A 49 -11.63 0.31 2.88
CA LYS A 49 -11.53 0.56 4.31
C LYS A 49 -10.27 -0.11 4.86
N GLY A 50 -9.46 0.65 5.61
CA GLY A 50 -8.26 0.17 6.27
C GLY A 50 -7.08 -0.06 5.34
N PHE A 51 -7.30 -0.18 4.02
CA PHE A 51 -6.22 -0.43 3.08
C PHE A 51 -6.50 0.17 1.71
N ALA A 52 -5.48 0.19 0.85
CA ALA A 52 -5.59 0.67 -0.52
C ALA A 52 -4.57 -0.06 -1.40
N PHE A 53 -4.71 0.09 -2.72
CA PHE A 53 -3.82 -0.54 -3.69
C PHE A 53 -3.44 0.44 -4.79
N VAL A 54 -2.21 0.28 -5.30
CA VAL A 54 -1.70 1.07 -6.40
C VAL A 54 -0.93 0.15 -7.34
N GLN A 55 -1.39 0.05 -8.57
CA GLN A 55 -0.81 -0.80 -9.60
C GLN A 55 0.06 0.05 -10.52
N TYR A 56 1.38 -0.16 -10.46
CA TYR A 56 2.33 0.55 -11.32
C TYR A 56 2.53 -0.22 -12.61
N VAL A 57 3.43 0.30 -13.47
CA VAL A 57 3.73 -0.32 -14.75
C VAL A 57 4.75 -1.44 -14.60
N ASN A 58 5.62 -1.36 -13.59
CA ASN A 58 6.68 -2.32 -13.37
C ASN A 58 7.06 -2.44 -11.89
N GLU A 59 7.94 -3.39 -11.59
CA GLU A 59 8.38 -3.69 -10.23
C GLU A 59 9.23 -2.54 -9.68
N ARG A 60 10.05 -1.93 -10.53
CA ARG A 60 10.94 -0.85 -10.13
C ARG A 60 10.14 0.29 -9.49
N ASN A 61 8.97 0.60 -10.05
CA ASN A 61 8.11 1.66 -9.54
C ASN A 61 7.54 1.26 -8.19
N ALA A 62 7.24 -0.03 -7.99
CA ALA A 62 6.70 -0.50 -6.72
C ALA A 62 7.74 -0.41 -5.61
N ARG A 63 8.99 -0.79 -5.90
CA ARG A 63 10.07 -0.72 -4.92
C ARG A 63 10.34 0.73 -4.54
N ALA A 64 10.03 1.67 -5.43
CA ALA A 64 10.27 3.08 -5.19
C ALA A 64 9.33 3.62 -4.12
N ALA A 65 8.05 3.23 -4.16
CA ALA A 65 7.10 3.72 -3.16
C ALA A 65 7.01 2.80 -1.95
N VAL A 66 7.30 1.51 -2.12
CA VAL A 66 7.29 0.56 -1.02
C VAL A 66 8.47 0.82 -0.08
N ALA A 67 9.51 1.49 -0.58
CA ALA A 67 10.63 1.93 0.25
C ALA A 67 10.65 3.45 0.41
N GLY A 68 9.83 4.19 -0.35
CA GLY A 68 9.82 5.64 -0.30
C GLY A 68 8.72 6.21 0.60
N GLU A 69 7.62 5.48 0.80
CA GLU A 69 6.48 5.96 1.59
C GLU A 69 6.19 5.07 2.79
N ASP A 70 6.74 3.85 2.84
CA ASP A 70 6.46 2.95 3.94
C ASP A 70 6.87 3.57 5.27
N GLY A 71 5.96 3.53 6.25
CA GLY A 71 6.20 4.04 7.59
C GLY A 71 5.96 5.54 7.70
N ARG A 72 5.30 6.15 6.69
CA ARG A 72 5.05 7.59 6.72
C ARG A 72 3.70 7.90 7.36
N MET A 73 3.52 9.14 7.80
CA MET A 73 2.25 9.57 8.36
C MET A 73 1.42 10.33 7.31
N ILE A 74 0.11 10.05 7.31
CA ILE A 74 -0.87 10.70 6.46
C ILE A 74 -2.15 10.86 7.27
N ALA A 75 -2.79 12.03 7.17
CA ALA A 75 -4.03 12.34 7.89
C ALA A 75 -3.96 12.09 9.40
N GLY A 76 -2.77 11.84 9.97
CA GLY A 76 -2.61 11.63 11.41
C GLY A 76 -2.36 10.17 11.79
N GLN A 77 -2.29 9.26 10.83
CA GLN A 77 -1.97 7.87 11.10
C GLN A 77 -0.83 7.40 10.17
N VAL A 78 -0.14 6.35 10.58
CA VAL A 78 0.92 5.76 9.75
C VAL A 78 0.35 4.55 9.01
N LEU A 79 0.86 4.34 7.79
CA LEU A 79 0.42 3.25 6.93
C LEU A 79 1.60 2.32 6.65
N ASP A 80 1.30 1.01 6.62
CA ASP A 80 2.28 -0.01 6.36
C ASP A 80 2.23 -0.34 4.87
N ILE A 81 3.30 -0.02 4.14
CA ILE A 81 3.33 -0.22 2.70
C ILE A 81 4.31 -1.35 2.38
N ASN A 82 3.94 -2.20 1.42
CA ASN A 82 4.74 -3.35 1.05
C ASN A 82 4.39 -3.77 -0.38
N LEU A 83 5.21 -4.64 -0.98
CA LEU A 83 4.87 -5.22 -2.27
C LEU A 83 3.62 -6.08 -2.10
N ALA A 84 2.92 -6.38 -3.21
CA ALA A 84 1.67 -7.12 -3.14
C ALA A 84 1.90 -8.63 -3.04
N ALA A 85 3.15 -9.08 -3.12
CA ALA A 85 3.47 -10.50 -3.09
C ALA A 85 4.64 -10.82 -2.17
N GLU A 86 5.03 -9.86 -1.31
CA GLU A 86 6.18 -10.05 -0.43
C GLU A 86 5.90 -9.57 0.99
N PRO A 87 4.77 -9.95 1.62
CA PRO A 87 4.40 -9.48 2.94
C PRO A 87 5.40 -9.99 3.98
N LYS A 88 5.67 -9.16 4.99
CA LYS A 88 6.65 -9.46 6.03
C LYS A 88 6.04 -9.26 7.43
N VAL A 89 4.77 -8.86 7.47
CA VAL A 89 4.04 -8.61 8.71
C VAL A 89 2.72 -9.36 8.71
N ASN A 90 2.20 -9.62 9.91
CA ASN A 90 0.98 -10.37 10.13
C ASN A 90 -0.25 -9.57 9.75
N ARG A 91 -0.04 -8.29 9.43
CA ARG A 91 -1.07 -7.33 9.09
C ARG A 91 -2.29 -7.37 10.02
N GLY A 92 -2.03 -7.64 11.31
CA GLY A 92 -3.03 -7.82 12.34
C GLY A 92 -3.64 -6.51 12.82
N LYS A 93 -3.94 -5.59 11.90
CA LYS A 93 -4.53 -4.29 12.20
C LYS A 93 -3.64 -3.41 13.08
N ALA A 94 -2.47 -3.94 13.46
CA ALA A 94 -1.45 -3.19 14.19
C ALA A 94 -0.12 -3.94 14.05
N GLY A 95 1.00 -3.22 14.21
CA GLY A 95 2.33 -3.81 14.13
C GLY A 95 2.70 -4.56 15.40
N VAL A 96 1.80 -4.57 16.39
CA VAL A 96 2.03 -5.17 17.69
C VAL A 96 1.77 -6.68 17.65
N LYS A 97 0.95 -7.13 16.70
CA LYS A 97 0.58 -8.54 16.58
C LYS A 97 1.71 -9.35 15.98
N ARG A 98 1.78 -10.63 16.34
CA ARG A 98 2.81 -11.56 15.89
C ARG A 98 2.23 -12.98 15.81
N SER A 99 3.02 -13.92 15.29
CA SER A 99 2.60 -15.32 15.22
C SER A 99 2.49 -15.89 16.62
N ALA A 100 1.69 -16.95 16.81
CA ALA A 100 1.45 -17.53 18.12
C ALA A 100 2.71 -18.20 18.69
N ALA A 101 3.82 -18.17 17.95
CA ALA A 101 5.10 -18.72 18.36
C ALA A 101 6.16 -17.64 18.48
N GLU A 102 5.80 -16.39 18.12
CA GLU A 102 6.69 -15.25 18.12
C GLU A 102 6.11 -14.10 18.94
N MET A 103 5.04 -14.35 19.69
CA MET A 103 4.39 -13.33 20.51
C MET A 103 5.32 -12.79 21.59
N TYR A 104 6.38 -13.51 21.94
CA TYR A 104 7.31 -13.10 22.98
C TYR A 104 8.77 -13.35 22.60
N GLY A 105 9.00 -14.10 21.52
CA GLY A 105 10.33 -14.42 21.04
C GLY A 105 11.06 -15.36 21.99
N ALA A 1 -5.40 7.81 -13.15
CA ALA A 1 -5.12 6.41 -13.51
C ALA A 1 -6.37 5.55 -13.38
N SER A 2 -6.31 4.31 -13.88
CA SER A 2 -7.43 3.37 -13.87
C SER A 2 -7.81 2.97 -12.45
N ASN A 3 -8.86 2.16 -12.32
CA ASN A 3 -9.39 1.73 -11.04
C ASN A 3 -9.12 0.25 -10.77
N VAL A 4 -8.07 -0.32 -11.38
CA VAL A 4 -7.83 -1.75 -11.33
C VAL A 4 -6.47 -2.05 -10.71
N THR A 5 -6.48 -2.94 -9.71
CA THR A 5 -5.27 -3.30 -8.98
C THR A 5 -5.29 -4.75 -8.46
N ASN A 6 -6.16 -5.62 -8.97
CA ASN A 6 -6.27 -6.98 -8.44
C ASN A 6 -5.85 -8.10 -9.41
N LYS A 7 -5.08 -7.77 -10.46
CA LYS A 7 -4.57 -8.78 -11.37
C LYS A 7 -3.64 -9.74 -10.62
N THR A 8 -3.27 -10.86 -11.24
CA THR A 8 -2.42 -11.87 -10.61
C THR A 8 -1.28 -12.29 -11.53
N ASP A 9 -0.90 -11.44 -12.49
CA ASP A 9 0.18 -11.73 -13.42
C ASP A 9 1.53 -11.76 -12.68
N PRO A 10 2.50 -12.51 -13.21
CA PRO A 10 3.80 -12.73 -12.58
C PRO A 10 4.65 -11.46 -12.49
N ARG A 11 4.20 -10.34 -13.09
CA ARG A 11 4.89 -9.07 -13.00
C ARG A 11 3.99 -7.96 -12.47
N SER A 12 2.69 -8.24 -12.33
CA SER A 12 1.74 -7.28 -11.78
C SER A 12 1.57 -7.51 -10.28
N MET A 13 1.91 -8.71 -9.80
CA MET A 13 1.89 -9.04 -8.39
C MET A 13 3.05 -8.39 -7.65
N ASN A 14 4.08 -7.96 -8.39
CA ASN A 14 5.25 -7.30 -7.82
C ASN A 14 5.42 -5.89 -8.35
N SER A 15 4.46 -5.41 -9.16
CA SER A 15 4.40 -4.03 -9.61
C SER A 15 3.29 -3.30 -8.84
N ARG A 16 2.81 -3.93 -7.77
CA ARG A 16 1.69 -3.43 -6.99
C ARG A 16 2.13 -3.05 -5.58
N VAL A 17 1.43 -2.09 -4.99
CA VAL A 17 1.71 -1.61 -3.65
C VAL A 17 0.52 -1.87 -2.74
N PHE A 18 0.77 -2.53 -1.60
CA PHE A 18 -0.24 -2.70 -0.57
C PHE A 18 -0.04 -1.58 0.44
N ILE A 19 -1.12 -0.90 0.82
CA ILE A 19 -1.05 0.25 1.73
C ILE A 19 -2.00 0.00 2.90
N GLY A 20 -1.47 -0.58 3.97
CA GLY A 20 -2.27 -0.95 5.13
C GLY A 20 -2.31 0.14 6.20
N ASN A 21 -3.22 -0.04 7.17
CA ASN A 21 -3.42 0.84 8.31
C ASN A 21 -3.69 2.30 7.89
N LEU A 22 -4.10 2.51 6.64
CA LEU A 22 -4.32 3.84 6.09
C LEU A 22 -5.54 4.50 6.75
N ASN A 23 -5.50 5.84 6.85
CA ASN A 23 -6.65 6.61 7.30
C ASN A 23 -7.62 6.73 6.13
N THR A 24 -8.59 5.83 6.07
CA THR A 24 -9.50 5.72 4.94
C THR A 24 -10.79 6.50 5.14
N LEU A 25 -10.88 7.31 6.20
CA LEU A 25 -12.07 8.11 6.45
C LEU A 25 -11.95 9.50 5.81
N VAL A 26 -10.74 9.88 5.38
CA VAL A 26 -10.50 11.20 4.82
C VAL A 26 -9.68 11.10 3.53
N VAL A 27 -8.99 9.97 3.30
CA VAL A 27 -8.30 9.75 2.05
C VAL A 27 -9.31 9.26 1.01
N LYS A 28 -9.00 9.42 -0.28
CA LYS A 28 -9.85 8.96 -1.37
C LYS A 28 -8.97 8.41 -2.48
N LYS A 29 -9.59 7.82 -3.50
CA LYS A 29 -8.85 7.23 -4.61
C LYS A 29 -7.97 8.29 -5.27
N SER A 30 -8.47 9.52 -5.36
CA SER A 30 -7.79 10.61 -6.03
C SER A 30 -6.65 11.15 -5.19
N ASP A 31 -6.55 10.70 -3.93
CA ASP A 31 -5.45 11.04 -3.05
C ASP A 31 -4.36 9.98 -3.15
N VAL A 32 -4.75 8.70 -3.20
CA VAL A 32 -3.76 7.63 -3.26
C VAL A 32 -3.01 7.67 -4.59
N GLU A 33 -3.72 7.97 -5.69
CA GLU A 33 -3.06 8.11 -6.99
C GLU A 33 -2.37 9.46 -7.14
N ALA A 34 -2.34 10.26 -6.07
CA ALA A 34 -1.67 11.56 -6.05
C ALA A 34 -0.54 11.60 -5.02
N ILE A 35 -0.43 10.56 -4.19
CA ILE A 35 0.61 10.44 -3.17
C ILE A 35 1.67 9.44 -3.61
N PHE A 36 1.31 8.51 -4.50
CA PHE A 36 2.24 7.50 -4.97
C PHE A 36 2.69 7.77 -6.41
N SER A 37 2.08 8.75 -7.08
CA SER A 37 2.43 9.07 -8.46
C SER A 37 3.79 9.78 -8.55
N LYS A 38 4.36 10.19 -7.40
CA LYS A 38 5.67 10.84 -7.37
C LYS A 38 6.81 9.82 -7.28
N TYR A 39 6.48 8.52 -7.17
CA TYR A 39 7.45 7.46 -7.07
C TYR A 39 7.35 6.49 -8.25
N GLY A 40 6.39 6.71 -9.15
CA GLY A 40 6.25 5.85 -10.32
C GLY A 40 5.00 6.17 -11.13
N LYS A 41 4.92 5.62 -12.34
CA LYS A 41 3.75 5.79 -13.20
C LYS A 41 2.65 4.85 -12.74
N ILE A 42 1.56 5.42 -12.23
CA ILE A 42 0.41 4.63 -11.82
C ILE A 42 -0.49 4.39 -13.04
N VAL A 43 -0.86 3.13 -13.25
CA VAL A 43 -1.76 2.72 -14.32
C VAL A 43 -3.01 2.06 -13.76
N GLY A 44 -3.15 2.09 -12.43
CA GLY A 44 -4.31 1.56 -11.74
C GLY A 44 -4.24 1.93 -10.26
N CYS A 45 -5.37 2.24 -9.63
CA CYS A 45 -5.40 2.60 -8.23
C CYS A 45 -6.73 2.19 -7.61
N SER A 46 -6.72 1.85 -6.32
CA SER A 46 -7.93 1.49 -5.60
C SER A 46 -7.76 1.78 -4.13
N VAL A 47 -8.86 1.98 -3.41
CA VAL A 47 -8.82 2.27 -1.99
C VAL A 47 -10.05 1.70 -1.30
N HIS A 48 -9.87 1.25 -0.06
CA HIS A 48 -10.88 0.53 0.70
C HIS A 48 -10.86 1.02 2.14
N LYS A 49 -11.50 0.29 3.07
CA LYS A 49 -11.41 0.63 4.48
C LYS A 49 -10.19 -0.03 5.10
N GLY A 50 -9.39 0.77 5.83
CA GLY A 50 -8.20 0.32 6.52
C GLY A 50 -7.00 0.04 5.61
N PHE A 51 -7.22 -0.07 4.29
CA PHE A 51 -6.13 -0.31 3.36
C PHE A 51 -6.45 0.25 1.97
N ALA A 52 -5.43 0.29 1.11
CA ALA A 52 -5.55 0.74 -0.26
C ALA A 52 -4.54 0.01 -1.16
N PHE A 53 -4.66 0.21 -2.48
CA PHE A 53 -3.81 -0.44 -3.46
C PHE A 53 -3.43 0.49 -4.60
N VAL A 54 -2.24 0.27 -5.15
CA VAL A 54 -1.74 1.02 -6.30
C VAL A 54 -1.07 0.05 -7.25
N GLN A 55 -1.27 0.27 -8.55
CA GLN A 55 -0.72 -0.59 -9.60
C GLN A 55 0.19 0.26 -10.49
N TYR A 56 1.48 -0.06 -10.47
CA TYR A 56 2.47 0.61 -11.30
C TYR A 56 2.66 -0.13 -12.62
N VAL A 57 3.63 0.31 -13.42
CA VAL A 57 3.93 -0.31 -14.70
C VAL A 57 4.94 -1.44 -14.54
N ASN A 58 5.79 -1.37 -13.51
CA ASN A 58 6.83 -2.37 -13.29
C ASN A 58 7.15 -2.53 -11.80
N GLU A 59 8.01 -3.50 -11.48
CA GLU A 59 8.37 -3.84 -10.11
C GLU A 59 9.27 -2.77 -9.48
N ARG A 60 10.09 -2.11 -10.30
CA ARG A 60 11.01 -1.08 -9.85
C ARG A 60 10.23 0.08 -9.23
N ASN A 61 9.08 0.43 -9.82
CA ASN A 61 8.24 1.52 -9.33
C ASN A 61 7.60 1.14 -8.00
N ALA A 62 7.25 -0.14 -7.80
CA ALA A 62 6.64 -0.57 -6.55
C ALA A 62 7.62 -0.45 -5.38
N ARG A 63 8.86 -0.87 -5.56
CA ARG A 63 9.84 -0.84 -4.49
C ARG A 63 10.30 0.59 -4.23
N ALA A 64 10.07 1.48 -5.19
CA ALA A 64 10.37 2.89 -5.02
C ALA A 64 9.44 3.50 -3.98
N ALA A 65 8.15 3.16 -4.02
CA ALA A 65 7.19 3.70 -3.07
C ALA A 65 7.05 2.82 -1.82
N VAL A 66 7.29 1.50 -1.95
CA VAL A 66 7.24 0.58 -0.82
C VAL A 66 8.39 0.87 0.14
N ALA A 67 9.45 1.54 -0.33
CA ALA A 67 10.54 1.99 0.52
C ALA A 67 10.59 3.51 0.62
N GLY A 68 9.82 4.22 -0.21
CA GLY A 68 9.81 5.67 -0.23
C GLY A 68 8.73 6.29 0.66
N GLU A 69 7.60 5.60 0.82
CA GLU A 69 6.45 6.12 1.58
C GLU A 69 6.14 5.26 2.80
N ASP A 70 6.71 4.05 2.91
CA ASP A 70 6.40 3.18 4.04
C ASP A 70 6.79 3.87 5.35
N GLY A 71 5.85 3.88 6.31
CA GLY A 71 6.09 4.46 7.62
C GLY A 71 5.83 5.97 7.65
N ARG A 72 5.18 6.54 6.62
CA ARG A 72 4.91 7.96 6.57
C ARG A 72 3.55 8.29 7.17
N MET A 73 3.32 9.55 7.53
CA MET A 73 2.04 9.98 8.07
C MET A 73 1.19 10.64 6.99
N ILE A 74 -0.11 10.33 6.99
CA ILE A 74 -1.10 10.93 6.12
C ILE A 74 -2.41 11.05 6.90
N ALA A 75 -3.05 12.21 6.78
CA ALA A 75 -4.32 12.50 7.46
C ALA A 75 -4.32 12.23 8.97
N GLY A 76 -3.15 12.13 9.59
CA GLY A 76 -3.03 12.01 11.04
C GLY A 76 -2.67 10.61 11.52
N GLN A 77 -2.51 9.64 10.61
CA GLN A 77 -2.08 8.29 10.95
C GLN A 77 -0.97 7.82 10.02
N VAL A 78 -0.22 6.81 10.45
CA VAL A 78 0.83 6.22 9.66
C VAL A 78 0.28 4.98 8.95
N LEU A 79 0.79 4.74 7.75
CA LEU A 79 0.38 3.63 6.91
C LEU A 79 1.56 2.70 6.69
N ASP A 80 1.26 1.40 6.67
CA ASP A 80 2.25 0.34 6.54
C ASP A 80 2.21 -0.17 5.12
N ILE A 81 3.23 0.19 4.33
CA ILE A 81 3.28 -0.11 2.92
C ILE A 81 4.21 -1.28 2.66
N ASN A 82 3.84 -2.14 1.71
CA ASN A 82 4.60 -3.35 1.40
C ASN A 82 4.32 -3.81 -0.03
N LEU A 83 5.17 -4.70 -0.55
CA LEU A 83 4.94 -5.31 -1.85
C LEU A 83 3.67 -6.17 -1.76
N ALA A 84 2.92 -6.27 -2.85
CA ALA A 84 1.63 -6.96 -2.82
C ALA A 84 1.79 -8.48 -2.86
N ALA A 85 3.02 -8.97 -2.99
CA ALA A 85 3.31 -10.39 -3.03
C ALA A 85 4.28 -10.81 -1.93
N GLU A 86 4.51 -9.93 -0.94
CA GLU A 86 5.42 -10.21 0.15
C GLU A 86 4.75 -10.13 1.52
N PRO A 87 3.55 -10.73 1.70
CA PRO A 87 2.85 -10.80 2.97
C PRO A 87 3.47 -11.83 3.91
N LYS A 88 4.78 -12.09 3.79
CA LYS A 88 5.48 -13.05 4.63
C LYS A 88 5.58 -12.54 6.07
N VAL A 89 5.18 -11.28 6.30
CA VAL A 89 5.13 -10.65 7.61
C VAL A 89 3.74 -10.88 8.22
N ASN A 90 3.62 -10.65 9.53
CA ASN A 90 2.39 -10.86 10.28
C ASN A 90 1.29 -9.87 9.89
N ARG A 91 1.56 -9.05 8.87
CA ARG A 91 0.73 -7.97 8.37
C ARG A 91 0.29 -6.94 9.40
N GLY A 92 0.82 -7.06 10.62
CA GLY A 92 0.58 -6.15 11.74
C GLY A 92 -0.86 -6.16 12.24
N LYS A 93 -1.77 -5.67 11.40
CA LYS A 93 -3.17 -5.42 11.68
C LYS A 93 -3.39 -4.43 12.82
N ALA A 94 -4.41 -3.60 12.66
CA ALA A 94 -4.79 -2.52 13.56
C ALA A 94 -3.67 -1.51 13.84
N GLY A 95 -4.04 -0.35 14.38
CA GLY A 95 -3.10 0.70 14.75
C GLY A 95 -2.48 0.44 16.12
N VAL A 96 -2.76 -0.72 16.71
CA VAL A 96 -2.30 -1.09 18.04
C VAL A 96 -0.82 -1.48 18.04
N LYS A 97 -0.33 -1.92 16.87
CA LYS A 97 1.05 -2.36 16.71
C LYS A 97 1.99 -1.17 16.56
N ARG A 98 3.28 -1.38 16.82
CA ARG A 98 4.31 -0.36 16.75
C ARG A 98 5.35 -0.72 15.70
N SER A 99 6.17 0.28 15.34
CA SER A 99 7.25 0.10 14.38
C SER A 99 8.42 -0.63 15.04
N ALA A 100 9.22 -1.35 14.25
CA ALA A 100 10.36 -2.07 14.78
C ALA A 100 11.45 -1.12 15.28
N ALA A 101 11.28 0.18 15.04
CA ALA A 101 12.20 1.21 15.52
C ALA A 101 11.61 1.99 16.70
N GLU A 102 10.35 1.70 17.06
CA GLU A 102 9.66 2.37 18.14
C GLU A 102 9.17 1.36 19.19
N MET A 103 9.56 0.10 19.05
CA MET A 103 9.16 -0.94 19.98
C MET A 103 9.86 -0.77 21.33
N TYR A 104 9.11 -0.91 22.42
CA TYR A 104 9.57 -0.80 23.79
C TYR A 104 10.35 0.47 24.09
N GLY A 105 10.33 1.43 23.16
CA GLY A 105 10.98 2.72 23.31
C GLY A 105 10.72 3.61 22.09
N ALA A 1 -5.72 7.86 -12.54
CA ALA A 1 -5.43 6.57 -13.18
C ALA A 1 -6.62 5.63 -13.07
N SER A 2 -6.53 4.45 -13.70
CA SER A 2 -7.58 3.44 -13.70
C SER A 2 -7.88 2.95 -12.28
N ASN A 3 -8.89 2.09 -12.15
CA ASN A 3 -9.36 1.61 -10.85
C ASN A 3 -8.97 0.16 -10.57
N VAL A 4 -7.93 -0.37 -11.24
CA VAL A 4 -7.58 -1.77 -11.15
C VAL A 4 -6.22 -1.95 -10.52
N THR A 5 -6.14 -2.86 -9.54
CA THR A 5 -4.89 -3.15 -8.82
C THR A 5 -4.81 -4.63 -8.44
N ASN A 6 -5.75 -5.46 -8.87
CA ASN A 6 -5.74 -6.88 -8.54
C ASN A 6 -5.10 -7.67 -9.68
N LYS A 7 -5.76 -8.72 -10.18
CA LYS A 7 -5.19 -9.71 -11.09
C LYS A 7 -4.01 -10.43 -10.43
N THR A 8 -3.48 -11.46 -11.08
CA THR A 8 -2.45 -12.31 -10.48
C THR A 8 -1.34 -12.66 -11.47
N ASP A 9 -1.07 -11.78 -12.44
CA ASP A 9 -0.03 -12.02 -13.43
C ASP A 9 1.35 -12.03 -12.76
N PRO A 10 2.31 -12.77 -13.34
CA PRO A 10 3.62 -13.00 -12.77
C PRO A 10 4.47 -11.74 -12.67
N ARG A 11 4.03 -10.63 -13.28
CA ARG A 11 4.74 -9.36 -13.17
C ARG A 11 3.84 -8.26 -12.63
N SER A 12 2.55 -8.55 -12.47
CA SER A 12 1.60 -7.60 -11.89
C SER A 12 1.57 -7.77 -10.37
N MET A 13 1.85 -8.99 -9.90
CA MET A 13 1.89 -9.32 -8.47
C MET A 13 3.08 -8.62 -7.80
N ASN A 14 3.98 -8.05 -8.59
CA ASN A 14 5.16 -7.37 -8.08
C ASN A 14 5.31 -5.96 -8.68
N SER A 15 4.28 -5.47 -9.37
CA SER A 15 4.28 -4.11 -9.90
C SER A 15 3.21 -3.26 -9.23
N ARG A 16 2.50 -3.84 -8.24
CA ARG A 16 1.49 -3.12 -7.48
C ARG A 16 2.01 -2.88 -6.06
N VAL A 17 1.32 -2.04 -5.29
CA VAL A 17 1.73 -1.66 -3.94
C VAL A 17 0.59 -1.94 -2.96
N PHE A 18 0.90 -2.59 -1.84
CA PHE A 18 -0.05 -2.77 -0.76
C PHE A 18 0.14 -1.63 0.23
N ILE A 19 -0.96 -1.02 0.69
CA ILE A 19 -0.90 0.11 1.60
C ILE A 19 -1.84 -0.16 2.77
N GLY A 20 -1.35 -0.90 3.76
CA GLY A 20 -2.12 -1.30 4.92
C GLY A 20 -2.07 -0.26 6.04
N ASN A 21 -2.87 -0.49 7.09
CA ASN A 21 -2.96 0.36 8.27
C ASN A 21 -3.31 1.81 7.93
N LEU A 22 -3.87 2.02 6.73
CA LEU A 22 -4.21 3.35 6.25
C LEU A 22 -5.42 3.93 6.99
N ASN A 23 -5.48 5.26 7.08
CA ASN A 23 -6.54 5.97 7.78
C ASN A 23 -7.91 5.69 7.13
N THR A 24 -7.97 5.79 5.80
CA THR A 24 -9.15 5.52 4.97
C THR A 24 -10.44 6.26 5.36
N LEU A 25 -10.39 7.19 6.31
CA LEU A 25 -11.56 8.02 6.64
C LEU A 25 -11.47 9.39 5.97
N VAL A 26 -10.29 9.75 5.48
CA VAL A 26 -10.03 11.07 4.92
C VAL A 26 -9.28 10.95 3.58
N VAL A 27 -8.72 9.77 3.29
CA VAL A 27 -8.08 9.53 2.02
C VAL A 27 -9.14 9.09 1.02
N LYS A 28 -8.88 9.27 -0.27
CA LYS A 28 -9.79 8.89 -1.34
C LYS A 28 -9.02 8.38 -2.55
N LYS A 29 -9.75 7.89 -3.55
CA LYS A 29 -9.18 7.37 -4.79
C LYS A 29 -8.36 8.44 -5.50
N SER A 30 -8.64 9.71 -5.25
CA SER A 30 -7.93 10.80 -5.89
C SER A 30 -6.74 11.29 -5.04
N ASP A 31 -6.58 10.74 -3.83
CA ASP A 31 -5.46 11.07 -2.97
C ASP A 31 -4.36 10.01 -3.09
N VAL A 32 -4.73 8.73 -3.13
CA VAL A 32 -3.72 7.67 -3.19
C VAL A 32 -2.98 7.74 -4.52
N GLU A 33 -3.68 8.08 -5.61
CA GLU A 33 -3.07 8.24 -6.91
C GLU A 33 -2.34 9.58 -7.03
N ALA A 34 -2.32 10.37 -5.94
CA ALA A 34 -1.62 11.64 -5.91
C ALA A 34 -0.48 11.64 -4.90
N ILE A 35 -0.39 10.58 -4.09
CA ILE A 35 0.65 10.43 -3.08
C ILE A 35 1.72 9.44 -3.54
N PHE A 36 1.37 8.55 -4.48
CA PHE A 36 2.27 7.54 -4.99
C PHE A 36 2.70 7.85 -6.43
N SER A 37 2.07 8.83 -7.08
CA SER A 37 2.41 9.19 -8.44
C SER A 37 3.76 9.92 -8.50
N LYS A 38 4.31 10.29 -7.35
CA LYS A 38 5.61 10.96 -7.27
C LYS A 38 6.77 9.97 -7.31
N TYR A 39 6.46 8.67 -7.28
CA TYR A 39 7.47 7.61 -7.26
C TYR A 39 7.36 6.68 -8.46
N GLY A 40 6.36 6.88 -9.33
CA GLY A 40 6.21 6.05 -10.51
C GLY A 40 4.95 6.38 -11.29
N LYS A 41 4.85 5.86 -12.51
CA LYS A 41 3.67 6.04 -13.35
C LYS A 41 2.58 5.09 -12.87
N ILE A 42 1.51 5.64 -12.32
CA ILE A 42 0.37 4.85 -11.89
C ILE A 42 -0.56 4.63 -13.09
N VAL A 43 -0.92 3.37 -13.34
CA VAL A 43 -1.83 2.98 -14.40
C VAL A 43 -3.07 2.29 -13.83
N GLY A 44 -3.17 2.28 -12.50
CA GLY A 44 -4.31 1.73 -11.78
C GLY A 44 -4.18 2.07 -10.30
N CYS A 45 -5.30 2.28 -9.62
CA CYS A 45 -5.28 2.59 -8.20
C CYS A 45 -6.60 2.17 -7.57
N SER A 46 -6.59 1.85 -6.29
CA SER A 46 -7.81 1.48 -5.58
C SER A 46 -7.65 1.80 -4.10
N VAL A 47 -8.75 2.04 -3.40
CA VAL A 47 -8.71 2.35 -1.98
C VAL A 47 -9.92 1.75 -1.29
N HIS A 48 -9.71 1.28 -0.06
CA HIS A 48 -10.70 0.53 0.71
C HIS A 48 -10.69 1.04 2.14
N LYS A 49 -11.30 0.29 3.06
CA LYS A 49 -11.22 0.60 4.49
C LYS A 49 -10.04 -0.14 5.11
N GLY A 50 -9.22 0.58 5.87
CA GLY A 50 -8.05 0.05 6.55
C GLY A 50 -6.86 -0.18 5.62
N PHE A 51 -7.06 -0.18 4.30
CA PHE A 51 -5.97 -0.39 3.36
C PHE A 51 -6.30 0.19 1.99
N ALA A 52 -5.29 0.24 1.12
CA ALA A 52 -5.41 0.70 -0.26
C ALA A 52 -4.42 -0.03 -1.15
N PHE A 53 -4.52 0.19 -2.45
CA PHE A 53 -3.66 -0.43 -3.44
C PHE A 53 -3.32 0.54 -4.56
N VAL A 54 -2.15 0.35 -5.18
CA VAL A 54 -1.71 1.14 -6.32
C VAL A 54 -1.09 0.19 -7.34
N GLN A 55 -1.22 0.51 -8.62
CA GLN A 55 -0.72 -0.32 -9.70
C GLN A 55 0.20 0.51 -10.59
N TYR A 56 1.49 0.16 -10.61
CA TYR A 56 2.47 0.81 -11.45
C TYR A 56 2.63 0.04 -12.75
N VAL A 57 3.52 0.51 -13.62
CA VAL A 57 3.77 -0.12 -14.91
C VAL A 57 4.73 -1.30 -14.75
N ASN A 58 5.55 -1.30 -13.69
CA ASN A 58 6.57 -2.32 -13.46
C ASN A 58 6.91 -2.44 -11.97
N GLU A 59 7.81 -3.38 -11.67
CA GLU A 59 8.26 -3.65 -10.31
C GLU A 59 9.17 -2.55 -9.78
N ARG A 60 9.99 -1.97 -10.65
CA ARG A 60 10.94 -0.93 -10.28
C ARG A 60 10.21 0.25 -9.63
N ASN A 61 9.05 0.61 -10.19
CA ASN A 61 8.24 1.70 -9.66
C ASN A 61 7.67 1.32 -8.30
N ALA A 62 7.34 0.04 -8.09
CA ALA A 62 6.80 -0.41 -6.82
C ALA A 62 7.86 -0.32 -5.72
N ARG A 63 9.11 -0.68 -6.01
CA ARG A 63 10.20 -0.59 -5.04
C ARG A 63 10.47 0.87 -4.69
N ALA A 64 10.15 1.78 -5.60
CA ALA A 64 10.39 3.20 -5.37
C ALA A 64 9.46 3.74 -4.28
N ALA A 65 8.19 3.31 -4.29
CA ALA A 65 7.24 3.78 -3.29
C ALA A 65 7.16 2.87 -2.07
N VAL A 66 7.44 1.57 -2.25
CA VAL A 66 7.44 0.63 -1.13
C VAL A 66 8.62 0.93 -0.20
N ALA A 67 9.64 1.61 -0.71
CA ALA A 67 10.75 2.08 0.11
C ALA A 67 10.73 3.61 0.28
N GLY A 68 9.92 4.32 -0.52
CA GLY A 68 9.87 5.78 -0.47
C GLY A 68 8.77 6.34 0.44
N GLU A 69 7.68 5.60 0.64
CA GLU A 69 6.54 6.07 1.43
C GLU A 69 6.29 5.18 2.65
N ASP A 70 6.87 3.99 2.70
CA ASP A 70 6.60 3.09 3.80
C ASP A 70 7.00 3.73 5.14
N GLY A 71 6.08 3.68 6.10
CA GLY A 71 6.32 4.22 7.44
C GLY A 71 6.02 5.72 7.51
N ARG A 72 5.34 6.29 6.51
CA ARG A 72 5.02 7.72 6.52
C ARG A 72 3.66 7.99 7.15
N MET A 73 3.41 9.22 7.57
CA MET A 73 2.13 9.59 8.12
C MET A 73 1.26 10.28 7.08
N ILE A 74 -0.03 9.94 7.07
CA ILE A 74 -1.04 10.54 6.21
C ILE A 74 -2.35 10.63 7.01
N ALA A 75 -3.00 11.79 6.94
CA ALA A 75 -4.26 12.04 7.63
C ALA A 75 -4.24 11.72 9.14
N GLY A 76 -3.05 11.62 9.75
CA GLY A 76 -2.92 11.46 11.19
C GLY A 76 -2.55 10.04 11.61
N GLN A 77 -2.37 9.11 10.66
CA GLN A 77 -1.94 7.74 10.95
C GLN A 77 -0.83 7.33 10.00
N VAL A 78 -0.05 6.34 10.41
CA VAL A 78 1.02 5.78 9.59
C VAL A 78 0.49 4.56 8.86
N LEU A 79 1.00 4.34 7.65
CA LEU A 79 0.58 3.23 6.80
C LEU A 79 1.77 2.31 6.54
N ASP A 80 1.48 1.01 6.48
CA ASP A 80 2.47 -0.02 6.28
C ASP A 80 2.45 -0.42 4.81
N ILE A 81 3.44 0.06 4.05
CA ILE A 81 3.49 -0.17 2.61
C ILE A 81 4.46 -1.29 2.31
N ASN A 82 4.10 -2.15 1.35
CA ASN A 82 4.89 -3.33 1.04
C ASN A 82 4.58 -3.82 -0.37
N LEU A 83 5.46 -4.67 -0.91
CA LEU A 83 5.21 -5.33 -2.18
C LEU A 83 4.01 -6.26 -2.00
N ALA A 84 3.19 -6.45 -3.02
CA ALA A 84 1.94 -7.19 -2.86
C ALA A 84 2.14 -8.71 -2.90
N ALA A 85 3.38 -9.16 -3.08
CA ALA A 85 3.71 -10.58 -3.10
C ALA A 85 4.84 -10.89 -2.13
N GLU A 86 5.15 -9.96 -1.23
CA GLU A 86 6.25 -10.13 -0.28
C GLU A 86 5.86 -9.76 1.15
N PRO A 87 4.71 -10.21 1.65
CA PRO A 87 4.23 -9.87 2.98
C PRO A 87 5.14 -10.44 4.05
N LYS A 88 5.30 -9.69 5.15
CA LYS A 88 6.12 -10.10 6.29
C LYS A 88 5.47 -9.68 7.61
N VAL A 89 4.28 -9.09 7.53
CA VAL A 89 3.54 -8.59 8.68
C VAL A 89 2.43 -9.57 9.07
N ASN A 90 2.03 -9.54 10.33
CA ASN A 90 1.03 -10.46 10.88
C ASN A 90 -0.39 -10.03 10.53
N ARG A 91 -0.52 -8.91 9.80
CA ARG A 91 -1.82 -8.31 9.48
C ARG A 91 -2.69 -8.17 10.74
N GLY A 92 -2.06 -7.76 11.84
CA GLY A 92 -2.69 -7.64 13.15
C GLY A 92 -3.62 -6.44 13.27
N LYS A 93 -3.92 -5.76 12.16
CA LYS A 93 -4.73 -4.55 12.11
C LYS A 93 -4.13 -3.42 12.91
N ALA A 94 -4.82 -2.30 12.85
CA ALA A 94 -4.50 -1.07 13.53
C ALA A 94 -4.85 -1.14 15.02
N GLY A 95 -4.24 -0.24 15.82
CA GLY A 95 -4.52 -0.14 17.24
C GLY A 95 -5.87 0.54 17.51
N VAL A 96 -6.56 0.97 16.44
CA VAL A 96 -7.87 1.61 16.54
C VAL A 96 -8.93 0.59 16.92
N LYS A 97 -8.69 -0.68 16.58
CA LYS A 97 -9.62 -1.76 16.87
C LYS A 97 -9.35 -2.33 18.26
N ARG A 98 -10.40 -2.88 18.89
CA ARG A 98 -10.32 -3.46 20.23
C ARG A 98 -10.51 -4.98 20.15
N SER A 99 -10.07 -5.66 21.21
CA SER A 99 -10.21 -7.11 21.33
C SER A 99 -11.62 -7.44 21.80
N ALA A 100 -12.12 -8.64 21.49
CA ALA A 100 -13.45 -9.05 21.87
C ALA A 100 -13.59 -9.24 23.37
N ALA A 101 -12.46 -9.16 24.10
CA ALA A 101 -12.43 -9.28 25.55
C ALA A 101 -12.19 -7.92 26.22
N GLU A 102 -11.94 -6.89 25.40
CA GLU A 102 -11.66 -5.53 25.87
C GLU A 102 -12.69 -4.55 25.32
N MET A 103 -13.82 -5.04 24.81
CA MET A 103 -14.88 -4.18 24.29
C MET A 103 -15.60 -3.45 25.42
N TYR A 104 -16.50 -2.54 25.03
CA TYR A 104 -17.25 -1.68 25.93
C TYR A 104 -18.24 -2.46 26.80
N GLY A 105 -18.50 -3.73 26.46
CA GLY A 105 -19.41 -4.59 27.19
C GLY A 105 -20.85 -4.15 27.01
N ALA A 1 -5.78 7.64 -12.48
CA ALA A 1 -5.48 6.35 -13.14
C ALA A 1 -6.69 5.42 -13.04
N SER A 2 -6.58 4.24 -13.66
CA SER A 2 -7.65 3.25 -13.68
C SER A 2 -8.00 2.77 -12.27
N ASN A 3 -9.06 1.96 -12.17
CA ASN A 3 -9.56 1.47 -10.89
C ASN A 3 -9.25 -0.01 -10.69
N VAL A 4 -8.19 -0.53 -11.32
CA VAL A 4 -7.89 -1.95 -11.34
C VAL A 4 -6.51 -2.21 -10.76
N THR A 5 -6.45 -3.11 -9.77
CA THR A 5 -5.20 -3.41 -9.08
C THR A 5 -5.16 -4.86 -8.58
N ASN A 6 -5.99 -5.77 -9.12
CA ASN A 6 -6.11 -7.13 -8.60
C ASN A 6 -5.76 -8.21 -9.64
N LYS A 7 -4.87 -7.92 -10.57
CA LYS A 7 -4.39 -8.93 -11.51
C LYS A 7 -3.46 -9.90 -10.79
N THR A 8 -3.13 -11.03 -11.42
CA THR A 8 -2.30 -12.05 -10.79
C THR A 8 -1.17 -12.51 -11.72
N ASP A 9 -0.80 -11.65 -12.69
CA ASP A 9 0.26 -11.95 -13.63
C ASP A 9 1.62 -11.91 -12.92
N PRO A 10 2.61 -12.66 -13.42
CA PRO A 10 3.91 -12.84 -12.80
C PRO A 10 4.73 -11.55 -12.73
N ARG A 11 4.25 -10.46 -13.35
CA ARG A 11 4.91 -9.16 -13.27
C ARG A 11 3.99 -8.08 -12.71
N SER A 12 2.69 -8.39 -12.54
CA SER A 12 1.74 -7.46 -11.96
C SER A 12 1.65 -7.67 -10.45
N MET A 13 2.01 -8.87 -9.99
CA MET A 13 2.03 -9.21 -8.58
C MET A 13 3.19 -8.52 -7.87
N ASN A 14 4.16 -8.01 -8.64
CA ASN A 14 5.32 -7.34 -8.08
C ASN A 14 5.48 -5.92 -8.61
N SER A 15 4.54 -5.46 -9.44
CA SER A 15 4.48 -4.07 -9.87
C SER A 15 3.39 -3.32 -9.11
N ARG A 16 2.89 -3.96 -8.04
CA ARG A 16 1.78 -3.47 -7.23
C ARG A 16 2.26 -3.09 -5.83
N VAL A 17 1.49 -2.21 -5.18
CA VAL A 17 1.79 -1.74 -3.84
C VAL A 17 0.60 -2.00 -2.92
N PHE A 18 0.86 -2.63 -1.77
CA PHE A 18 -0.14 -2.81 -0.73
C PHE A 18 0.04 -1.67 0.27
N ILE A 19 -1.05 -1.05 0.71
CA ILE A 19 -1.01 0.07 1.63
C ILE A 19 -1.97 -0.21 2.79
N GLY A 20 -1.45 -0.84 3.83
CA GLY A 20 -2.25 -1.24 4.99
C GLY A 20 -2.25 -0.19 6.10
N ASN A 21 -3.10 -0.41 7.10
CA ASN A 21 -3.26 0.44 8.28
C ASN A 21 -3.57 1.91 7.92
N LEU A 22 -4.02 2.16 6.70
CA LEU A 22 -4.34 3.49 6.23
C LEU A 22 -5.58 4.01 6.97
N ASN A 23 -5.69 5.33 7.14
CA ASN A 23 -6.80 5.93 7.89
C ASN A 23 -8.13 5.69 7.18
N THR A 24 -8.13 5.83 5.85
CA THR A 24 -9.28 5.63 4.96
C THR A 24 -10.56 6.38 5.36
N LEU A 25 -10.49 7.31 6.33
CA LEU A 25 -11.64 8.13 6.68
C LEU A 25 -11.52 9.53 6.07
N VAL A 26 -10.31 9.90 5.64
CA VAL A 26 -10.03 11.22 5.11
C VAL A 26 -9.30 11.13 3.77
N VAL A 27 -8.75 9.96 3.45
CA VAL A 27 -8.10 9.74 2.16
C VAL A 27 -9.15 9.36 1.13
N LYS A 28 -8.85 9.54 -0.15
CA LYS A 28 -9.75 9.19 -1.24
C LYS A 28 -8.98 8.61 -2.42
N LYS A 29 -9.72 8.13 -3.42
CA LYS A 29 -9.13 7.55 -4.62
C LYS A 29 -8.22 8.55 -5.31
N SER A 30 -8.51 9.85 -5.17
CA SER A 30 -7.76 10.90 -5.81
C SER A 30 -6.55 11.34 -4.97
N ASP A 31 -6.41 10.80 -3.76
CA ASP A 31 -5.28 11.10 -2.91
C ASP A 31 -4.22 10.01 -3.02
N VAL A 32 -4.63 8.74 -3.08
CA VAL A 32 -3.65 7.65 -3.16
C VAL A 32 -2.91 7.73 -4.49
N GLU A 33 -3.60 8.14 -5.55
CA GLU A 33 -2.99 8.30 -6.87
C GLU A 33 -2.25 9.64 -6.98
N ALA A 34 -2.19 10.40 -5.89
CA ALA A 34 -1.47 11.67 -5.84
C ALA A 34 -0.32 11.61 -4.83
N ILE A 35 -0.26 10.54 -4.02
CA ILE A 35 0.77 10.35 -3.01
C ILE A 35 1.81 9.34 -3.49
N PHE A 36 1.41 8.46 -4.41
CA PHE A 36 2.30 7.43 -4.94
C PHE A 36 2.72 7.72 -6.38
N SER A 37 2.08 8.68 -7.04
CA SER A 37 2.43 9.02 -8.42
C SER A 37 3.77 9.76 -8.49
N LYS A 38 4.32 10.15 -7.34
CA LYS A 38 5.62 10.82 -7.27
C LYS A 38 6.77 9.81 -7.31
N TYR A 39 6.45 8.51 -7.24
CA TYR A 39 7.45 7.45 -7.22
C TYR A 39 7.30 6.50 -8.42
N GLY A 40 6.30 6.73 -9.27
CA GLY A 40 6.14 5.90 -10.45
C GLY A 40 4.86 6.22 -11.22
N LYS A 41 4.75 5.67 -12.43
CA LYS A 41 3.57 5.84 -13.27
C LYS A 41 2.49 4.88 -12.79
N ILE A 42 1.38 5.42 -12.27
CA ILE A 42 0.26 4.61 -11.84
C ILE A 42 -0.66 4.37 -13.03
N VAL A 43 -1.02 3.10 -13.27
CA VAL A 43 -1.92 2.71 -14.35
C VAL A 43 -3.15 2.01 -13.78
N GLY A 44 -3.28 2.03 -12.45
CA GLY A 44 -4.42 1.47 -11.74
C GLY A 44 -4.29 1.81 -10.26
N CYS A 45 -5.39 2.12 -9.59
CA CYS A 45 -5.36 2.44 -8.17
C CYS A 45 -6.75 2.21 -7.56
N SER A 46 -6.77 1.80 -6.30
CA SER A 46 -8.01 1.61 -5.57
C SER A 46 -7.79 1.88 -4.09
N VAL A 47 -8.88 2.20 -3.38
CA VAL A 47 -8.80 2.47 -1.95
C VAL A 47 -10.03 1.90 -1.26
N HIS A 48 -9.83 1.39 -0.04
CA HIS A 48 -10.84 0.64 0.68
C HIS A 48 -10.81 1.03 2.16
N LYS A 49 -11.53 0.30 3.02
CA LYS A 49 -11.47 0.53 4.45
C LYS A 49 -10.21 -0.12 5.02
N GLY A 50 -9.42 0.65 5.76
CA GLY A 50 -8.22 0.17 6.44
C GLY A 50 -7.03 -0.11 5.51
N PHE A 51 -7.23 -0.18 4.20
CA PHE A 51 -6.14 -0.42 3.26
C PHE A 51 -6.44 0.19 1.89
N ALA A 52 -5.41 0.23 1.03
CA ALA A 52 -5.52 0.71 -0.33
C ALA A 52 -4.52 -0.04 -1.22
N PHE A 53 -4.65 0.13 -2.53
CA PHE A 53 -3.78 -0.52 -3.50
C PHE A 53 -3.42 0.43 -4.64
N VAL A 54 -2.22 0.22 -5.20
CA VAL A 54 -1.72 0.98 -6.33
C VAL A 54 -1.04 0.02 -7.30
N GLN A 55 -1.26 0.23 -8.59
CA GLN A 55 -0.73 -0.61 -9.65
C GLN A 55 0.15 0.23 -10.56
N TYR A 56 1.46 -0.06 -10.52
CA TYR A 56 2.43 0.61 -11.37
C TYR A 56 2.61 -0.16 -12.67
N VAL A 57 3.51 0.34 -13.53
CA VAL A 57 3.77 -0.27 -14.82
C VAL A 57 4.80 -1.40 -14.68
N ASN A 58 5.65 -1.33 -13.66
CA ASN A 58 6.70 -2.31 -13.46
C ASN A 58 7.07 -2.48 -11.98
N GLU A 59 7.96 -3.44 -11.71
CA GLU A 59 8.40 -3.80 -10.37
C GLU A 59 9.28 -2.72 -9.75
N ARG A 60 10.05 -2.02 -10.58
CA ARG A 60 10.96 -0.98 -10.14
C ARG A 60 10.19 0.17 -9.48
N ASN A 61 9.03 0.52 -10.05
CA ASN A 61 8.20 1.59 -9.52
C ASN A 61 7.61 1.19 -8.17
N ALA A 62 7.28 -0.09 -7.99
CA ALA A 62 6.70 -0.55 -6.73
C ALA A 62 7.69 -0.44 -5.58
N ARG A 63 8.95 -0.83 -5.80
CA ARG A 63 9.95 -0.79 -4.75
C ARG A 63 10.38 0.64 -4.46
N ALA A 64 10.13 1.55 -5.40
CA ALA A 64 10.40 2.97 -5.20
C ALA A 64 9.47 3.55 -4.14
N ALA A 65 8.19 3.17 -4.16
CA ALA A 65 7.23 3.67 -3.19
C ALA A 65 7.13 2.77 -1.96
N VAL A 66 7.38 1.47 -2.11
CA VAL A 66 7.37 0.54 -1.00
C VAL A 66 8.54 0.82 -0.06
N ALA A 67 9.57 1.51 -0.54
CA ALA A 67 10.67 1.97 0.29
C ALA A 67 10.69 3.50 0.42
N GLY A 68 9.88 4.20 -0.37
CA GLY A 68 9.85 5.66 -0.35
C GLY A 68 8.75 6.24 0.54
N GLU A 69 7.66 5.50 0.77
CA GLU A 69 6.53 5.98 1.54
C GLU A 69 6.24 5.09 2.75
N ASP A 70 6.80 3.88 2.82
CA ASP A 70 6.51 2.97 3.91
C ASP A 70 6.88 3.60 5.25
N GLY A 71 5.96 3.56 6.21
CA GLY A 71 6.18 4.08 7.55
C GLY A 71 5.93 5.58 7.65
N ARG A 72 5.30 6.19 6.63
CA ARG A 72 5.02 7.62 6.65
C ARG A 72 3.67 7.92 7.27
N MET A 73 3.46 9.17 7.70
CA MET A 73 2.18 9.58 8.25
C MET A 73 1.35 10.29 7.19
N ILE A 74 0.05 9.98 7.17
CA ILE A 74 -0.94 10.61 6.31
C ILE A 74 -2.24 10.73 7.11
N ALA A 75 -2.89 11.90 7.02
CA ALA A 75 -4.14 12.18 7.72
C ALA A 75 -4.09 11.89 9.23
N GLY A 76 -2.91 11.75 9.83
CA GLY A 76 -2.76 11.58 11.27
C GLY A 76 -2.47 10.14 11.68
N GLN A 77 -2.35 9.22 10.72
CA GLN A 77 -2.00 7.82 11.00
C GLN A 77 -0.88 7.38 10.07
N VAL A 78 -0.14 6.34 10.49
CA VAL A 78 0.92 5.77 9.67
C VAL A 78 0.37 4.56 8.94
N LEU A 79 0.89 4.33 7.73
CA LEU A 79 0.46 3.24 6.86
C LEU A 79 1.64 2.31 6.60
N ASP A 80 1.35 1.01 6.58
CA ASP A 80 2.35 -0.01 6.33
C ASP A 80 2.31 -0.38 4.85
N ILE A 81 3.36 -0.01 4.11
CA ILE A 81 3.41 -0.23 2.68
C ILE A 81 4.38 -1.36 2.37
N ASN A 82 3.99 -2.23 1.43
CA ASN A 82 4.77 -3.41 1.11
C ASN A 82 4.48 -3.87 -0.32
N LEU A 83 5.37 -4.71 -0.87
CA LEU A 83 5.14 -5.34 -2.16
C LEU A 83 3.91 -6.24 -2.03
N ALA A 84 3.11 -6.35 -3.09
CA ALA A 84 1.84 -7.08 -3.03
C ALA A 84 2.03 -8.60 -3.06
N ALA A 85 3.27 -9.07 -3.23
CA ALA A 85 3.58 -10.49 -3.26
C ALA A 85 4.74 -10.83 -2.33
N GLU A 86 5.11 -9.91 -1.44
CA GLU A 86 6.23 -10.11 -0.53
C GLU A 86 5.89 -9.70 0.90
N PRO A 87 4.73 -10.08 1.44
CA PRO A 87 4.28 -9.64 2.76
C PRO A 87 5.24 -10.13 3.84
N LYS A 88 5.54 -9.24 4.79
CA LYS A 88 6.41 -9.52 5.92
C LYS A 88 5.77 -9.08 7.24
N VAL A 89 4.68 -8.32 7.16
CA VAL A 89 3.95 -7.84 8.32
C VAL A 89 2.95 -8.90 8.77
N ASN A 90 2.59 -8.87 10.05
CA ASN A 90 1.72 -9.87 10.65
C ASN A 90 0.24 -9.60 10.36
N ARG A 91 -0.03 -8.51 9.64
CA ARG A 91 -1.39 -8.04 9.37
C ARG A 91 -2.23 -8.05 10.64
N GLY A 92 -1.69 -7.44 11.70
CA GLY A 92 -2.34 -7.36 13.00
C GLY A 92 -3.50 -6.36 13.02
N LYS A 93 -3.81 -5.76 11.87
CA LYS A 93 -4.93 -4.83 11.70
C LYS A 93 -4.89 -3.63 12.64
N ALA A 94 -3.74 -3.34 13.25
CA ALA A 94 -3.63 -2.20 14.15
C ALA A 94 -2.21 -1.63 14.13
N GLY A 95 -2.13 -0.34 14.42
CA GLY A 95 -0.88 0.42 14.51
C GLY A 95 -1.17 1.80 15.10
N VAL A 96 -2.29 1.90 15.84
CA VAL A 96 -2.82 3.15 16.34
C VAL A 96 -2.00 3.68 17.52
N LYS A 97 -1.34 2.76 18.24
CA LYS A 97 -0.57 3.08 19.42
C LYS A 97 0.87 2.56 19.29
N ARG A 98 1.77 3.10 20.09
CA ARG A 98 3.17 2.68 20.10
C ARG A 98 3.32 1.38 20.88
N SER A 99 4.50 0.75 20.78
CA SER A 99 4.78 -0.50 21.48
C SER A 99 4.99 -0.23 22.96
N ALA A 100 4.66 -1.21 23.81
CA ALA A 100 4.81 -1.05 25.26
C ALA A 100 6.29 -0.98 25.64
N ALA A 101 7.18 -1.25 24.68
CA ALA A 101 8.63 -1.16 24.88
C ALA A 101 9.20 0.11 24.26
N GLU A 102 8.37 0.86 23.53
CA GLU A 102 8.77 2.09 22.86
C GLU A 102 8.01 3.30 23.39
N MET A 103 7.14 3.09 24.38
CA MET A 103 6.41 4.17 25.02
C MET A 103 7.28 4.88 26.04
N TYR A 104 6.72 5.90 26.70
CA TYR A 104 7.42 6.74 27.67
C TYR A 104 7.87 5.95 28.90
N GLY A 105 7.33 4.75 29.11
CA GLY A 105 7.67 3.90 30.23
C GLY A 105 7.12 4.47 31.54
N ALA A 1 -5.51 7.14 -14.24
CA ALA A 1 -5.12 5.72 -14.17
C ALA A 1 -6.37 4.83 -14.11
N SER A 2 -6.18 3.51 -14.29
CA SER A 2 -7.27 2.55 -14.27
C SER A 2 -7.80 2.36 -12.85
N ASN A 3 -8.89 1.58 -12.72
CA ASN A 3 -9.55 1.33 -11.45
C ASN A 3 -9.42 -0.13 -11.02
N VAL A 4 -8.48 -0.86 -11.62
CA VAL A 4 -8.32 -2.29 -11.35
C VAL A 4 -6.90 -2.58 -10.89
N THR A 5 -6.78 -3.40 -9.85
CA THR A 5 -5.49 -3.71 -9.22
C THR A 5 -5.47 -5.14 -8.66
N ASN A 6 -6.45 -5.99 -8.98
CA ASN A 6 -6.55 -7.32 -8.39
C ASN A 6 -6.10 -8.46 -9.32
N LYS A 7 -5.33 -8.13 -10.37
CA LYS A 7 -4.78 -9.12 -11.30
C LYS A 7 -3.81 -10.05 -10.57
N THR A 8 -3.35 -11.11 -11.25
CA THR A 8 -2.44 -12.09 -10.66
C THR A 8 -1.31 -12.44 -11.62
N ASP A 9 -0.98 -11.55 -12.57
CA ASP A 9 0.08 -11.79 -13.53
C ASP A 9 1.45 -11.82 -12.84
N PRO A 10 2.41 -12.55 -13.41
CA PRO A 10 3.72 -12.78 -12.82
C PRO A 10 4.56 -11.51 -12.70
N ARG A 11 4.10 -10.39 -13.29
CA ARG A 11 4.80 -9.10 -13.19
C ARG A 11 3.89 -8.03 -12.61
N SER A 12 2.60 -8.34 -12.43
CA SER A 12 1.64 -7.42 -11.82
C SER A 12 1.55 -7.68 -10.32
N MET A 13 1.91 -8.89 -9.88
CA MET A 13 1.95 -9.24 -8.47
C MET A 13 3.12 -8.55 -7.76
N ASN A 14 4.03 -7.94 -8.51
CA ASN A 14 5.19 -7.28 -7.95
C ASN A 14 5.34 -5.84 -8.45
N SER A 15 4.51 -5.42 -9.42
CA SER A 15 4.45 -4.02 -9.85
C SER A 15 3.33 -3.29 -9.11
N ARG A 16 2.75 -3.96 -8.10
CA ARG A 16 1.63 -3.47 -7.30
C ARG A 16 2.09 -3.16 -5.89
N VAL A 17 1.36 -2.25 -5.23
CA VAL A 17 1.66 -1.82 -3.87
C VAL A 17 0.45 -2.06 -2.99
N PHE A 18 0.66 -2.69 -1.83
CA PHE A 18 -0.37 -2.83 -0.82
C PHE A 18 -0.14 -1.76 0.24
N ILE A 19 -1.21 -1.10 0.66
CA ILE A 19 -1.14 -0.01 1.63
C ILE A 19 -2.12 -0.32 2.75
N GLY A 20 -1.61 -0.70 3.91
CA GLY A 20 -2.44 -1.10 5.06
C GLY A 20 -2.44 -0.07 6.18
N ASN A 21 -3.35 -0.27 7.15
CA ASN A 21 -3.53 0.60 8.30
C ASN A 21 -3.78 2.06 7.88
N LEU A 22 -4.28 2.26 6.65
CA LEU A 22 -4.45 3.59 6.06
C LEU A 22 -5.56 4.38 6.75
N ASN A 23 -5.39 5.71 6.78
CA ASN A 23 -6.35 6.67 7.31
C ASN A 23 -7.55 6.84 6.38
N THR A 24 -8.22 5.74 6.03
CA THR A 24 -9.27 5.72 5.02
C THR A 24 -10.51 6.53 5.41
N LEU A 25 -10.50 7.20 6.57
CA LEU A 25 -11.61 8.06 6.95
C LEU A 25 -11.42 9.47 6.39
N VAL A 26 -10.21 9.78 5.90
CA VAL A 26 -9.87 11.10 5.41
C VAL A 26 -9.23 11.01 4.02
N VAL A 27 -8.70 9.84 3.66
CA VAL A 27 -8.11 9.65 2.34
C VAL A 27 -9.22 9.37 1.32
N LYS A 28 -8.91 9.58 0.04
CA LYS A 28 -9.81 9.27 -1.06
C LYS A 28 -9.00 8.69 -2.21
N LYS A 29 -9.68 8.20 -3.26
CA LYS A 29 -8.97 7.61 -4.39
C LYS A 29 -8.06 8.65 -5.04
N SER A 30 -8.46 9.91 -5.03
CA SER A 30 -7.72 11.00 -5.65
C SER A 30 -6.51 11.38 -4.82
N ASP A 31 -6.40 10.85 -3.60
CA ASP A 31 -5.27 11.11 -2.73
C ASP A 31 -4.22 10.02 -2.88
N VAL A 32 -4.64 8.76 -2.96
CA VAL A 32 -3.69 7.66 -3.08
C VAL A 32 -2.94 7.77 -4.41
N GLU A 33 -3.62 8.21 -5.46
CA GLU A 33 -3.00 8.40 -6.77
C GLU A 33 -2.22 9.71 -6.84
N ALA A 34 -2.17 10.46 -5.74
CA ALA A 34 -1.43 11.71 -5.66
C ALA A 34 -0.30 11.62 -4.64
N ILE A 35 -0.24 10.52 -3.87
CA ILE A 35 0.78 10.29 -2.86
C ILE A 35 1.79 9.26 -3.34
N PHE A 36 1.40 8.42 -4.30
CA PHE A 36 2.26 7.36 -4.83
C PHE A 36 2.66 7.65 -6.27
N SER A 37 2.11 8.68 -6.90
CA SER A 37 2.47 9.03 -8.27
C SER A 37 3.82 9.75 -8.32
N LYS A 38 4.38 10.11 -7.16
CA LYS A 38 5.68 10.76 -7.08
C LYS A 38 6.82 9.76 -7.09
N TYR A 39 6.50 8.46 -7.07
CA TYR A 39 7.49 7.39 -7.02
C TYR A 39 7.38 6.46 -8.23
N GLY A 40 6.42 6.70 -9.13
CA GLY A 40 6.27 5.87 -10.31
C GLY A 40 5.02 6.22 -11.10
N LYS A 41 4.94 5.72 -12.34
CA LYS A 41 3.77 5.90 -13.18
C LYS A 41 2.68 4.94 -12.72
N ILE A 42 1.58 5.49 -12.19
CA ILE A 42 0.46 4.67 -11.77
C ILE A 42 -0.42 4.40 -12.99
N VAL A 43 -0.71 3.11 -13.23
CA VAL A 43 -1.56 2.66 -14.32
C VAL A 43 -2.84 2.03 -13.78
N GLY A 44 -2.98 1.98 -12.45
CA GLY A 44 -4.17 1.48 -11.80
C GLY A 44 -4.17 1.89 -10.34
N CYS A 45 -5.34 2.18 -9.77
CA CYS A 45 -5.43 2.59 -8.38
C CYS A 45 -6.82 2.30 -7.81
N SER A 46 -6.86 1.94 -6.52
CA SER A 46 -8.09 1.72 -5.81
C SER A 46 -7.88 1.99 -4.32
N VAL A 47 -8.96 2.25 -3.58
CA VAL A 47 -8.88 2.52 -2.16
C VAL A 47 -10.09 1.90 -1.46
N HIS A 48 -9.89 1.44 -0.22
CA HIS A 48 -10.86 0.65 0.52
C HIS A 48 -10.92 1.13 1.96
N LYS A 49 -11.52 0.32 2.85
CA LYS A 49 -11.49 0.59 4.28
C LYS A 49 -10.26 -0.06 4.90
N GLY A 50 -9.48 0.72 5.65
CA GLY A 50 -8.28 0.26 6.33
C GLY A 50 -7.11 -0.03 5.40
N PHE A 51 -7.33 -0.08 4.08
CA PHE A 51 -6.25 -0.34 3.14
C PHE A 51 -6.55 0.27 1.77
N ALA A 52 -5.54 0.26 0.89
CA ALA A 52 -5.64 0.73 -0.48
C ALA A 52 -4.68 -0.04 -1.37
N PHE A 53 -4.82 0.12 -2.69
CA PHE A 53 -3.96 -0.56 -3.64
C PHE A 53 -3.55 0.39 -4.77
N VAL A 54 -2.31 0.23 -5.23
CA VAL A 54 -1.77 1.03 -6.32
C VAL A 54 -1.08 0.09 -7.30
N GLN A 55 -1.19 0.42 -8.60
CA GLN A 55 -0.65 -0.40 -9.67
C GLN A 55 0.30 0.43 -10.51
N TYR A 56 1.57 0.02 -10.55
CA TYR A 56 2.60 0.67 -11.34
C TYR A 56 2.85 -0.09 -12.64
N VAL A 57 3.76 0.43 -13.47
CA VAL A 57 4.09 -0.18 -14.75
C VAL A 57 5.03 -1.37 -14.56
N ASN A 58 5.85 -1.35 -13.50
CA ASN A 58 6.83 -2.40 -13.27
C ASN A 58 7.15 -2.57 -11.79
N GLU A 59 7.98 -3.56 -11.48
CA GLU A 59 8.39 -3.92 -10.12
C GLU A 59 9.27 -2.85 -9.50
N ARG A 60 10.08 -2.19 -10.32
CA ARG A 60 11.02 -1.16 -9.88
C ARG A 60 10.25 0.02 -9.29
N ASN A 61 9.13 0.40 -9.91
CA ASN A 61 8.31 1.50 -9.43
C ASN A 61 7.67 1.13 -8.09
N ALA A 62 7.32 -0.15 -7.91
CA ALA A 62 6.71 -0.58 -6.66
C ALA A 62 7.71 -0.53 -5.52
N ARG A 63 8.95 -0.99 -5.71
CA ARG A 63 9.96 -0.90 -4.66
C ARG A 63 10.27 0.56 -4.34
N ALA A 64 10.02 1.49 -5.27
CA ALA A 64 10.30 2.89 -5.05
C ALA A 64 9.36 3.48 -4.00
N ALA A 65 8.07 3.10 -4.04
CA ALA A 65 7.11 3.60 -3.07
C ALA A 65 7.02 2.68 -1.86
N VAL A 66 7.30 1.38 -2.02
CA VAL A 66 7.32 0.43 -0.91
C VAL A 66 8.47 0.73 0.04
N ALA A 67 9.51 1.41 -0.44
CA ALA A 67 10.61 1.86 0.40
C ALA A 67 10.64 3.39 0.54
N GLY A 68 9.82 4.10 -0.25
CA GLY A 68 9.79 5.56 -0.22
C GLY A 68 8.67 6.14 0.65
N GLU A 69 7.60 5.39 0.89
CA GLU A 69 6.44 5.88 1.65
C GLU A 69 6.12 4.99 2.85
N ASP A 70 6.68 3.78 2.91
CA ASP A 70 6.37 2.88 4.01
C ASP A 70 6.76 3.51 5.35
N GLY A 71 5.83 3.50 6.31
CA GLY A 71 6.06 4.03 7.65
C GLY A 71 5.83 5.54 7.74
N ARG A 72 5.21 6.15 6.72
CA ARG A 72 4.99 7.60 6.73
C ARG A 72 3.64 7.94 7.36
N MET A 73 3.48 9.20 7.78
CA MET A 73 2.22 9.67 8.32
C MET A 73 1.40 10.40 7.26
N ILE A 74 0.09 10.14 7.27
CA ILE A 74 -0.89 10.78 6.41
C ILE A 74 -2.17 10.95 7.21
N ALA A 75 -2.80 12.13 7.10
CA ALA A 75 -4.03 12.46 7.81
C ALA A 75 -3.97 12.23 9.33
N GLY A 76 -2.78 12.03 9.89
CA GLY A 76 -2.59 11.88 11.33
C GLY A 76 -2.30 10.45 11.77
N GLN A 77 -2.30 9.48 10.84
CA GLN A 77 -1.99 8.09 11.15
C GLN A 77 -0.91 7.59 10.20
N VAL A 78 -0.27 6.47 10.57
CA VAL A 78 0.78 5.87 9.76
C VAL A 78 0.22 4.67 9.00
N LEU A 79 0.77 4.43 7.82
CA LEU A 79 0.36 3.34 6.95
C LEU A 79 1.57 2.43 6.68
N ASP A 80 1.28 1.14 6.58
CA ASP A 80 2.28 0.12 6.33
C ASP A 80 2.20 -0.30 4.87
N ILE A 81 3.30 -0.15 4.14
CA ILE A 81 3.32 -0.37 2.71
C ILE A 81 4.33 -1.48 2.37
N ASN A 82 3.95 -2.36 1.45
CA ASN A 82 4.80 -3.47 1.04
C ASN A 82 4.39 -3.95 -0.35
N LEU A 83 5.24 -4.73 -1.00
CA LEU A 83 4.93 -5.26 -2.33
C LEU A 83 3.74 -6.21 -2.21
N ALA A 84 2.89 -6.27 -3.25
CA ALA A 84 1.67 -7.04 -3.16
C ALA A 84 1.90 -8.55 -3.11
N ALA A 85 3.17 -8.99 -3.21
CA ALA A 85 3.53 -10.39 -3.13
C ALA A 85 4.65 -10.61 -2.12
N GLU A 86 5.00 -9.59 -1.33
CA GLU A 86 6.08 -9.66 -0.37
C GLU A 86 5.73 -8.99 0.95
N PRO A 87 4.66 -9.44 1.62
CA PRO A 87 4.26 -8.92 2.92
C PRO A 87 5.23 -9.39 4.00
N LYS A 88 6.10 -8.48 4.44
CA LYS A 88 7.03 -8.75 5.52
C LYS A 88 6.33 -8.56 6.88
N VAL A 89 5.13 -8.00 6.85
CA VAL A 89 4.33 -7.72 8.04
C VAL A 89 3.43 -8.91 8.36
N ASN A 90 2.96 -8.99 9.61
CA ASN A 90 2.11 -10.07 10.08
C ASN A 90 0.63 -9.74 9.89
N ARG A 91 0.33 -8.60 9.26
CA ARG A 91 -1.01 -8.07 9.10
C ARG A 91 -1.77 -8.07 10.43
N GLY A 92 -1.19 -7.42 11.44
CA GLY A 92 -1.74 -7.35 12.78
C GLY A 92 -2.94 -6.42 12.90
N LYS A 93 -3.39 -5.82 11.79
CA LYS A 93 -4.55 -4.94 11.75
C LYS A 93 -4.47 -3.75 12.69
N ALA A 94 -3.27 -3.42 13.18
CA ALA A 94 -3.09 -2.31 14.11
C ALA A 94 -1.75 -1.63 13.88
N GLY A 95 -1.66 -0.34 14.22
CA GLY A 95 -0.45 0.46 14.05
C GLY A 95 0.58 0.20 15.15
N VAL A 96 0.28 -0.75 16.05
CA VAL A 96 1.19 -1.09 17.15
C VAL A 96 2.37 -1.89 16.62
N LYS A 97 2.19 -2.57 15.48
CA LYS A 97 3.22 -3.37 14.86
C LYS A 97 4.16 -2.49 14.03
N ARG A 98 5.35 -3.03 13.74
CA ARG A 98 6.40 -2.36 12.99
C ARG A 98 6.03 -2.26 11.52
N SER A 99 6.78 -1.43 10.78
CA SER A 99 6.60 -1.26 9.34
C SER A 99 7.36 -2.36 8.60
N ALA A 100 6.93 -2.70 7.39
CA ALA A 100 7.51 -3.80 6.63
C ALA A 100 9.01 -3.60 6.34
N ALA A 101 9.52 -2.38 6.50
CA ALA A 101 10.93 -2.08 6.29
C ALA A 101 11.69 -2.00 7.61
N GLU A 102 10.97 -2.07 8.73
CA GLU A 102 11.56 -1.94 10.06
C GLU A 102 11.19 -3.14 10.94
N MET A 103 10.68 -4.23 10.34
CA MET A 103 10.31 -5.41 11.10
C MET A 103 11.52 -6.02 11.80
N TYR A 104 12.71 -5.83 11.24
CA TYR A 104 13.95 -6.34 11.81
C TYR A 104 15.11 -5.35 11.65
N GLY A 105 14.91 -4.29 10.87
CA GLY A 105 15.94 -3.29 10.62
C GLY A 105 17.08 -3.86 9.79
N ALA A 1 -6.13 7.37 -12.69
CA ALA A 1 -5.75 6.09 -13.32
C ALA A 1 -6.90 5.09 -13.24
N SER A 2 -6.71 3.90 -13.81
CA SER A 2 -7.71 2.83 -13.82
C SER A 2 -8.11 2.42 -12.41
N ASN A 3 -9.19 1.63 -12.32
CA ASN A 3 -9.76 1.23 -11.04
C ASN A 3 -9.53 -0.23 -10.70
N VAL A 4 -8.54 -0.88 -11.34
CA VAL A 4 -8.31 -2.31 -11.15
C VAL A 4 -6.87 -2.55 -10.70
N THR A 5 -6.71 -3.39 -9.67
CA THR A 5 -5.41 -3.68 -9.08
C THR A 5 -5.33 -5.10 -8.53
N ASN A 6 -6.22 -6.01 -8.97
CA ASN A 6 -6.27 -7.37 -8.41
C ASN A 6 -5.87 -8.45 -9.41
N LYS A 7 -5.09 -8.10 -10.43
CA LYS A 7 -4.58 -9.09 -11.39
C LYS A 7 -3.54 -9.97 -10.70
N THR A 8 -3.16 -11.08 -11.32
CA THR A 8 -2.24 -12.04 -10.71
C THR A 8 -1.13 -12.46 -11.67
N ASP A 9 -0.82 -11.61 -12.65
CA ASP A 9 0.23 -11.88 -13.61
C ASP A 9 1.60 -11.88 -12.93
N PRO A 10 2.59 -12.61 -13.48
CA PRO A 10 3.90 -12.80 -12.89
C PRO A 10 4.73 -11.52 -12.80
N ARG A 11 4.24 -10.42 -13.37
CA ARG A 11 4.92 -9.13 -13.25
C ARG A 11 4.00 -8.07 -12.64
N SER A 12 2.70 -8.33 -12.61
CA SER A 12 1.73 -7.42 -12.02
C SER A 12 1.59 -7.67 -10.51
N MET A 13 2.04 -8.85 -10.06
CA MET A 13 2.07 -9.20 -8.65
C MET A 13 3.23 -8.51 -7.94
N ASN A 14 4.19 -7.96 -8.71
CA ASN A 14 5.34 -7.28 -8.15
C ASN A 14 5.48 -5.85 -8.68
N SER A 15 4.56 -5.40 -9.52
CA SER A 15 4.49 -4.01 -9.95
C SER A 15 3.39 -3.28 -9.18
N ARG A 16 2.88 -3.92 -8.13
CA ARG A 16 1.78 -3.44 -7.31
C ARG A 16 2.27 -3.04 -5.92
N VAL A 17 1.51 -2.16 -5.27
CA VAL A 17 1.81 -1.69 -3.93
C VAL A 17 0.62 -1.95 -3.01
N PHE A 18 0.89 -2.58 -1.86
CA PHE A 18 -0.11 -2.76 -0.83
C PHE A 18 0.06 -1.62 0.18
N ILE A 19 -1.05 -1.03 0.63
CA ILE A 19 -1.01 0.11 1.56
C ILE A 19 -1.95 -0.17 2.70
N GLY A 20 -1.47 -0.86 3.73
CA GLY A 20 -2.28 -1.24 4.88
C GLY A 20 -2.24 -0.19 6.00
N ASN A 21 -3.10 -0.38 7.00
CA ASN A 21 -3.19 0.47 8.18
C ASN A 21 -3.46 1.94 7.83
N LEU A 22 -3.95 2.19 6.61
CA LEU A 22 -4.18 3.53 6.11
C LEU A 22 -5.40 4.16 6.78
N ASN A 23 -5.37 5.49 6.94
CA ASN A 23 -6.52 6.23 7.42
C ASN A 23 -7.47 6.47 6.24
N THR A 24 -8.53 5.68 6.16
CA THR A 24 -9.42 5.65 5.01
C THR A 24 -10.70 6.45 5.23
N LEU A 25 -10.74 7.29 6.28
CA LEU A 25 -11.89 8.13 6.52
C LEU A 25 -11.69 9.53 5.96
N VAL A 26 -10.45 9.87 5.58
CA VAL A 26 -10.11 11.21 5.09
C VAL A 26 -9.32 11.11 3.79
N VAL A 27 -8.68 9.97 3.52
CA VAL A 27 -7.99 9.75 2.26
C VAL A 27 -9.01 9.31 1.21
N LYS A 28 -8.67 9.47 -0.07
CA LYS A 28 -9.51 9.04 -1.18
C LYS A 28 -8.64 8.55 -2.32
N LYS A 29 -9.27 7.99 -3.35
CA LYS A 29 -8.56 7.49 -4.52
C LYS A 29 -7.75 8.60 -5.18
N SER A 30 -8.27 9.83 -5.12
CA SER A 30 -7.64 10.99 -5.73
C SER A 30 -6.48 11.50 -4.88
N ASP A 31 -6.31 10.93 -3.69
CA ASP A 31 -5.19 11.25 -2.82
C ASP A 31 -4.12 10.18 -2.95
N VAL A 32 -4.52 8.91 -3.06
CA VAL A 32 -3.54 7.82 -3.17
C VAL A 32 -2.83 7.91 -4.52
N GLU A 33 -3.53 8.34 -5.57
CA GLU A 33 -2.91 8.52 -6.88
C GLU A 33 -2.14 9.85 -6.95
N ALA A 34 -2.07 10.57 -5.83
CA ALA A 34 -1.35 11.83 -5.74
C ALA A 34 -0.21 11.75 -4.71
N ILE A 35 -0.16 10.65 -3.95
CA ILE A 35 0.88 10.42 -2.95
C ILE A 35 1.89 9.38 -3.46
N PHE A 36 1.48 8.54 -4.41
CA PHE A 36 2.34 7.49 -4.94
C PHE A 36 2.74 7.78 -6.39
N SER A 37 2.17 8.82 -7.01
CA SER A 37 2.50 9.17 -8.39
C SER A 37 3.85 9.90 -8.47
N LYS A 38 4.43 10.27 -7.31
CA LYS A 38 5.74 10.92 -7.27
C LYS A 38 6.88 9.90 -7.26
N TYR A 39 6.54 8.60 -7.22
CA TYR A 39 7.51 7.53 -7.18
C TYR A 39 7.38 6.59 -8.39
N GLY A 40 6.39 6.83 -9.25
CA GLY A 40 6.21 6.01 -10.44
C GLY A 40 4.93 6.34 -11.19
N LYS A 41 4.79 5.80 -12.41
CA LYS A 41 3.61 5.99 -13.23
C LYS A 41 2.52 5.01 -12.77
N ILE A 42 1.43 5.55 -12.22
CA ILE A 42 0.30 4.73 -11.81
C ILE A 42 -0.61 4.52 -13.01
N VAL A 43 -0.93 3.25 -13.28
CA VAL A 43 -1.83 2.87 -14.37
C VAL A 43 -3.08 2.19 -13.80
N GLY A 44 -3.20 2.15 -12.48
CA GLY A 44 -4.38 1.65 -11.80
C GLY A 44 -4.27 1.90 -10.31
N CYS A 45 -5.39 2.16 -9.64
CA CYS A 45 -5.39 2.36 -8.21
C CYS A 45 -6.79 2.11 -7.63
N SER A 46 -6.83 1.70 -6.37
CA SER A 46 -8.07 1.44 -5.66
C SER A 46 -7.89 1.76 -4.18
N VAL A 47 -8.99 2.00 -3.47
CA VAL A 47 -8.96 2.30 -2.05
C VAL A 47 -10.06 1.49 -1.35
N HIS A 48 -9.85 1.16 -0.08
CA HIS A 48 -10.74 0.31 0.68
C HIS A 48 -10.83 0.82 2.11
N LYS A 49 -11.43 0.02 3.01
CA LYS A 49 -11.47 0.36 4.43
C LYS A 49 -10.21 -0.16 5.12
N GLY A 50 -9.44 0.76 5.71
CA GLY A 50 -8.22 0.43 6.45
C GLY A 50 -7.02 0.15 5.56
N PHE A 51 -7.21 0.02 4.24
CA PHE A 51 -6.10 -0.23 3.32
C PHE A 51 -6.42 0.32 1.93
N ALA A 52 -5.42 0.35 1.05
CA ALA A 52 -5.56 0.79 -0.32
C ALA A 52 -4.58 0.03 -1.22
N PHE A 53 -4.73 0.18 -2.54
CA PHE A 53 -3.89 -0.49 -3.52
C PHE A 53 -3.51 0.44 -4.67
N VAL A 54 -2.30 0.24 -5.20
CA VAL A 54 -1.80 1.00 -6.34
C VAL A 54 -1.11 0.04 -7.31
N GLN A 55 -1.28 0.30 -8.60
CA GLN A 55 -0.76 -0.54 -9.66
C GLN A 55 0.13 0.31 -10.56
N TYR A 56 1.44 0.04 -10.53
CA TYR A 56 2.42 0.71 -11.37
C TYR A 56 2.62 -0.05 -12.67
N VAL A 57 3.52 0.46 -13.52
CA VAL A 57 3.81 -0.14 -14.82
C VAL A 57 4.81 -1.28 -14.68
N ASN A 58 5.66 -1.24 -13.64
CA ASN A 58 6.71 -2.24 -13.45
C ASN A 58 7.08 -2.39 -11.97
N GLU A 59 7.97 -3.34 -11.71
CA GLU A 59 8.42 -3.71 -10.36
C GLU A 59 9.30 -2.62 -9.76
N ARG A 60 10.08 -1.92 -10.60
CA ARG A 60 11.00 -0.88 -10.18
C ARG A 60 10.22 0.26 -9.52
N ASN A 61 9.06 0.61 -10.08
CA ASN A 61 8.23 1.67 -9.57
C ASN A 61 7.63 1.28 -8.21
N ALA A 62 7.30 -0.01 -8.03
CA ALA A 62 6.72 -0.46 -6.77
C ALA A 62 7.71 -0.35 -5.63
N ARG A 63 8.97 -0.75 -5.85
CA ARG A 63 9.97 -0.72 -4.80
C ARG A 63 10.39 0.72 -4.50
N ALA A 64 10.14 1.64 -5.43
CA ALA A 64 10.40 3.06 -5.23
C ALA A 64 9.46 3.63 -4.17
N ALA A 65 8.18 3.24 -4.19
CA ALA A 65 7.22 3.73 -3.21
C ALA A 65 7.13 2.82 -1.98
N VAL A 66 7.41 1.52 -2.15
CA VAL A 66 7.41 0.58 -1.04
C VAL A 66 8.58 0.86 -0.09
N ALA A 67 9.60 1.56 -0.58
CA ALA A 67 10.70 2.01 0.25
C ALA A 67 10.73 3.54 0.39
N GLY A 68 9.91 4.25 -0.39
CA GLY A 68 9.88 5.70 -0.37
C GLY A 68 8.81 6.28 0.56
N GLU A 69 7.71 5.54 0.78
CA GLU A 69 6.58 6.03 1.58
C GLU A 69 6.28 5.10 2.76
N ASP A 70 6.84 3.89 2.79
CA ASP A 70 6.54 2.96 3.87
C ASP A 70 6.94 3.57 5.22
N GLY A 71 6.01 3.52 6.18
CA GLY A 71 6.26 4.02 7.52
C GLY A 71 5.97 5.53 7.64
N ARG A 72 5.33 6.13 6.65
CA ARG A 72 5.04 7.57 6.67
C ARG A 72 3.68 7.84 7.30
N MET A 73 3.46 9.09 7.73
CA MET A 73 2.17 9.49 8.28
C MET A 73 1.33 10.22 7.24
N ILE A 74 0.03 9.89 7.23
CA ILE A 74 -0.96 10.54 6.38
C ILE A 74 -2.25 10.64 7.17
N ALA A 75 -2.88 11.82 7.13
CA ALA A 75 -4.14 12.10 7.82
C ALA A 75 -4.12 11.75 9.32
N GLY A 76 -2.94 11.61 9.93
CA GLY A 76 -2.81 11.42 11.37
C GLY A 76 -2.47 9.99 11.78
N GLN A 77 -2.33 9.07 10.82
CA GLN A 77 -1.92 7.70 11.11
C GLN A 77 -0.83 7.26 10.13
N VAL A 78 -0.07 6.24 10.53
CA VAL A 78 0.98 5.68 9.69
C VAL A 78 0.42 4.49 8.92
N LEU A 79 0.95 4.27 7.71
CA LEU A 79 0.51 3.21 6.83
C LEU A 79 1.67 2.26 6.56
N ASP A 80 1.34 0.97 6.48
CA ASP A 80 2.31 -0.08 6.26
C ASP A 80 2.30 -0.44 4.79
N ILE A 81 3.33 -0.01 4.06
CA ILE A 81 3.39 -0.21 2.62
C ILE A 81 4.37 -1.34 2.30
N ASN A 82 3.99 -2.21 1.35
CA ASN A 82 4.80 -3.38 1.03
C ASN A 82 4.52 -3.84 -0.40
N LEU A 83 5.43 -4.66 -0.94
CA LEU A 83 5.21 -5.29 -2.24
C LEU A 83 4.00 -6.20 -2.11
N ALA A 84 3.20 -6.32 -3.18
CA ALA A 84 1.95 -7.08 -3.11
C ALA A 84 2.17 -8.59 -3.15
N ALA A 85 3.41 -9.04 -3.31
CA ALA A 85 3.73 -10.46 -3.34
C ALA A 85 4.89 -10.78 -2.41
N GLU A 86 5.26 -9.85 -1.52
CA GLU A 86 6.39 -10.03 -0.62
C GLU A 86 6.06 -9.66 0.83
N PRO A 87 4.92 -10.13 1.38
CA PRO A 87 4.52 -9.81 2.74
C PRO A 87 5.46 -10.48 3.74
N LYS A 88 5.62 -9.86 4.91
CA LYS A 88 6.48 -10.36 5.98
C LYS A 88 5.88 -10.11 7.37
N VAL A 89 4.73 -9.46 7.42
CA VAL A 89 4.05 -9.10 8.66
C VAL A 89 2.67 -9.75 8.71
N ASN A 90 2.15 -9.90 9.93
CA ASN A 90 0.87 -10.57 10.18
C ASN A 90 -0.31 -9.69 9.81
N ARG A 91 -0.03 -8.44 9.43
CA ARG A 91 -1.02 -7.43 9.07
C ARG A 91 -2.18 -7.37 10.07
N GLY A 92 -1.85 -7.57 11.35
CA GLY A 92 -2.79 -7.70 12.46
C GLY A 92 -3.46 -6.39 12.88
N LYS A 93 -3.79 -5.53 11.92
CA LYS A 93 -4.47 -4.27 12.16
C LYS A 93 -3.66 -3.34 13.04
N ALA A 94 -4.26 -2.19 13.30
CA ALA A 94 -3.71 -1.12 14.10
C ALA A 94 -3.50 -1.53 15.56
N GLY A 95 -4.19 -2.59 16.01
CA GLY A 95 -4.05 -3.11 17.36
C GLY A 95 -4.74 -2.21 18.39
N VAL A 96 -5.50 -1.22 17.92
CA VAL A 96 -6.20 -0.28 18.80
C VAL A 96 -7.47 -0.91 19.35
N LYS A 97 -8.04 -1.86 18.61
CA LYS A 97 -9.24 -2.57 19.03
C LYS A 97 -8.88 -3.75 19.93
N ARG A 98 -9.82 -4.13 20.81
CA ARG A 98 -9.62 -5.22 21.75
C ARG A 98 -10.64 -6.33 21.50
N SER A 99 -10.27 -7.55 21.91
CA SER A 99 -11.14 -8.71 21.86
C SER A 99 -12.07 -8.66 23.06
N ALA A 100 -13.27 -9.25 22.94
CA ALA A 100 -14.26 -9.21 24.01
C ALA A 100 -13.83 -10.02 25.24
N ALA A 101 -12.66 -10.67 25.16
CA ALA A 101 -12.09 -11.43 26.26
C ALA A 101 -10.81 -10.76 26.79
N GLU A 102 -10.39 -9.67 26.14
CA GLU A 102 -9.17 -8.96 26.50
C GLU A 102 -9.45 -7.49 26.80
N MET A 103 -10.74 -7.11 26.95
CA MET A 103 -11.09 -5.73 27.21
C MET A 103 -10.77 -5.35 28.65
N TYR A 104 -10.92 -4.05 28.96
CA TYR A 104 -10.58 -3.48 30.26
C TYR A 104 -11.63 -3.82 31.33
N GLY A 105 -12.77 -4.36 30.90
CA GLY A 105 -13.86 -4.75 31.80
C GLY A 105 -15.07 -5.24 31.00
N ALA A 1 -5.54 7.89 -12.72
CA ALA A 1 -5.25 6.54 -13.26
C ALA A 1 -6.49 5.65 -13.19
N SER A 2 -6.40 4.44 -13.75
CA SER A 2 -7.50 3.48 -13.77
C SER A 2 -7.85 3.02 -12.35
N ASN A 3 -8.89 2.18 -12.24
CA ASN A 3 -9.41 1.73 -10.96
C ASN A 3 -9.17 0.24 -10.73
N VAL A 4 -8.08 -0.32 -11.29
CA VAL A 4 -7.82 -1.75 -11.27
C VAL A 4 -6.45 -2.03 -10.67
N THR A 5 -6.41 -2.93 -9.69
CA THR A 5 -5.19 -3.28 -8.98
C THR A 5 -5.19 -4.74 -8.50
N ASN A 6 -5.99 -5.62 -9.11
CA ASN A 6 -6.15 -6.99 -8.62
C ASN A 6 -5.80 -8.07 -9.67
N LYS A 7 -4.84 -7.80 -10.55
CA LYS A 7 -4.37 -8.80 -11.51
C LYS A 7 -3.49 -9.81 -10.77
N THR A 8 -3.17 -10.94 -11.41
CA THR A 8 -2.38 -11.99 -10.77
C THR A 8 -1.25 -12.49 -11.67
N ASP A 9 -0.85 -11.66 -12.65
CA ASP A 9 0.24 -12.00 -13.55
C ASP A 9 1.58 -11.98 -12.81
N PRO A 10 2.57 -12.76 -13.30
CA PRO A 10 3.86 -12.94 -12.66
C PRO A 10 4.71 -11.67 -12.63
N ARG A 11 4.26 -10.59 -13.27
CA ARG A 11 4.94 -9.30 -13.23
C ARG A 11 4.01 -8.19 -12.77
N SER A 12 2.74 -8.51 -12.50
CA SER A 12 1.76 -7.56 -12.01
C SER A 12 1.51 -7.77 -10.52
N MET A 13 1.90 -8.92 -9.98
CA MET A 13 1.79 -9.18 -8.55
C MET A 13 2.93 -8.51 -7.78
N ASN A 14 3.96 -8.06 -8.50
CA ASN A 14 5.14 -7.42 -7.91
C ASN A 14 5.30 -5.99 -8.42
N SER A 15 4.36 -5.51 -9.24
CA SER A 15 4.34 -4.13 -9.71
C SER A 15 3.28 -3.33 -8.97
N ARG A 16 2.69 -3.91 -7.93
CA ARG A 16 1.67 -3.25 -7.12
C ARG A 16 2.19 -2.89 -5.74
N VAL A 17 1.41 -2.05 -5.05
CA VAL A 17 1.72 -1.59 -3.71
C VAL A 17 0.55 -1.87 -2.80
N PHE A 18 0.80 -2.56 -1.68
CA PHE A 18 -0.19 -2.77 -0.64
C PHE A 18 0.00 -1.66 0.39
N ILE A 19 -1.08 -0.97 0.78
CA ILE A 19 -1.00 0.17 1.69
C ILE A 19 -1.93 -0.10 2.86
N GLY A 20 -1.43 -0.81 3.87
CA GLY A 20 -2.22 -1.21 5.02
C GLY A 20 -2.19 -0.17 6.14
N ASN A 21 -3.04 -0.40 7.15
CA ASN A 21 -3.18 0.45 8.33
C ASN A 21 -3.53 1.90 7.96
N LEU A 22 -4.01 2.12 6.73
CA LEU A 22 -4.35 3.44 6.24
C LEU A 22 -5.61 3.96 6.93
N ASN A 23 -5.73 5.28 7.07
CA ASN A 23 -6.85 5.88 7.79
C ASN A 23 -8.18 5.60 7.07
N THR A 24 -8.16 5.68 5.73
CA THR A 24 -9.30 5.45 4.84
C THR A 24 -10.56 6.25 5.17
N LEU A 25 -10.49 7.21 6.09
CA LEU A 25 -11.64 8.06 6.40
C LEU A 25 -11.50 9.44 5.75
N VAL A 26 -10.26 9.83 5.43
CA VAL A 26 -9.96 11.14 4.88
C VAL A 26 -9.30 11.00 3.51
N VAL A 27 -8.71 9.83 3.24
CA VAL A 27 -8.06 9.57 1.96
C VAL A 27 -9.11 9.19 0.93
N LYS A 28 -8.71 9.11 -0.34
CA LYS A 28 -9.61 8.73 -1.43
C LYS A 28 -8.82 8.27 -2.64
N LYS A 29 -9.53 7.82 -3.67
CA LYS A 29 -8.94 7.35 -4.92
C LYS A 29 -8.15 8.47 -5.59
N SER A 30 -8.52 9.73 -5.36
CA SER A 30 -7.83 10.86 -5.95
C SER A 30 -6.65 11.32 -5.09
N ASP A 31 -6.51 10.75 -3.89
CA ASP A 31 -5.39 11.05 -3.00
C ASP A 31 -4.30 9.99 -3.15
N VAL A 32 -4.67 8.72 -3.20
CA VAL A 32 -3.66 7.66 -3.29
C VAL A 32 -2.94 7.73 -4.63
N GLU A 33 -3.66 8.12 -5.70
CA GLU A 33 -3.03 8.29 -7.01
C GLU A 33 -2.29 9.62 -7.11
N ALA A 34 -2.24 10.39 -6.00
CA ALA A 34 -1.54 11.66 -5.95
C ALA A 34 -0.41 11.64 -4.91
N ILE A 35 -0.35 10.58 -4.11
CA ILE A 35 0.68 10.42 -3.07
C ILE A 35 1.73 9.41 -3.52
N PHE A 36 1.37 8.52 -4.45
CA PHE A 36 2.29 7.49 -4.94
C PHE A 36 2.72 7.77 -6.39
N SER A 37 2.10 8.75 -7.05
CA SER A 37 2.47 9.11 -8.42
C SER A 37 3.80 9.87 -8.47
N LYS A 38 4.39 10.17 -7.31
CA LYS A 38 5.68 10.83 -7.22
C LYS A 38 6.83 9.83 -7.22
N TYR A 39 6.51 8.53 -7.17
CA TYR A 39 7.51 7.46 -7.12
C TYR A 39 7.38 6.52 -8.33
N GLY A 40 6.42 6.75 -9.21
CA GLY A 40 6.25 5.92 -10.38
C GLY A 40 5.00 6.27 -11.17
N LYS A 41 4.88 5.72 -12.38
CA LYS A 41 3.71 5.91 -13.23
C LYS A 41 2.61 4.96 -12.77
N ILE A 42 1.52 5.52 -12.24
CA ILE A 42 0.37 4.73 -11.83
C ILE A 42 -0.54 4.53 -13.03
N VAL A 43 -0.92 3.27 -13.29
CA VAL A 43 -1.84 2.91 -14.37
C VAL A 43 -3.09 2.25 -13.80
N GLY A 44 -3.19 2.19 -12.47
CA GLY A 44 -4.35 1.66 -11.78
C GLY A 44 -4.24 1.99 -10.30
N CYS A 45 -5.35 2.25 -9.63
CA CYS A 45 -5.35 2.55 -8.20
C CYS A 45 -6.72 2.23 -7.61
N SER A 46 -6.74 1.75 -6.36
CA SER A 46 -7.98 1.43 -5.67
C SER A 46 -7.83 1.72 -4.18
N VAL A 47 -8.94 1.95 -3.50
CA VAL A 47 -8.92 2.25 -2.07
C VAL A 47 -10.02 1.48 -1.38
N HIS A 48 -9.79 1.11 -0.12
CA HIS A 48 -10.70 0.27 0.66
C HIS A 48 -10.72 0.76 2.11
N LYS A 49 -11.37 0.01 3.01
CA LYS A 49 -11.33 0.34 4.42
C LYS A 49 -10.10 -0.30 5.07
N GLY A 50 -9.34 0.51 5.80
CA GLY A 50 -8.14 0.07 6.50
C GLY A 50 -6.94 -0.16 5.59
N PHE A 51 -7.13 -0.19 4.27
CA PHE A 51 -6.04 -0.40 3.33
C PHE A 51 -6.37 0.18 1.97
N ALA A 52 -5.36 0.26 1.09
CA ALA A 52 -5.52 0.74 -0.27
C ALA A 52 -4.52 0.02 -1.19
N PHE A 53 -4.68 0.19 -2.50
CA PHE A 53 -3.83 -0.46 -3.48
C PHE A 53 -3.45 0.48 -4.63
N VAL A 54 -2.29 0.21 -5.23
CA VAL A 54 -1.79 0.96 -6.39
C VAL A 54 -1.20 -0.04 -7.38
N GLN A 55 -1.31 0.28 -8.67
CA GLN A 55 -0.79 -0.53 -9.75
C GLN A 55 0.14 0.32 -10.60
N TYR A 56 1.44 0.03 -10.55
CA TYR A 56 2.43 0.70 -11.37
C TYR A 56 2.61 -0.05 -12.68
N VAL A 57 3.54 0.43 -13.52
CA VAL A 57 3.81 -0.18 -14.81
C VAL A 57 4.78 -1.34 -14.66
N ASN A 58 5.61 -1.32 -13.61
CA ASN A 58 6.63 -2.35 -13.40
C ASN A 58 6.96 -2.52 -11.92
N GLU A 59 7.82 -3.52 -11.64
CA GLU A 59 8.24 -3.88 -10.28
C GLU A 59 9.14 -2.83 -9.65
N ARG A 60 9.94 -2.17 -10.49
CA ARG A 60 10.90 -1.15 -10.04
C ARG A 60 10.15 0.02 -9.41
N ASN A 61 9.02 0.41 -9.99
CA ASN A 61 8.21 1.51 -9.49
C ASN A 61 7.59 1.14 -8.14
N ALA A 62 7.24 -0.14 -7.95
CA ALA A 62 6.65 -0.59 -6.70
C ALA A 62 7.66 -0.52 -5.55
N ARG A 63 8.90 -0.98 -5.77
CA ARG A 63 9.90 -0.90 -4.72
C ARG A 63 10.24 0.55 -4.41
N ALA A 64 10.01 1.47 -5.36
CA ALA A 64 10.32 2.87 -5.16
C ALA A 64 9.40 3.48 -4.10
N ALA A 65 8.11 3.13 -4.13
CA ALA A 65 7.17 3.65 -3.16
C ALA A 65 7.05 2.76 -1.93
N VAL A 66 7.30 1.45 -2.09
CA VAL A 66 7.30 0.52 -0.96
C VAL A 66 8.45 0.82 -0.02
N ALA A 67 9.49 1.50 -0.52
CA ALA A 67 10.59 1.96 0.32
C ALA A 67 10.61 3.48 0.44
N GLY A 68 9.80 4.20 -0.37
CA GLY A 68 9.78 5.65 -0.36
C GLY A 68 8.68 6.26 0.51
N GLU A 69 7.60 5.53 0.77
CA GLU A 69 6.48 6.03 1.55
C GLU A 69 6.20 5.16 2.78
N ASP A 70 6.77 3.96 2.85
CA ASP A 70 6.49 3.07 3.96
C ASP A 70 6.87 3.73 5.29
N GLY A 71 5.93 3.70 6.26
CA GLY A 71 6.16 4.25 7.58
C GLY A 71 5.88 5.76 7.64
N ARG A 72 5.23 6.33 6.62
CA ARG A 72 4.93 7.76 6.61
C ARG A 72 3.56 8.05 7.22
N MET A 73 3.33 9.29 7.63
CA MET A 73 2.04 9.70 8.16
C MET A 73 1.19 10.37 7.09
N ILE A 74 -0.10 10.04 7.08
CA ILE A 74 -1.11 10.63 6.20
C ILE A 74 -2.41 10.74 6.99
N ALA A 75 -3.08 11.88 6.90
CA ALA A 75 -4.34 12.15 7.58
C ALA A 75 -4.29 11.92 9.10
N GLY A 76 -3.09 11.80 9.69
CA GLY A 76 -2.95 11.66 11.14
C GLY A 76 -2.65 10.22 11.57
N GLN A 77 -2.52 9.28 10.63
CA GLN A 77 -2.14 7.91 10.92
C GLN A 77 -1.00 7.46 10.02
N VAL A 78 -0.24 6.47 10.46
CA VAL A 78 0.84 5.89 9.67
C VAL A 78 0.32 4.66 8.93
N LEU A 79 0.86 4.43 7.75
CA LEU A 79 0.46 3.32 6.90
C LEU A 79 1.66 2.39 6.67
N ASP A 80 1.37 1.09 6.66
CA ASP A 80 2.39 0.06 6.46
C ASP A 80 2.35 -0.36 5.00
N ILE A 81 3.36 0.04 4.23
CA ILE A 81 3.40 -0.21 2.81
C ILE A 81 4.36 -1.35 2.50
N ASN A 82 3.96 -2.21 1.55
CA ASN A 82 4.73 -3.38 1.18
C ASN A 82 4.40 -3.80 -0.25
N LEU A 83 5.23 -4.64 -0.87
CA LEU A 83 4.90 -5.17 -2.18
C LEU A 83 3.67 -6.07 -2.03
N ALA A 84 2.93 -6.29 -3.12
CA ALA A 84 1.68 -7.04 -3.06
C ALA A 84 1.88 -8.55 -3.09
N ALA A 85 3.14 -9.02 -3.22
CA ALA A 85 3.44 -10.44 -3.24
C ALA A 85 4.60 -10.79 -2.30
N GLU A 86 5.01 -9.85 -1.44
CA GLU A 86 6.13 -10.08 -0.53
C GLU A 86 5.84 -9.63 0.90
N PRO A 87 4.70 -10.00 1.48
CA PRO A 87 4.32 -9.56 2.82
C PRO A 87 5.24 -10.17 3.88
N LYS A 88 5.80 -9.32 4.74
CA LYS A 88 6.59 -9.73 5.91
C LYS A 88 5.85 -9.34 7.18
N VAL A 89 4.69 -8.69 7.06
CA VAL A 89 3.90 -8.24 8.19
C VAL A 89 2.89 -9.31 8.60
N ASN A 90 2.48 -9.28 9.86
CA ASN A 90 1.58 -10.28 10.44
C ASN A 90 0.11 -9.91 10.21
N ARG A 91 -0.13 -8.79 9.53
CA ARG A 91 -1.46 -8.23 9.33
C ARG A 91 -2.24 -8.16 10.64
N GLY A 92 -1.55 -7.71 11.69
CA GLY A 92 -2.10 -7.65 13.05
C GLY A 92 -3.13 -6.53 13.25
N LYS A 93 -3.55 -5.87 12.17
CA LYS A 93 -4.53 -4.79 12.19
C LYS A 93 -4.13 -3.61 13.09
N ALA A 94 -2.87 -3.56 13.53
CA ALA A 94 -2.36 -2.48 14.35
C ALA A 94 -0.85 -2.27 14.14
N GLY A 95 -0.14 -3.34 13.74
CA GLY A 95 1.28 -3.27 13.44
C GLY A 95 2.14 -3.34 14.70
N VAL A 96 1.50 -3.43 15.87
CA VAL A 96 2.19 -3.48 17.16
C VAL A 96 1.77 -4.70 17.95
N LYS A 97 0.57 -5.22 17.67
CA LYS A 97 -0.01 -6.34 18.40
C LYS A 97 -0.46 -7.44 17.45
N ARG A 98 -0.74 -8.62 18.01
CA ARG A 98 -1.24 -9.77 17.25
C ARG A 98 -2.72 -9.64 16.95
N SER A 99 -3.23 -10.56 16.12
CA SER A 99 -4.58 -10.51 15.57
C SER A 99 -5.68 -10.97 16.52
N ALA A 100 -5.43 -10.86 17.83
CA ALA A 100 -6.33 -11.27 18.90
C ALA A 100 -6.84 -12.72 18.79
N ALA A 101 -6.32 -13.49 17.83
CA ALA A 101 -6.67 -14.89 17.64
C ALA A 101 -5.42 -15.70 17.30
N GLU A 102 -4.30 -15.01 17.12
CA GLU A 102 -3.00 -15.62 16.82
C GLU A 102 -1.98 -15.16 17.85
N MET A 103 -2.46 -14.70 19.02
CA MET A 103 -1.59 -14.16 20.06
C MET A 103 -0.80 -15.27 20.74
N TYR A 104 0.09 -14.87 21.67
CA TYR A 104 0.97 -15.79 22.37
C TYR A 104 0.21 -16.72 23.31
N GLY A 105 -1.07 -16.43 23.58
CA GLY A 105 -1.91 -17.24 24.45
C GLY A 105 -3.27 -16.59 24.63
N ALA A 1 -5.62 6.50 -14.82
CA ALA A 1 -5.28 5.13 -14.43
C ALA A 1 -6.49 4.20 -14.59
N SER A 2 -6.25 2.88 -14.64
CA SER A 2 -7.26 1.90 -15.00
C SER A 2 -8.14 1.40 -13.84
N ASN A 3 -8.02 2.02 -12.65
CA ASN A 3 -8.88 1.69 -11.51
C ASN A 3 -8.87 0.20 -11.18
N VAL A 4 -7.73 -0.48 -11.40
CA VAL A 4 -7.61 -1.91 -11.19
C VAL A 4 -6.22 -2.26 -10.68
N THR A 5 -6.15 -3.16 -9.69
CA THR A 5 -4.91 -3.50 -8.99
C THR A 5 -4.94 -4.93 -8.45
N ASN A 6 -5.90 -5.77 -8.87
CA ASN A 6 -6.06 -7.12 -8.32
C ASN A 6 -5.76 -8.25 -9.30
N LYS A 7 -5.10 -7.97 -10.44
CA LYS A 7 -4.69 -9.01 -11.38
C LYS A 7 -3.70 -9.96 -10.70
N THR A 8 -3.35 -11.06 -11.36
CA THR A 8 -2.46 -12.06 -10.78
C THR A 8 -1.36 -12.49 -11.75
N ASP A 9 -0.97 -11.58 -12.65
CA ASP A 9 0.09 -11.85 -13.61
C ASP A 9 1.44 -11.94 -12.89
N PRO A 10 2.41 -12.67 -13.46
CA PRO A 10 3.70 -12.94 -12.85
C PRO A 10 4.55 -11.68 -12.69
N ARG A 11 4.11 -10.55 -13.25
CA ARG A 11 4.81 -9.28 -13.10
C ARG A 11 3.93 -8.24 -12.42
N SER A 12 2.61 -8.35 -12.55
CA SER A 12 1.71 -7.37 -11.95
C SER A 12 1.58 -7.61 -10.45
N MET A 13 1.88 -8.83 -10.00
CA MET A 13 1.89 -9.18 -8.59
C MET A 13 3.08 -8.51 -7.88
N ASN A 14 4.05 -8.02 -8.65
CA ASN A 14 5.22 -7.34 -8.11
C ASN A 14 5.40 -5.95 -8.71
N SER A 15 4.40 -5.46 -9.46
CA SER A 15 4.40 -4.11 -10.00
C SER A 15 3.34 -3.25 -9.32
N ARG A 16 2.73 -3.75 -8.25
CA ARG A 16 1.74 -3.00 -7.48
C ARG A 16 2.19 -2.80 -6.04
N VAL A 17 1.43 -2.01 -5.29
CA VAL A 17 1.75 -1.63 -3.93
C VAL A 17 0.59 -1.94 -3.00
N PHE A 18 0.87 -2.60 -1.88
CA PHE A 18 -0.10 -2.79 -0.82
C PHE A 18 0.07 -1.65 0.18
N ILE A 19 -1.02 -1.06 0.66
CA ILE A 19 -0.98 0.06 1.59
C ILE A 19 -1.92 -0.23 2.75
N GLY A 20 -1.41 -0.87 3.79
CA GLY A 20 -2.21 -1.26 4.96
C GLY A 20 -2.18 -0.21 6.06
N ASN A 21 -3.07 -0.40 7.06
CA ASN A 21 -3.18 0.44 8.24
C ASN A 21 -3.42 1.92 7.89
N LEU A 22 -3.87 2.19 6.67
CA LEU A 22 -4.09 3.55 6.19
C LEU A 22 -5.31 4.16 6.87
N ASN A 23 -5.29 5.48 7.08
CA ASN A 23 -6.44 6.21 7.57
C ASN A 23 -7.39 6.45 6.41
N THR A 24 -8.53 5.74 6.40
CA THR A 24 -9.44 5.73 5.28
C THR A 24 -10.69 6.56 5.52
N LEU A 25 -10.69 7.39 6.57
CA LEU A 25 -11.81 8.28 6.85
C LEU A 25 -11.59 9.68 6.27
N VAL A 26 -10.36 9.96 5.84
CA VAL A 26 -9.99 11.28 5.32
C VAL A 26 -9.25 11.14 3.99
N VAL A 27 -8.67 9.98 3.72
CA VAL A 27 -8.06 9.71 2.43
C VAL A 27 -9.14 9.26 1.46
N LYS A 28 -8.90 9.44 0.16
CA LYS A 28 -9.80 9.02 -0.90
C LYS A 28 -8.98 8.49 -2.06
N LYS A 29 -9.65 7.94 -3.08
CA LYS A 29 -8.95 7.39 -4.24
C LYS A 29 -8.11 8.46 -4.91
N SER A 30 -8.59 9.71 -4.88
CA SER A 30 -7.93 10.84 -5.53
C SER A 30 -6.71 11.28 -4.73
N ASP A 31 -6.55 10.76 -3.51
CA ASP A 31 -5.40 11.05 -2.68
C ASP A 31 -4.36 9.95 -2.84
N VAL A 32 -4.77 8.69 -2.94
CA VAL A 32 -3.82 7.60 -3.08
C VAL A 32 -3.13 7.71 -4.44
N GLU A 33 -3.86 8.08 -5.49
CA GLU A 33 -3.27 8.29 -6.80
C GLU A 33 -2.51 9.62 -6.90
N ALA A 34 -2.44 10.36 -5.80
CA ALA A 34 -1.72 11.63 -5.75
C ALA A 34 -0.54 11.57 -4.78
N ILE A 35 -0.49 10.54 -3.94
CA ILE A 35 0.57 10.36 -2.96
C ILE A 35 1.60 9.34 -3.48
N PHE A 36 1.21 8.49 -4.42
CA PHE A 36 2.10 7.47 -4.97
C PHE A 36 2.48 7.79 -6.42
N SER A 37 1.86 8.79 -7.04
CA SER A 37 2.18 9.15 -8.42
C SER A 37 3.51 9.91 -8.50
N LYS A 38 4.08 10.29 -7.35
CA LYS A 38 5.37 10.98 -7.31
C LYS A 38 6.54 10.00 -7.25
N TYR A 39 6.25 8.70 -7.18
CA TYR A 39 7.28 7.65 -7.12
C TYR A 39 7.20 6.71 -8.32
N GLY A 40 6.21 6.91 -9.21
CA GLY A 40 6.08 6.09 -10.39
C GLY A 40 4.80 6.38 -11.16
N LYS A 41 4.70 5.87 -12.39
CA LYS A 41 3.52 6.03 -13.22
C LYS A 41 2.47 5.04 -12.76
N ILE A 42 1.34 5.55 -12.25
CA ILE A 42 0.22 4.71 -11.84
C ILE A 42 -0.65 4.44 -13.05
N VAL A 43 -0.95 3.16 -13.29
CA VAL A 43 -1.81 2.72 -14.38
C VAL A 43 -3.02 1.97 -13.83
N GLY A 44 -3.19 1.97 -12.52
CA GLY A 44 -4.35 1.41 -11.85
C GLY A 44 -4.31 1.78 -10.37
N CYS A 45 -5.47 1.98 -9.74
CA CYS A 45 -5.49 2.36 -8.34
C CYS A 45 -6.83 1.99 -7.71
N SER A 46 -6.83 1.66 -6.42
CA SER A 46 -8.05 1.42 -5.66
C SER A 46 -7.82 1.77 -4.19
N VAL A 47 -8.90 2.04 -3.47
CA VAL A 47 -8.83 2.39 -2.06
C VAL A 47 -10.00 1.74 -1.33
N HIS A 48 -9.77 1.35 -0.07
CA HIS A 48 -10.72 0.54 0.69
C HIS A 48 -10.75 1.01 2.15
N LYS A 49 -11.44 0.28 3.03
CA LYS A 49 -11.40 0.57 4.46
C LYS A 49 -10.14 -0.03 5.07
N GLY A 50 -9.38 0.81 5.79
CA GLY A 50 -8.16 0.41 6.48
C GLY A 50 -6.96 0.12 5.56
N PHE A 51 -7.15 0.07 4.24
CA PHE A 51 -6.05 -0.19 3.32
C PHE A 51 -6.36 0.33 1.91
N ALA A 52 -5.35 0.32 1.05
CA ALA A 52 -5.46 0.76 -0.34
C ALA A 52 -4.49 -0.01 -1.23
N PHE A 53 -4.60 0.15 -2.55
CA PHE A 53 -3.73 -0.49 -3.52
C PHE A 53 -3.42 0.44 -4.69
N VAL A 54 -2.23 0.26 -5.27
CA VAL A 54 -1.78 1.05 -6.41
C VAL A 54 -1.06 0.13 -7.38
N GLN A 55 -1.28 0.31 -8.69
CA GLN A 55 -0.67 -0.51 -9.71
C GLN A 55 0.24 0.37 -10.58
N TYR A 56 1.53 0.06 -10.61
CA TYR A 56 2.50 0.76 -11.42
C TYR A 56 2.73 0.01 -12.73
N VAL A 57 3.61 0.54 -13.58
CA VAL A 57 3.91 -0.04 -14.88
C VAL A 57 4.90 -1.19 -14.74
N ASN A 58 5.71 -1.18 -13.68
CA ASN A 58 6.74 -2.19 -13.45
C ASN A 58 7.07 -2.32 -11.97
N GLU A 59 7.96 -3.27 -11.65
CA GLU A 59 8.37 -3.55 -10.27
C GLU A 59 9.26 -2.44 -9.72
N ARG A 60 10.08 -1.83 -10.58
CA ARG A 60 11.00 -0.77 -10.17
C ARG A 60 10.22 0.38 -9.53
N ASN A 61 9.06 0.71 -10.10
CA ASN A 61 8.22 1.78 -9.57
C ASN A 61 7.63 1.37 -8.21
N ALA A 62 7.34 0.07 -8.03
CA ALA A 62 6.80 -0.41 -6.78
C ALA A 62 7.84 -0.32 -5.66
N ARG A 63 9.10 -0.68 -5.95
CA ARG A 63 10.16 -0.60 -4.96
C ARG A 63 10.43 0.86 -4.59
N ALA A 64 10.09 1.79 -5.49
CA ALA A 64 10.31 3.20 -5.26
C ALA A 64 9.37 3.74 -4.17
N ALA A 65 8.10 3.32 -4.19
CA ALA A 65 7.14 3.78 -3.20
C ALA A 65 7.08 2.85 -1.98
N VAL A 66 7.36 1.57 -2.17
CA VAL A 66 7.38 0.60 -1.07
C VAL A 66 8.57 0.88 -0.14
N ALA A 67 9.59 1.58 -0.64
CA ALA A 67 10.71 2.02 0.19
C ALA A 67 10.72 3.54 0.35
N GLY A 68 9.90 4.26 -0.41
CA GLY A 68 9.87 5.72 -0.34
C GLY A 68 8.82 6.27 0.62
N GLU A 69 7.68 5.58 0.77
CA GLU A 69 6.57 6.07 1.59
C GLU A 69 6.28 5.12 2.77
N ASP A 70 6.84 3.91 2.78
CA ASP A 70 6.55 2.98 3.85
C ASP A 70 6.95 3.58 5.20
N GLY A 71 6.03 3.52 6.17
CA GLY A 71 6.27 4.02 7.52
C GLY A 71 6.02 5.52 7.64
N ARG A 72 5.36 6.14 6.66
CA ARG A 72 5.09 7.57 6.68
C ARG A 72 3.74 7.86 7.32
N MET A 73 3.53 9.10 7.76
CA MET A 73 2.26 9.51 8.33
C MET A 73 1.41 10.23 7.28
N ILE A 74 0.11 9.91 7.28
CA ILE A 74 -0.89 10.54 6.43
C ILE A 74 -2.18 10.66 7.23
N ALA A 75 -2.83 11.83 7.18
CA ALA A 75 -4.07 12.10 7.89
C ALA A 75 -4.04 11.76 9.39
N GLY A 76 -2.85 11.62 9.99
CA GLY A 76 -2.72 11.44 11.42
C GLY A 76 -2.36 10.01 11.83
N GLN A 77 -2.24 9.08 10.88
CA GLN A 77 -1.83 7.71 11.17
C GLN A 77 -0.75 7.27 10.18
N VAL A 78 0.01 6.24 10.56
CA VAL A 78 1.04 5.68 9.71
C VAL A 78 0.48 4.47 8.96
N LEU A 79 0.99 4.26 7.75
CA LEU A 79 0.55 3.20 6.86
C LEU A 79 1.71 2.25 6.58
N ASP A 80 1.38 0.97 6.49
CA ASP A 80 2.34 -0.09 6.27
C ASP A 80 2.33 -0.45 4.79
N ILE A 81 3.33 0.02 4.06
CA ILE A 81 3.41 -0.18 2.62
C ILE A 81 4.37 -1.31 2.31
N ASN A 82 4.01 -2.17 1.35
CA ASN A 82 4.79 -3.35 1.04
C ASN A 82 4.50 -3.82 -0.38
N LEU A 83 5.39 -4.67 -0.91
CA LEU A 83 5.16 -5.32 -2.20
C LEU A 83 3.97 -6.26 -2.04
N ALA A 84 3.15 -6.42 -3.08
CA ALA A 84 1.92 -7.17 -2.97
C ALA A 84 2.12 -8.69 -3.04
N ALA A 85 3.35 -9.14 -3.23
CA ALA A 85 3.69 -10.55 -3.27
C ALA A 85 4.79 -10.89 -2.27
N GLU A 86 5.10 -9.97 -1.36
CA GLU A 86 6.19 -10.14 -0.40
C GLU A 86 5.82 -9.74 1.02
N PRO A 87 4.66 -10.18 1.55
CA PRO A 87 4.21 -9.81 2.88
C PRO A 87 5.15 -10.37 3.94
N LYS A 88 5.38 -9.58 5.00
CA LYS A 88 6.26 -9.95 6.11
C LYS A 88 5.63 -9.56 7.45
N VAL A 89 4.44 -8.98 7.42
CA VAL A 89 3.74 -8.51 8.60
C VAL A 89 2.57 -9.43 8.93
N ASN A 90 2.19 -9.47 10.21
CA ASN A 90 1.19 -10.40 10.71
C ASN A 90 -0.25 -9.96 10.37
N ARG A 91 -0.39 -8.83 9.67
CA ARG A 91 -1.67 -8.21 9.37
C ARG A 91 -2.54 -8.13 10.61
N GLY A 92 -1.95 -7.66 11.71
CA GLY A 92 -2.60 -7.56 13.01
C GLY A 92 -3.65 -6.45 13.09
N LYS A 93 -3.97 -5.82 11.95
CA LYS A 93 -4.95 -4.75 11.84
C LYS A 93 -4.63 -3.52 12.71
N ALA A 94 -3.49 -3.51 13.38
CA ALA A 94 -3.03 -2.37 14.16
C ALA A 94 -1.51 -2.41 14.29
N GLY A 95 -0.89 -1.24 14.46
CA GLY A 95 0.55 -1.14 14.63
C GLY A 95 0.99 -1.56 16.03
N VAL A 96 0.01 -1.92 16.88
CA VAL A 96 0.26 -2.33 18.25
C VAL A 96 0.75 -3.77 18.31
N LYS A 97 0.44 -4.57 17.28
CA LYS A 97 0.82 -5.96 17.21
C LYS A 97 2.29 -6.10 16.81
N ARG A 98 2.91 -7.20 17.24
CA ARG A 98 4.32 -7.49 17.03
C ARG A 98 4.52 -8.93 16.56
N SER A 99 5.77 -9.27 16.20
CA SER A 99 6.10 -10.63 15.81
C SER A 99 6.11 -11.52 17.04
N ALA A 100 5.82 -12.81 16.88
CA ALA A 100 5.70 -13.75 17.98
C ALA A 100 7.04 -13.95 18.72
N ALA A 101 8.11 -13.32 18.23
CA ALA A 101 9.43 -13.39 18.85
C ALA A 101 9.85 -12.03 19.42
N GLU A 102 9.06 -11.00 19.15
CA GLU A 102 9.36 -9.63 19.55
C GLU A 102 8.28 -9.05 20.46
N MET A 103 7.32 -9.88 20.87
CA MET A 103 6.22 -9.41 21.71
C MET A 103 6.68 -9.03 23.11
N TYR A 104 7.78 -9.63 23.57
CA TYR A 104 8.33 -9.37 24.90
C TYR A 104 9.86 -9.29 24.89
N GLY A 105 10.47 -9.51 23.72
CA GLY A 105 11.91 -9.45 23.56
C GLY A 105 12.43 -8.03 23.74
N ALA A 1 -5.94 7.54 -12.67
CA ALA A 1 -5.61 6.25 -13.31
C ALA A 1 -6.81 5.31 -13.27
N SER A 2 -6.65 4.10 -13.83
CA SER A 2 -7.71 3.09 -13.87
C SER A 2 -8.07 2.61 -12.47
N ASN A 3 -9.08 1.75 -12.37
CA ASN A 3 -9.58 1.26 -11.08
C ASN A 3 -9.18 -0.20 -10.83
N VAL A 4 -8.14 -0.69 -11.50
CA VAL A 4 -7.81 -2.10 -11.49
C VAL A 4 -6.44 -2.34 -10.87
N THR A 5 -6.40 -3.23 -9.87
CA THR A 5 -5.17 -3.52 -9.13
C THR A 5 -5.14 -4.96 -8.60
N ASN A 6 -5.98 -5.88 -9.09
CA ASN A 6 -6.05 -7.22 -8.52
C ASN A 6 -5.62 -8.35 -9.47
N LYS A 7 -4.88 -8.03 -10.54
CA LYS A 7 -4.37 -9.05 -11.45
C LYS A 7 -3.42 -9.98 -10.70
N THR A 8 -3.12 -11.14 -11.27
CA THR A 8 -2.27 -12.14 -10.62
C THR A 8 -1.13 -12.59 -11.54
N ASP A 9 -0.78 -11.75 -12.51
CA ASP A 9 0.30 -12.04 -13.45
C ASP A 9 1.65 -12.05 -12.72
N PRO A 10 2.64 -12.78 -13.26
CA PRO A 10 3.94 -12.98 -12.63
C PRO A 10 4.74 -11.69 -12.54
N ARG A 11 4.28 -10.59 -13.16
CA ARG A 11 4.92 -9.30 -13.05
C ARG A 11 4.01 -8.27 -12.39
N SER A 12 2.68 -8.46 -12.47
CA SER A 12 1.74 -7.53 -11.89
C SER A 12 1.62 -7.73 -10.38
N MET A 13 2.02 -8.91 -9.90
CA MET A 13 2.06 -9.23 -8.47
C MET A 13 3.21 -8.51 -7.78
N ASN A 14 4.16 -7.96 -8.56
CA ASN A 14 5.30 -7.24 -8.02
C ASN A 14 5.41 -5.83 -8.59
N SER A 15 4.57 -5.48 -9.58
CA SER A 15 4.46 -4.12 -10.08
C SER A 15 3.39 -3.37 -9.29
N ARG A 16 2.96 -3.94 -8.17
CA ARG A 16 1.87 -3.42 -7.36
C ARG A 16 2.34 -3.03 -5.97
N VAL A 17 1.65 -2.07 -5.36
CA VAL A 17 1.92 -1.60 -4.01
C VAL A 17 0.71 -1.90 -3.14
N PHE A 18 0.96 -2.49 -1.98
CA PHE A 18 -0.06 -2.73 -0.98
C PHE A 18 0.09 -1.67 0.10
N ILE A 19 -1.04 -1.14 0.61
CA ILE A 19 -1.02 -0.07 1.59
C ILE A 19 -2.00 -0.41 2.71
N GLY A 20 -1.47 -0.88 3.85
CA GLY A 20 -2.25 -1.33 4.99
C GLY A 20 -2.32 -0.28 6.10
N ASN A 21 -3.23 -0.49 7.05
CA ASN A 21 -3.42 0.36 8.22
C ASN A 21 -3.68 1.82 7.84
N LEU A 22 -4.18 2.07 6.63
CA LEU A 22 -4.34 3.40 6.08
C LEU A 22 -5.44 4.19 6.79
N ASN A 23 -5.27 5.52 6.82
CA ASN A 23 -6.21 6.48 7.39
C ASN A 23 -7.39 6.70 6.44
N THR A 24 -8.11 5.63 6.11
CA THR A 24 -9.16 5.64 5.10
C THR A 24 -10.36 6.51 5.45
N LEU A 25 -10.34 7.23 6.58
CA LEU A 25 -11.41 8.15 6.93
C LEU A 25 -11.19 9.53 6.31
N VAL A 26 -9.95 9.79 5.87
CA VAL A 26 -9.57 11.10 5.35
C VAL A 26 -8.92 10.98 3.98
N VAL A 27 -8.41 9.79 3.65
CA VAL A 27 -7.83 9.58 2.33
C VAL A 27 -8.93 9.19 1.34
N LYS A 28 -8.68 9.43 0.06
CA LYS A 28 -9.58 9.05 -1.02
C LYS A 28 -8.74 8.56 -2.20
N LYS A 29 -9.40 8.02 -3.23
CA LYS A 29 -8.69 7.51 -4.40
C LYS A 29 -7.89 8.62 -5.07
N SER A 30 -8.37 9.86 -4.97
CA SER A 30 -7.73 11.01 -5.58
C SER A 30 -6.54 11.49 -4.75
N ASP A 31 -6.37 10.93 -3.55
CA ASP A 31 -5.23 11.24 -2.70
C ASP A 31 -4.17 10.17 -2.86
N VAL A 32 -4.57 8.90 -2.95
CA VAL A 32 -3.59 7.81 -3.07
C VAL A 32 -2.90 7.88 -4.43
N GLU A 33 -3.62 8.31 -5.48
CA GLU A 33 -3.01 8.49 -6.79
C GLU A 33 -2.23 9.81 -6.87
N ALA A 34 -2.14 10.54 -5.76
CA ALA A 34 -1.40 11.77 -5.67
C ALA A 34 -0.25 11.66 -4.67
N ILE A 35 -0.20 10.56 -3.90
CA ILE A 35 0.83 10.31 -2.90
C ILE A 35 1.82 9.27 -3.42
N PHE A 36 1.41 8.45 -4.38
CA PHE A 36 2.26 7.40 -4.94
C PHE A 36 2.63 7.70 -6.40
N SER A 37 2.03 8.71 -7.02
CA SER A 37 2.35 9.07 -8.40
C SER A 37 3.70 9.79 -8.47
N LYS A 38 4.27 10.17 -7.32
CA LYS A 38 5.57 10.83 -7.24
C LYS A 38 6.72 9.82 -7.31
N TYR A 39 6.40 8.53 -7.27
CA TYR A 39 7.39 7.46 -7.29
C TYR A 39 7.23 6.53 -8.48
N GLY A 40 6.22 6.75 -9.33
CA GLY A 40 6.03 5.93 -10.50
C GLY A 40 4.75 6.26 -11.26
N LYS A 41 4.63 5.74 -12.47
CA LYS A 41 3.45 5.91 -13.30
C LYS A 41 2.37 4.94 -12.83
N ILE A 42 1.28 5.47 -12.27
CA ILE A 42 0.17 4.65 -11.85
C ILE A 42 -0.74 4.40 -13.04
N VAL A 43 -1.06 3.14 -13.30
CA VAL A 43 -1.95 2.73 -14.39
C VAL A 43 -3.19 2.03 -13.83
N GLY A 44 -3.33 2.02 -12.51
CA GLY A 44 -4.47 1.47 -11.81
C GLY A 44 -4.36 1.81 -10.33
N CYS A 45 -5.47 2.13 -9.67
CA CYS A 45 -5.46 2.42 -8.24
C CYS A 45 -6.85 2.21 -7.65
N SER A 46 -6.91 1.85 -6.38
CA SER A 46 -8.17 1.64 -5.67
C SER A 46 -7.98 1.86 -4.17
N VAL A 47 -9.06 2.15 -3.46
CA VAL A 47 -9.04 2.41 -2.03
C VAL A 47 -10.23 1.73 -1.36
N HIS A 48 -10.04 1.27 -0.12
CA HIS A 48 -11.04 0.52 0.62
C HIS A 48 -10.99 0.95 2.09
N LYS A 49 -11.71 0.25 2.97
CA LYS A 49 -11.64 0.53 4.40
C LYS A 49 -10.40 -0.12 5.00
N GLY A 50 -9.60 0.67 5.71
CA GLY A 50 -8.39 0.21 6.39
C GLY A 50 -7.23 -0.14 5.44
N PHE A 51 -7.47 -0.25 4.14
CA PHE A 51 -6.42 -0.61 3.19
C PHE A 51 -6.67 0.03 1.81
N ALA A 52 -5.62 0.06 0.98
CA ALA A 52 -5.70 0.59 -0.36
C ALA A 52 -4.69 -0.10 -1.27
N PHE A 53 -4.80 0.14 -2.58
CA PHE A 53 -3.93 -0.49 -3.57
C PHE A 53 -3.54 0.48 -4.68
N VAL A 54 -2.34 0.27 -5.23
CA VAL A 54 -1.81 1.02 -6.36
C VAL A 54 -1.12 0.05 -7.30
N GLN A 55 -1.32 0.26 -8.61
CA GLN A 55 -0.74 -0.58 -9.65
C GLN A 55 0.12 0.29 -10.56
N TYR A 56 1.43 -0.01 -10.57
CA TYR A 56 2.38 0.68 -11.43
C TYR A 56 2.58 -0.10 -12.73
N VAL A 57 3.46 0.42 -13.59
CA VAL A 57 3.75 -0.18 -14.89
C VAL A 57 4.77 -1.32 -14.74
N ASN A 58 5.61 -1.26 -13.70
CA ASN A 58 6.65 -2.26 -13.48
C ASN A 58 7.01 -2.41 -12.01
N GLU A 59 7.87 -3.39 -11.73
CA GLU A 59 8.31 -3.74 -10.38
C GLU A 59 9.22 -2.68 -9.78
N ARG A 60 9.99 -1.99 -10.64
CA ARG A 60 10.92 -0.95 -10.21
C ARG A 60 10.15 0.21 -9.58
N ASN A 61 9.01 0.57 -10.15
CA ASN A 61 8.18 1.66 -9.64
C ASN A 61 7.59 1.25 -8.28
N ALA A 62 7.27 -0.04 -8.10
CA ALA A 62 6.70 -0.50 -6.85
C ALA A 62 7.72 -0.42 -5.74
N ARG A 63 8.96 -0.85 -5.96
CA ARG A 63 9.99 -0.77 -4.94
C ARG A 63 10.30 0.68 -4.61
N ALA A 64 10.05 1.61 -5.53
CA ALA A 64 10.32 3.02 -5.30
C ALA A 64 9.39 3.59 -4.24
N ALA A 65 8.12 3.19 -4.26
CA ALA A 65 7.16 3.68 -3.27
C ALA A 65 7.13 2.77 -2.05
N VAL A 66 7.43 1.48 -2.22
CA VAL A 66 7.49 0.54 -1.11
C VAL A 66 8.66 0.85 -0.19
N ALA A 67 9.69 1.54 -0.71
CA ALA A 67 10.81 2.00 0.10
C ALA A 67 10.79 3.53 0.28
N GLY A 68 9.94 4.23 -0.48
CA GLY A 68 9.86 5.68 -0.42
C GLY A 68 8.77 6.21 0.51
N GLU A 69 7.70 5.43 0.73
CA GLU A 69 6.56 5.88 1.52
C GLU A 69 6.27 4.97 2.71
N ASP A 70 6.84 3.76 2.75
CA ASP A 70 6.59 2.84 3.84
C ASP A 70 7.00 3.46 5.17
N GLY A 71 6.10 3.40 6.17
CA GLY A 71 6.36 3.91 7.50
C GLY A 71 6.11 5.42 7.62
N ARG A 72 5.44 6.02 6.63
CA ARG A 72 5.18 7.46 6.65
C ARG A 72 3.84 7.77 7.32
N MET A 73 3.66 9.02 7.76
CA MET A 73 2.39 9.46 8.32
C MET A 73 1.57 10.20 7.28
N ILE A 74 0.26 9.92 7.28
CA ILE A 74 -0.72 10.58 6.43
C ILE A 74 -2.00 10.76 7.25
N ALA A 75 -2.61 11.94 7.16
CA ALA A 75 -3.85 12.29 7.87
C ALA A 75 -3.79 12.01 9.38
N GLY A 76 -2.61 11.75 9.95
CA GLY A 76 -2.45 11.54 11.38
C GLY A 76 -2.19 10.09 11.77
N GLN A 77 -2.12 9.16 10.81
CA GLN A 77 -1.78 7.76 11.08
C GLN A 77 -0.66 7.30 10.14
N VAL A 78 0.04 6.24 10.54
CA VAL A 78 1.07 5.64 9.72
C VAL A 78 0.51 4.44 8.98
N LEU A 79 0.98 4.21 7.76
CA LEU A 79 0.56 3.13 6.90
C LEU A 79 1.71 2.18 6.62
N ASP A 80 1.38 0.91 6.49
CA ASP A 80 2.34 -0.15 6.25
C ASP A 80 2.33 -0.50 4.78
N ILE A 81 3.42 -0.17 4.07
CA ILE A 81 3.50 -0.37 2.63
C ILE A 81 4.56 -1.43 2.31
N ASN A 82 4.23 -2.33 1.38
CA ASN A 82 5.14 -3.37 0.92
C ASN A 82 4.66 -3.87 -0.44
N LEU A 83 5.49 -4.66 -1.13
CA LEU A 83 5.09 -5.19 -2.42
C LEU A 83 3.89 -6.10 -2.23
N ALA A 84 3.01 -6.17 -3.23
CA ALA A 84 1.76 -6.91 -3.11
C ALA A 84 1.97 -8.42 -3.01
N ALA A 85 3.21 -8.88 -3.16
CA ALA A 85 3.55 -10.29 -3.05
C ALA A 85 4.68 -10.51 -2.07
N GLU A 86 5.05 -9.48 -1.29
CA GLU A 86 6.16 -9.56 -0.34
C GLU A 86 5.81 -8.92 0.99
N PRO A 87 4.74 -9.38 1.67
CA PRO A 87 4.38 -8.92 2.99
C PRO A 87 5.40 -9.44 4.00
N LYS A 88 5.64 -8.66 5.07
CA LYS A 88 6.61 -8.98 6.11
C LYS A 88 6.05 -8.73 7.50
N VAL A 89 4.78 -8.32 7.58
CA VAL A 89 4.11 -8.00 8.84
C VAL A 89 2.97 -8.99 9.05
N ASN A 90 2.60 -9.20 10.33
CA ASN A 90 1.61 -10.18 10.73
C ASN A 90 0.18 -9.75 10.39
N ARG A 91 0.02 -8.62 9.70
CA ARG A 91 -1.27 -8.02 9.40
C ARG A 91 -2.14 -7.92 10.66
N GLY A 92 -1.59 -7.30 11.70
CA GLY A 92 -2.23 -7.16 13.00
C GLY A 92 -3.38 -6.16 13.01
N LYS A 93 -3.85 -5.75 11.83
CA LYS A 93 -4.97 -4.84 11.66
C LYS A 93 -4.78 -3.50 12.38
N ALA A 94 -5.35 -3.36 13.57
CA ALA A 94 -5.30 -2.12 14.32
C ALA A 94 -5.59 -2.30 15.80
N GLY A 95 -6.12 -3.46 16.18
CA GLY A 95 -6.52 -3.73 17.56
C GLY A 95 -7.93 -3.20 17.84
N VAL A 96 -8.52 -2.50 16.88
CA VAL A 96 -9.89 -2.02 16.98
C VAL A 96 -10.85 -3.18 16.71
N LYS A 97 -10.40 -4.11 15.86
CA LYS A 97 -11.13 -5.34 15.56
C LYS A 97 -10.68 -6.43 16.51
N ARG A 98 -11.47 -7.51 16.62
CA ARG A 98 -11.15 -8.62 17.51
C ARG A 98 -10.04 -9.48 16.91
N SER A 99 -9.46 -10.36 17.73
CA SER A 99 -8.40 -11.25 17.29
C SER A 99 -8.96 -12.29 16.33
N ALA A 100 -8.11 -12.91 15.52
CA ALA A 100 -8.57 -13.90 14.55
C ALA A 100 -9.03 -15.18 15.24
N ALA A 101 -8.76 -15.31 16.54
CA ALA A 101 -9.20 -16.44 17.35
C ALA A 101 -10.46 -16.10 18.14
N GLU A 102 -10.87 -14.83 18.09
CA GLU A 102 -12.04 -14.31 18.78
C GLU A 102 -12.92 -13.55 17.80
N MET A 103 -12.71 -13.77 16.50
CA MET A 103 -13.37 -13.02 15.44
C MET A 103 -14.88 -13.27 15.43
N TYR A 104 -15.31 -14.41 16.00
CA TYR A 104 -16.73 -14.76 16.06
C TYR A 104 -17.11 -15.39 17.40
N GLY A 105 -16.10 -15.73 18.22
CA GLY A 105 -16.31 -16.32 19.53
C GLY A 105 -16.84 -17.76 19.41
N ALA A 1 -5.80 7.29 -14.07
CA ALA A 1 -5.39 5.87 -14.11
C ALA A 1 -6.62 4.96 -14.05
N SER A 2 -6.41 3.65 -14.26
CA SER A 2 -7.50 2.68 -14.27
C SER A 2 -8.02 2.39 -12.86
N ASN A 3 -9.08 1.59 -12.77
CA ASN A 3 -9.73 1.24 -11.52
C ASN A 3 -9.58 -0.25 -11.22
N VAL A 4 -8.48 -0.87 -11.67
CA VAL A 4 -8.20 -2.26 -11.39
C VAL A 4 -6.71 -2.46 -11.11
N THR A 5 -6.42 -3.33 -10.14
CA THR A 5 -5.06 -3.67 -9.75
C THR A 5 -4.96 -5.14 -9.34
N ASN A 6 -6.09 -5.86 -9.21
CA ASN A 6 -6.14 -7.19 -8.64
C ASN A 6 -5.64 -8.29 -9.59
N LYS A 7 -4.80 -7.93 -10.56
CA LYS A 7 -4.21 -8.87 -11.51
C LYS A 7 -3.25 -9.78 -10.75
N THR A 8 -2.98 -10.97 -11.31
CA THR A 8 -2.17 -11.98 -10.63
C THR A 8 -1.04 -12.49 -11.53
N ASP A 9 -0.63 -11.68 -12.51
CA ASP A 9 0.46 -12.03 -13.41
C ASP A 9 1.79 -12.03 -12.65
N PRO A 10 2.78 -12.81 -13.13
CA PRO A 10 4.07 -12.99 -12.47
C PRO A 10 4.91 -11.71 -12.43
N ARG A 11 4.40 -10.61 -12.99
CA ARG A 11 5.08 -9.32 -12.97
C ARG A 11 4.16 -8.21 -12.48
N SER A 12 2.85 -8.48 -12.42
CA SER A 12 1.88 -7.50 -11.93
C SER A 12 1.73 -7.64 -10.41
N MET A 13 2.08 -8.82 -9.88
CA MET A 13 2.05 -9.09 -8.44
C MET A 13 3.22 -8.42 -7.72
N ASN A 14 4.23 -7.97 -8.47
CA ASN A 14 5.39 -7.30 -7.91
C ASN A 14 5.56 -5.89 -8.47
N SER A 15 4.67 -5.49 -9.38
CA SER A 15 4.64 -4.11 -9.88
C SER A 15 3.51 -3.34 -9.19
N ARG A 16 2.97 -3.91 -8.11
CA ARG A 16 1.84 -3.36 -7.39
C ARG A 16 2.19 -3.11 -5.93
N VAL A 17 1.50 -2.14 -5.32
CA VAL A 17 1.75 -1.72 -3.95
C VAL A 17 0.55 -2.03 -3.07
N PHE A 18 0.80 -2.60 -1.89
CA PHE A 18 -0.20 -2.79 -0.86
C PHE A 18 0.00 -1.69 0.17
N ILE A 19 -1.09 -1.06 0.63
CA ILE A 19 -1.03 0.02 1.59
C ILE A 19 -1.99 -0.31 2.72
N GLY A 20 -1.47 -0.66 3.89
CA GLY A 20 -2.28 -1.06 5.03
C GLY A 20 -2.20 -0.08 6.19
N ASN A 21 -3.12 -0.23 7.16
CA ASN A 21 -3.21 0.60 8.35
C ASN A 21 -3.44 2.08 8.01
N LEU A 22 -3.63 2.39 6.72
CA LEU A 22 -3.89 3.73 6.27
C LEU A 22 -5.23 4.19 6.81
N ASN A 23 -5.33 5.47 7.19
CA ASN A 23 -6.60 6.05 7.59
C ASN A 23 -7.42 6.30 6.33
N THR A 24 -8.67 5.85 6.35
CA THR A 24 -9.53 5.90 5.18
C THR A 24 -10.80 6.69 5.45
N LEU A 25 -10.82 7.46 6.55
CA LEU A 25 -11.94 8.34 6.85
C LEU A 25 -11.66 9.75 6.32
N VAL A 26 -10.41 10.01 5.89
CA VAL A 26 -9.99 11.32 5.42
C VAL A 26 -9.25 11.20 4.10
N VAL A 27 -8.69 10.02 3.79
CA VAL A 27 -8.04 9.79 2.51
C VAL A 27 -9.12 9.42 1.48
N LYS A 28 -8.85 9.66 0.21
CA LYS A 28 -9.78 9.35 -0.87
C LYS A 28 -9.04 8.77 -2.08
N LYS A 29 -9.80 8.32 -3.07
CA LYS A 29 -9.24 7.78 -4.31
C LYS A 29 -8.34 8.80 -4.99
N SER A 30 -8.61 10.08 -4.81
CA SER A 30 -7.85 11.16 -5.44
C SER A 30 -6.60 11.51 -4.63
N ASP A 31 -6.46 10.93 -3.44
CA ASP A 31 -5.30 11.16 -2.60
C ASP A 31 -4.25 10.06 -2.81
N VAL A 32 -4.68 8.80 -2.92
CA VAL A 32 -3.72 7.71 -3.07
C VAL A 32 -3.02 7.84 -4.42
N GLU A 33 -3.73 8.33 -5.44
CA GLU A 33 -3.16 8.55 -6.76
C GLU A 33 -2.36 9.85 -6.82
N ALA A 34 -2.28 10.58 -5.70
CA ALA A 34 -1.52 11.81 -5.60
C ALA A 34 -0.36 11.69 -4.62
N ILE A 35 -0.31 10.59 -3.86
CA ILE A 35 0.73 10.33 -2.88
C ILE A 35 1.73 9.29 -3.40
N PHE A 36 1.31 8.46 -4.35
CA PHE A 36 2.17 7.42 -4.91
C PHE A 36 2.54 7.71 -6.36
N SER A 37 1.95 8.73 -6.97
CA SER A 37 2.26 9.08 -8.35
C SER A 37 3.60 9.83 -8.44
N LYS A 38 4.20 10.17 -7.30
CA LYS A 38 5.49 10.84 -7.23
C LYS A 38 6.66 9.86 -7.28
N TYR A 39 6.35 8.55 -7.21
CA TYR A 39 7.37 7.50 -7.19
C TYR A 39 7.23 6.56 -8.38
N GLY A 40 6.23 6.76 -9.23
CA GLY A 40 6.07 5.93 -10.41
C GLY A 40 4.81 6.25 -11.18
N LYS A 41 4.73 5.73 -12.41
CA LYS A 41 3.55 5.89 -13.26
C LYS A 41 2.47 4.93 -12.80
N ILE A 42 1.38 5.46 -12.24
CA ILE A 42 0.25 4.66 -11.83
C ILE A 42 -0.64 4.43 -13.04
N VAL A 43 -0.93 3.15 -13.32
CA VAL A 43 -1.82 2.77 -14.42
C VAL A 43 -3.08 2.12 -13.88
N GLY A 44 -3.19 2.00 -12.56
CA GLY A 44 -4.38 1.48 -11.91
C GLY A 44 -4.33 1.84 -10.43
N CYS A 45 -5.47 2.20 -9.84
CA CYS A 45 -5.49 2.58 -8.43
C CYS A 45 -6.86 2.29 -7.81
N SER A 46 -6.86 2.02 -6.51
CA SER A 46 -8.08 1.80 -5.74
C SER A 46 -7.84 2.11 -4.28
N VAL A 47 -8.93 2.35 -3.53
CA VAL A 47 -8.85 2.65 -2.11
C VAL A 47 -10.05 1.98 -1.43
N HIS A 48 -9.83 1.49 -0.21
CA HIS A 48 -10.81 0.71 0.53
C HIS A 48 -10.82 1.13 2.00
N LYS A 49 -11.49 0.37 2.87
CA LYS A 49 -11.45 0.61 4.29
C LYS A 49 -10.15 0.07 4.88
N GLY A 50 -9.38 0.93 5.54
CA GLY A 50 -8.15 0.56 6.22
C GLY A 50 -6.99 0.25 5.29
N PHE A 51 -7.21 0.12 3.98
CA PHE A 51 -6.15 -0.16 3.02
C PHE A 51 -6.44 0.43 1.66
N ALA A 52 -5.43 0.40 0.78
CA ALA A 52 -5.54 0.84 -0.60
C ALA A 52 -4.58 0.05 -1.47
N PHE A 53 -4.76 0.11 -2.80
CA PHE A 53 -3.92 -0.61 -3.74
C PHE A 53 -3.55 0.28 -4.92
N VAL A 54 -2.30 0.18 -5.37
CA VAL A 54 -1.77 0.99 -6.45
C VAL A 54 -0.99 0.10 -7.41
N GLN A 55 -1.37 0.12 -8.68
CA GLN A 55 -0.75 -0.69 -9.72
C GLN A 55 0.14 0.19 -10.58
N TYR A 56 1.46 -0.07 -10.55
CA TYR A 56 2.43 0.63 -11.37
C TYR A 56 2.65 -0.14 -12.68
N VAL A 57 3.55 0.38 -13.52
CA VAL A 57 3.86 -0.24 -14.81
C VAL A 57 4.87 -1.38 -14.65
N ASN A 58 5.72 -1.32 -13.61
CA ASN A 58 6.77 -2.30 -13.40
C ASN A 58 7.13 -2.43 -11.91
N GLU A 59 8.01 -3.39 -11.61
CA GLU A 59 8.44 -3.67 -10.25
C GLU A 59 9.28 -2.53 -9.68
N ARG A 60 10.11 -1.92 -10.52
CA ARG A 60 11.00 -0.84 -10.12
C ARG A 60 10.20 0.31 -9.51
N ASN A 61 9.04 0.61 -10.08
CA ASN A 61 8.18 1.67 -9.58
C ASN A 61 7.58 1.27 -8.23
N ALA A 62 7.27 -0.01 -8.05
CA ALA A 62 6.71 -0.48 -6.78
C ALA A 62 7.75 -0.40 -5.67
N ARG A 63 8.99 -0.78 -5.95
CA ARG A 63 10.06 -0.72 -4.95
C ARG A 63 10.32 0.74 -4.56
N ALA A 64 10.03 1.68 -5.47
CA ALA A 64 10.27 3.09 -5.24
C ALA A 64 9.32 3.64 -4.18
N ALA A 65 8.06 3.23 -4.20
CA ALA A 65 7.10 3.71 -3.22
C ALA A 65 7.03 2.80 -2.01
N VAL A 66 7.32 1.50 -2.18
CA VAL A 66 7.32 0.55 -1.07
C VAL A 66 8.51 0.81 -0.15
N ALA A 67 9.55 1.49 -0.66
CA ALA A 67 10.67 1.91 0.16
C ALA A 67 10.72 3.44 0.32
N GLY A 68 9.89 4.18 -0.43
CA GLY A 68 9.89 5.63 -0.39
C GLY A 68 8.80 6.22 0.49
N GLU A 69 7.71 5.47 0.72
CA GLU A 69 6.58 5.96 1.51
C GLU A 69 6.30 5.08 2.72
N ASP A 70 6.83 3.84 2.75
CA ASP A 70 6.55 2.95 3.85
C ASP A 70 6.99 3.56 5.17
N GLY A 71 6.09 3.54 6.16
CA GLY A 71 6.37 4.06 7.49
C GLY A 71 6.13 5.56 7.60
N ARG A 72 5.46 6.18 6.61
CA ARG A 72 5.21 7.62 6.63
C ARG A 72 3.88 7.93 7.29
N MET A 73 3.68 9.18 7.70
CA MET A 73 2.43 9.62 8.29
C MET A 73 1.56 10.33 7.27
N ILE A 74 0.26 10.01 7.29
CA ILE A 74 -0.76 10.64 6.47
C ILE A 74 -2.03 10.77 7.29
N ALA A 75 -2.69 11.92 7.22
CA ALA A 75 -3.91 12.24 7.94
C ALA A 75 -3.81 12.06 9.46
N GLY A 76 -2.62 11.83 10.01
CA GLY A 76 -2.41 11.74 11.46
C GLY A 76 -2.03 10.34 11.96
N GLN A 77 -1.89 9.37 11.06
CA GLN A 77 -1.46 8.01 11.40
C GLN A 77 -0.52 7.49 10.33
N VAL A 78 0.22 6.43 10.67
CA VAL A 78 1.20 5.83 9.78
C VAL A 78 0.58 4.66 9.03
N LEU A 79 1.10 4.39 7.84
CA LEU A 79 0.64 3.32 6.97
C LEU A 79 1.78 2.36 6.67
N ASP A 80 1.43 1.07 6.60
CA ASP A 80 2.38 0.01 6.34
C ASP A 80 2.31 -0.36 4.86
N ILE A 81 3.34 0.02 4.11
CA ILE A 81 3.37 -0.19 2.67
C ILE A 81 4.32 -1.32 2.34
N ASN A 82 3.94 -2.17 1.38
CA ASN A 82 4.71 -3.35 1.02
C ASN A 82 4.39 -3.76 -0.41
N LEU A 83 5.22 -4.63 -1.00
CA LEU A 83 4.90 -5.22 -2.29
C LEU A 83 3.66 -6.09 -2.13
N ALA A 84 2.96 -6.37 -3.22
CA ALA A 84 1.72 -7.13 -3.15
C ALA A 84 1.94 -8.64 -3.07
N ALA A 85 3.20 -9.10 -3.14
CA ALA A 85 3.53 -10.52 -3.13
C ALA A 85 4.67 -10.82 -2.17
N GLU A 86 5.03 -9.87 -1.30
CA GLU A 86 6.15 -10.05 -0.38
C GLU A 86 5.83 -9.58 1.05
N PRO A 87 4.68 -9.96 1.62
CA PRO A 87 4.29 -9.53 2.96
C PRO A 87 5.22 -10.11 4.01
N LYS A 88 5.49 -9.32 5.06
CA LYS A 88 6.39 -9.70 6.14
C LYS A 88 5.76 -9.38 7.51
N VAL A 89 4.51 -8.92 7.51
CA VAL A 89 3.81 -8.53 8.72
C VAL A 89 2.64 -9.47 8.96
N ASN A 90 2.25 -9.63 10.23
CA ASN A 90 1.23 -10.57 10.65
C ASN A 90 -0.18 -10.07 10.33
N ARG A 91 -0.28 -8.90 9.67
CA ARG A 91 -1.55 -8.23 9.39
C ARG A 91 -2.41 -8.15 10.64
N GLY A 92 -1.83 -7.63 11.73
CA GLY A 92 -2.48 -7.49 13.02
C GLY A 92 -3.53 -6.39 13.04
N LYS A 93 -3.86 -5.81 11.88
CA LYS A 93 -4.87 -4.78 11.67
C LYS A 93 -4.66 -3.48 12.45
N ALA A 94 -3.65 -3.42 13.33
CA ALA A 94 -3.32 -2.20 14.06
C ALA A 94 -1.88 -2.22 14.57
N GLY A 95 -1.30 -3.41 14.77
CA GLY A 95 0.05 -3.56 15.28
C GLY A 95 0.11 -3.38 16.79
N VAL A 96 -1.04 -3.10 17.41
CA VAL A 96 -1.16 -2.91 18.85
C VAL A 96 -1.74 -4.15 19.51
N LYS A 97 -2.52 -4.93 18.74
CA LYS A 97 -3.15 -6.14 19.25
C LYS A 97 -2.13 -7.26 19.35
N ARG A 98 -2.44 -8.27 20.17
CA ARG A 98 -1.57 -9.42 20.41
C ARG A 98 -1.61 -10.39 19.25
N SER A 99 -0.63 -11.30 19.20
CA SER A 99 -0.54 -12.34 18.19
C SER A 99 -1.66 -13.36 18.38
N ALA A 100 -2.01 -14.10 17.34
CA ALA A 100 -3.10 -15.06 17.43
C ALA A 100 -2.77 -16.22 18.37
N ALA A 101 -1.52 -16.30 18.83
CA ALA A 101 -1.08 -17.30 19.80
C ALA A 101 -1.03 -16.71 21.21
N GLU A 102 -1.25 -15.40 21.33
CA GLU A 102 -1.20 -14.69 22.61
C GLU A 102 -2.48 -13.87 22.82
N MET A 103 -3.48 -14.04 21.95
CA MET A 103 -4.73 -13.31 22.04
C MET A 103 -5.56 -13.77 23.24
N TYR A 104 -5.31 -14.97 23.74
CA TYR A 104 -6.07 -15.53 24.86
C TYR A 104 -5.19 -16.29 25.85
N GLY A 105 -3.93 -16.57 25.46
CA GLY A 105 -2.99 -17.29 26.29
C GLY A 105 -3.41 -18.76 26.46
N ALA A 1 -5.88 6.76 -14.23
CA ALA A 1 -5.45 5.35 -14.17
C ALA A 1 -6.65 4.41 -14.36
N SER A 2 -6.39 3.10 -14.48
CA SER A 2 -7.40 2.13 -14.89
C SER A 2 -8.34 1.67 -13.75
N ASN A 3 -8.19 2.21 -12.54
CA ASN A 3 -9.06 1.88 -11.41
C ASN A 3 -9.15 0.37 -11.15
N VAL A 4 -8.09 -0.37 -11.45
CA VAL A 4 -8.05 -1.81 -11.27
C VAL A 4 -6.67 -2.22 -10.79
N THR A 5 -6.62 -3.13 -9.80
CA THR A 5 -5.36 -3.52 -9.17
C THR A 5 -5.38 -4.98 -8.71
N ASN A 6 -6.38 -5.77 -9.10
CA ASN A 6 -6.51 -7.15 -8.63
C ASN A 6 -6.00 -8.16 -9.65
N LYS A 7 -5.09 -7.75 -10.55
CA LYS A 7 -4.49 -8.65 -11.53
C LYS A 7 -3.48 -9.56 -10.83
N THR A 8 -3.17 -10.70 -11.46
CA THR A 8 -2.30 -11.70 -10.84
C THR A 8 -1.20 -12.15 -11.80
N ASP A 9 -0.79 -11.26 -12.71
CA ASP A 9 0.27 -11.56 -13.67
C ASP A 9 1.62 -11.63 -12.96
N PRO A 10 2.58 -12.38 -13.51
CA PRO A 10 3.89 -12.61 -12.91
C PRO A 10 4.74 -11.34 -12.82
N ARG A 11 4.25 -10.21 -13.36
CA ARG A 11 4.96 -8.95 -13.29
C ARG A 11 4.07 -7.81 -12.76
N SER A 12 2.79 -8.08 -12.53
CA SER A 12 1.90 -7.09 -11.94
C SER A 12 1.78 -7.28 -10.44
N MET A 13 1.94 -8.53 -9.97
CA MET A 13 1.89 -8.85 -8.55
C MET A 13 3.08 -8.28 -7.79
N ASN A 14 4.18 -8.01 -8.50
CA ASN A 14 5.38 -7.41 -7.91
C ASN A 14 5.56 -5.97 -8.40
N SER A 15 4.60 -5.47 -9.17
CA SER A 15 4.54 -4.08 -9.60
C SER A 15 3.44 -3.35 -8.83
N ARG A 16 2.81 -4.05 -7.86
CA ARG A 16 1.69 -3.51 -7.12
C ARG A 16 2.08 -3.23 -5.68
N VAL A 17 1.44 -2.23 -5.09
CA VAL A 17 1.71 -1.76 -3.75
C VAL A 17 0.51 -2.04 -2.85
N PHE A 18 0.76 -2.61 -1.68
CA PHE A 18 -0.24 -2.80 -0.65
C PHE A 18 -0.05 -1.69 0.38
N ILE A 19 -1.13 -1.00 0.75
CA ILE A 19 -1.06 0.12 1.69
C ILE A 19 -2.01 -0.17 2.85
N GLY A 20 -1.46 -0.76 3.92
CA GLY A 20 -2.25 -1.15 5.07
C GLY A 20 -2.19 -0.12 6.21
N ASN A 21 -3.00 -0.36 7.25
CA ASN A 21 -3.12 0.48 8.43
C ASN A 21 -3.47 1.94 8.08
N LEU A 22 -3.93 2.19 6.86
CA LEU A 22 -4.26 3.52 6.39
C LEU A 22 -5.51 4.05 7.11
N ASN A 23 -5.62 5.37 7.25
CA ASN A 23 -6.72 5.98 7.98
C ASN A 23 -8.05 5.71 7.28
N THR A 24 -8.05 5.81 5.95
CA THR A 24 -9.17 5.57 5.04
C THR A 24 -10.47 6.30 5.33
N LEU A 25 -10.57 7.07 6.42
CA LEU A 25 -11.80 7.82 6.69
C LEU A 25 -11.70 9.26 6.18
N VAL A 26 -10.50 9.68 5.78
CA VAL A 26 -10.27 11.04 5.30
C VAL A 26 -9.50 11.02 3.98
N VAL A 27 -8.88 9.89 3.63
CA VAL A 27 -8.19 9.74 2.35
C VAL A 27 -9.20 9.29 1.30
N LYS A 28 -8.87 9.51 0.03
CA LYS A 28 -9.72 9.08 -1.09
C LYS A 28 -8.84 8.57 -2.22
N LYS A 29 -9.47 7.99 -3.24
CA LYS A 29 -8.73 7.48 -4.39
C LYS A 29 -7.95 8.60 -5.07
N SER A 30 -8.49 9.83 -5.04
CA SER A 30 -7.88 10.98 -5.67
C SER A 30 -6.70 11.50 -4.85
N ASP A 31 -6.53 10.95 -3.64
CA ASP A 31 -5.40 11.28 -2.79
C ASP A 31 -4.31 10.22 -2.93
N VAL A 32 -4.69 8.94 -3.00
CA VAL A 32 -3.71 7.87 -3.10
C VAL A 32 -3.04 7.89 -4.47
N GLU A 33 -3.78 8.25 -5.53
CA GLU A 33 -3.18 8.41 -6.84
C GLU A 33 -2.38 9.71 -6.96
N ALA A 34 -2.31 10.47 -5.87
CA ALA A 34 -1.56 11.73 -5.82
C ALA A 34 -0.40 11.65 -4.82
N ILE A 35 -0.36 10.58 -4.02
CA ILE A 35 0.70 10.38 -3.02
C ILE A 35 1.70 9.34 -3.52
N PHE A 36 1.30 8.48 -4.45
CA PHE A 36 2.17 7.42 -4.97
C PHE A 36 2.57 7.69 -6.43
N SER A 37 1.96 8.69 -7.07
CA SER A 37 2.28 9.03 -8.45
C SER A 37 3.60 9.80 -8.55
N LYS A 38 4.23 10.13 -7.41
CA LYS A 38 5.51 10.82 -7.38
C LYS A 38 6.68 9.83 -7.32
N TYR A 39 6.37 8.53 -7.22
CA TYR A 39 7.36 7.47 -7.15
C TYR A 39 7.27 6.52 -8.34
N GLY A 40 6.28 6.71 -9.21
CA GLY A 40 6.13 5.88 -10.38
C GLY A 40 4.84 6.17 -11.14
N LYS A 41 4.70 5.60 -12.34
CA LYS A 41 3.51 5.76 -13.16
C LYS A 41 2.44 4.79 -12.69
N ILE A 42 1.33 5.31 -12.17
CA ILE A 42 0.21 4.50 -11.75
C ILE A 42 -0.68 4.24 -12.96
N VAL A 43 -0.97 2.98 -13.23
CA VAL A 43 -1.84 2.57 -14.33
C VAL A 43 -3.11 1.91 -13.81
N GLY A 44 -3.24 1.85 -12.48
CA GLY A 44 -4.43 1.37 -11.82
C GLY A 44 -4.32 1.66 -10.33
N CYS A 45 -5.42 2.02 -9.67
CA CYS A 45 -5.39 2.31 -8.24
C CYS A 45 -6.79 2.19 -7.66
N SER A 46 -6.87 1.88 -6.36
CA SER A 46 -8.13 1.75 -5.65
C SER A 46 -7.90 1.95 -4.15
N VAL A 47 -8.97 2.27 -3.43
CA VAL A 47 -8.90 2.52 -2.00
C VAL A 47 -10.07 1.83 -1.31
N HIS A 48 -9.84 1.37 -0.08
CA HIS A 48 -10.81 0.61 0.68
C HIS A 48 -10.76 1.05 2.15
N LYS A 49 -11.54 0.40 3.01
CA LYS A 49 -11.46 0.67 4.44
C LYS A 49 -10.30 -0.08 5.05
N GLY A 50 -9.46 0.62 5.82
CA GLY A 50 -8.29 0.06 6.49
C GLY A 50 -7.08 -0.15 5.57
N PHE A 51 -7.27 -0.17 4.24
CA PHE A 51 -6.17 -0.37 3.32
C PHE A 51 -6.45 0.24 1.95
N ALA A 52 -5.44 0.29 1.09
CA ALA A 52 -5.56 0.79 -0.27
C ALA A 52 -4.60 0.05 -1.20
N PHE A 53 -4.75 0.24 -2.51
CA PHE A 53 -3.91 -0.43 -3.50
C PHE A 53 -3.50 0.51 -4.64
N VAL A 54 -2.28 0.28 -5.15
CA VAL A 54 -1.74 1.04 -6.28
C VAL A 54 -0.96 0.09 -7.18
N GLN A 55 -1.33 0.05 -8.46
CA GLN A 55 -0.70 -0.80 -9.46
C GLN A 55 0.17 0.07 -10.37
N TYR A 56 1.48 -0.22 -10.41
CA TYR A 56 2.41 0.50 -11.27
C TYR A 56 2.60 -0.24 -12.59
N VAL A 57 3.54 0.25 -13.42
CA VAL A 57 3.84 -0.34 -14.72
C VAL A 57 4.88 -1.47 -14.59
N ASN A 58 5.75 -1.38 -13.58
CA ASN A 58 6.83 -2.35 -13.38
C ASN A 58 7.18 -2.50 -11.90
N GLU A 59 8.06 -3.46 -11.59
CA GLU A 59 8.46 -3.77 -10.23
C GLU A 59 9.29 -2.64 -9.63
N ARG A 60 10.13 -2.01 -10.45
CA ARG A 60 11.02 -0.94 -10.03
C ARG A 60 10.22 0.20 -9.41
N ASN A 61 9.06 0.52 -9.99
CA ASN A 61 8.20 1.58 -9.49
C ASN A 61 7.60 1.19 -8.14
N ALA A 62 7.32 -0.10 -7.93
CA ALA A 62 6.75 -0.55 -6.67
C ALA A 62 7.78 -0.47 -5.56
N ARG A 63 9.03 -0.87 -5.83
CA ARG A 63 10.08 -0.80 -4.82
C ARG A 63 10.35 0.65 -4.46
N ALA A 64 10.05 1.58 -5.38
CA ALA A 64 10.29 2.99 -5.17
C ALA A 64 9.35 3.56 -4.10
N ALA A 65 8.07 3.18 -4.14
CA ALA A 65 7.13 3.69 -3.15
C ALA A 65 7.03 2.79 -1.93
N VAL A 66 7.32 1.49 -2.09
CA VAL A 66 7.30 0.55 -0.98
C VAL A 66 8.49 0.82 -0.04
N ALA A 67 9.53 1.48 -0.54
CA ALA A 67 10.65 1.91 0.29
C ALA A 67 10.67 3.43 0.45
N GLY A 68 9.87 4.16 -0.33
CA GLY A 68 9.86 5.62 -0.28
C GLY A 68 8.78 6.20 0.65
N GLU A 69 7.64 5.54 0.77
CA GLU A 69 6.51 6.04 1.56
C GLU A 69 6.21 5.14 2.77
N ASP A 70 6.78 3.93 2.83
CA ASP A 70 6.49 3.03 3.93
C ASP A 70 6.89 3.66 5.26
N GLY A 71 5.97 3.64 6.23
CA GLY A 71 6.20 4.18 7.56
C GLY A 71 5.94 5.69 7.64
N ARG A 72 5.30 6.28 6.62
CA ARG A 72 5.03 7.72 6.62
C ARG A 72 3.68 8.01 7.26
N MET A 73 3.47 9.27 7.67
CA MET A 73 2.20 9.69 8.23
C MET A 73 1.35 10.40 7.17
N ILE A 74 0.06 10.09 7.16
CA ILE A 74 -0.94 10.72 6.31
C ILE A 74 -2.23 10.83 7.11
N ALA A 75 -2.90 11.99 7.03
CA ALA A 75 -4.14 12.26 7.75
C ALA A 75 -4.08 12.01 9.27
N GLY A 76 -2.87 11.88 9.85
CA GLY A 76 -2.70 11.72 11.28
C GLY A 76 -2.41 10.29 11.71
N GLN A 77 -2.31 9.36 10.75
CA GLN A 77 -1.97 7.97 11.04
C GLN A 77 -0.86 7.51 10.10
N VAL A 78 -0.10 6.49 10.53
CA VAL A 78 0.95 5.90 9.70
C VAL A 78 0.39 4.69 8.97
N LEU A 79 0.92 4.44 7.77
CA LEU A 79 0.49 3.36 6.91
C LEU A 79 1.67 2.43 6.65
N ASP A 80 1.37 1.13 6.64
CA ASP A 80 2.36 0.10 6.44
C ASP A 80 2.32 -0.33 4.97
N ILE A 81 3.34 0.06 4.21
CA ILE A 81 3.38 -0.18 2.78
C ILE A 81 4.34 -1.33 2.48
N ASN A 82 3.95 -2.20 1.54
CA ASN A 82 4.73 -3.37 1.19
C ASN A 82 4.40 -3.80 -0.25
N LEU A 83 5.23 -4.64 -0.85
CA LEU A 83 4.91 -5.19 -2.15
C LEU A 83 3.66 -6.07 -2.00
N ALA A 84 2.89 -6.23 -3.07
CA ALA A 84 1.64 -6.98 -3.02
C ALA A 84 1.86 -8.50 -3.07
N ALA A 85 3.10 -8.95 -3.20
CA ALA A 85 3.42 -10.36 -3.29
C ALA A 85 4.55 -10.76 -2.33
N GLU A 86 4.94 -9.85 -1.42
CA GLU A 86 6.03 -10.11 -0.49
C GLU A 86 5.69 -9.71 0.94
N PRO A 87 4.53 -10.10 1.47
CA PRO A 87 4.11 -9.72 2.81
C PRO A 87 5.02 -10.34 3.86
N LYS A 88 5.40 -9.54 4.86
CA LYS A 88 6.19 -9.97 6.00
C LYS A 88 5.53 -9.53 7.31
N VAL A 89 4.43 -8.78 7.19
CA VAL A 89 3.66 -8.30 8.33
C VAL A 89 2.62 -9.34 8.72
N ASN A 90 2.18 -9.30 9.98
CA ASN A 90 1.26 -10.28 10.53
C ASN A 90 -0.20 -9.90 10.26
N ARG A 91 -0.43 -8.79 9.56
CA ARG A 91 -1.76 -8.23 9.34
C ARG A 91 -2.52 -8.13 10.66
N GLY A 92 -1.81 -7.72 11.71
CA GLY A 92 -2.31 -7.65 13.07
C GLY A 92 -3.23 -6.47 13.34
N LYS A 93 -3.68 -5.79 12.27
CA LYS A 93 -4.58 -4.64 12.34
C LYS A 93 -4.05 -3.46 13.16
N ALA A 94 -2.80 -3.54 13.64
CA ALA A 94 -2.16 -2.45 14.36
C ALA A 94 -0.64 -2.61 14.28
N GLY A 95 0.07 -1.49 14.29
CA GLY A 95 1.53 -1.49 14.26
C GLY A 95 2.13 -1.83 15.63
N VAL A 96 1.26 -2.05 16.62
CA VAL A 96 1.65 -2.35 17.99
C VAL A 96 2.01 -3.83 18.15
N LYS A 97 1.53 -4.65 17.22
CA LYS A 97 1.74 -6.10 17.27
C LYS A 97 3.18 -6.47 16.98
N ARG A 98 3.62 -7.60 17.55
CA ARG A 98 4.97 -8.13 17.35
C ARG A 98 4.96 -9.11 16.17
N SER A 99 6.16 -9.44 15.68
CA SER A 99 6.32 -10.44 14.64
C SER A 99 6.14 -11.82 15.25
N ALA A 100 5.68 -12.80 14.46
CA ALA A 100 5.47 -14.14 14.97
C ALA A 100 6.79 -14.84 15.33
N ALA A 101 7.92 -14.18 15.03
CA ALA A 101 9.25 -14.68 15.37
C ALA A 101 9.81 -13.93 16.58
N GLU A 102 9.11 -12.90 17.06
CA GLU A 102 9.50 -12.09 18.19
C GLU A 102 8.36 -11.96 19.21
N MET A 103 7.29 -12.72 18.99
CA MET A 103 6.09 -12.69 19.83
C MET A 103 6.21 -13.71 20.96
N TYR A 104 5.40 -13.49 22.00
CA TYR A 104 5.42 -14.22 23.27
C TYR A 104 5.01 -15.68 23.13
N GLY A 105 4.40 -16.03 21.98
CA GLY A 105 3.94 -17.38 21.70
C GLY A 105 2.75 -17.76 22.58
N ALA A 1 -5.60 7.72 -13.22
CA ALA A 1 -5.29 6.33 -13.60
C ALA A 1 -6.53 5.44 -13.49
N SER A 2 -6.42 4.21 -13.99
CA SER A 2 -7.50 3.23 -13.98
C SER A 2 -7.91 2.86 -12.55
N ASN A 3 -8.98 2.09 -12.41
CA ASN A 3 -9.54 1.73 -11.11
C ASN A 3 -9.32 0.27 -10.75
N VAL A 4 -8.41 -0.43 -11.45
CA VAL A 4 -8.23 -1.87 -11.27
C VAL A 4 -6.80 -2.16 -10.81
N THR A 5 -6.67 -3.07 -9.84
CA THR A 5 -5.38 -3.43 -9.26
C THR A 5 -5.31 -4.91 -8.86
N ASN A 6 -6.37 -5.69 -9.10
CA ASN A 6 -6.45 -7.07 -8.66
C ASN A 6 -5.83 -8.04 -9.68
N LYS A 7 -4.80 -7.60 -10.38
CA LYS A 7 -4.09 -8.44 -11.34
C LYS A 7 -3.12 -9.34 -10.59
N THR A 8 -2.87 -10.53 -11.12
CA THR A 8 -2.09 -11.56 -10.45
C THR A 8 -1.01 -12.15 -11.36
N ASP A 9 -0.66 -11.46 -12.44
CA ASP A 9 0.36 -11.91 -13.36
C ASP A 9 1.73 -11.94 -12.69
N PRO A 10 2.67 -12.72 -13.22
CA PRO A 10 3.97 -12.95 -12.61
C PRO A 10 4.82 -11.69 -12.48
N ARG A 11 4.41 -10.59 -13.11
CA ARG A 11 5.11 -9.31 -13.02
C ARG A 11 4.19 -8.21 -12.47
N SER A 12 2.89 -8.52 -12.33
CA SER A 12 1.92 -7.60 -11.77
C SER A 12 1.76 -7.84 -10.27
N MET A 13 2.16 -9.02 -9.80
CA MET A 13 2.16 -9.35 -8.38
C MET A 13 3.27 -8.61 -7.64
N ASN A 14 4.19 -8.01 -8.40
CA ASN A 14 5.33 -7.29 -7.84
C ASN A 14 5.44 -5.87 -8.37
N SER A 15 4.51 -5.45 -9.24
CA SER A 15 4.43 -4.07 -9.72
C SER A 15 3.32 -3.32 -9.00
N ARG A 16 2.73 -3.95 -7.98
CA ARG A 16 1.66 -3.37 -7.18
C ARG A 16 2.18 -2.93 -5.82
N VAL A 17 1.35 -2.17 -5.10
CA VAL A 17 1.66 -1.69 -3.77
C VAL A 17 0.48 -1.94 -2.85
N PHE A 18 0.73 -2.59 -1.72
CA PHE A 18 -0.26 -2.78 -0.66
C PHE A 18 -0.06 -1.65 0.35
N ILE A 19 -1.14 -0.98 0.76
CA ILE A 19 -1.07 0.15 1.67
C ILE A 19 -2.02 -0.11 2.83
N GLY A 20 -1.52 -0.76 3.88
CA GLY A 20 -2.32 -1.13 5.03
C GLY A 20 -2.30 -0.07 6.13
N ASN A 21 -3.15 -0.27 7.14
CA ASN A 21 -3.28 0.58 8.31
C ASN A 21 -3.60 2.04 7.94
N LEU A 22 -4.08 2.28 6.72
CA LEU A 22 -4.38 3.62 6.24
C LEU A 22 -5.63 4.16 6.96
N ASN A 23 -5.73 5.48 7.10
CA ASN A 23 -6.82 6.11 7.82
C ASN A 23 -8.17 5.88 7.14
N THR A 24 -8.17 5.98 5.80
CA THR A 24 -9.31 5.75 4.91
C THR A 24 -10.60 6.50 5.23
N LEU A 25 -10.65 7.33 6.29
CA LEU A 25 -11.83 8.14 6.56
C LEU A 25 -11.70 9.53 5.95
N VAL A 26 -10.48 9.89 5.52
CA VAL A 26 -10.20 11.21 4.97
C VAL A 26 -9.44 11.09 3.64
N VAL A 27 -8.90 9.91 3.33
CA VAL A 27 -8.23 9.69 2.06
C VAL A 27 -9.28 9.28 1.03
N LYS A 28 -8.98 9.49 -0.25
CA LYS A 28 -9.85 9.10 -1.36
C LYS A 28 -8.99 8.52 -2.48
N LYS A 29 -9.63 7.98 -3.52
CA LYS A 29 -8.89 7.38 -4.63
C LYS A 29 -7.98 8.42 -5.27
N SER A 30 -8.44 9.67 -5.33
CA SER A 30 -7.72 10.75 -5.98
C SER A 30 -6.57 11.25 -5.11
N ASP A 31 -6.47 10.74 -3.88
CA ASP A 31 -5.37 11.06 -2.99
C ASP A 31 -4.31 9.97 -3.10
N VAL A 32 -4.71 8.69 -3.17
CA VAL A 32 -3.74 7.61 -3.25
C VAL A 32 -3.00 7.66 -4.59
N GLU A 33 -3.71 7.98 -5.68
CA GLU A 33 -3.07 8.12 -6.98
C GLU A 33 -2.36 9.48 -7.12
N ALA A 34 -2.28 10.25 -6.03
CA ALA A 34 -1.60 11.53 -6.00
C ALA A 34 -0.47 11.56 -4.98
N ILE A 35 -0.39 10.53 -4.13
CA ILE A 35 0.66 10.40 -3.13
C ILE A 35 1.70 9.38 -3.58
N PHE A 36 1.32 8.48 -4.50
CA PHE A 36 2.21 7.44 -5.00
C PHE A 36 2.64 7.72 -6.45
N SER A 37 1.98 8.68 -7.11
CA SER A 37 2.33 9.03 -8.49
C SER A 37 3.65 9.80 -8.54
N LYS A 38 4.17 10.19 -7.36
CA LYS A 38 5.43 10.89 -7.23
C LYS A 38 6.61 9.92 -7.08
N TYR A 39 6.33 8.62 -7.12
CA TYR A 39 7.35 7.58 -7.01
C TYR A 39 7.34 6.66 -8.24
N GLY A 40 6.38 6.84 -9.14
CA GLY A 40 6.27 6.02 -10.33
C GLY A 40 5.01 6.31 -11.12
N LYS A 41 4.93 5.77 -12.35
CA LYS A 41 3.77 5.93 -13.21
C LYS A 41 2.68 4.97 -12.76
N ILE A 42 1.57 5.51 -12.25
CA ILE A 42 0.42 4.71 -11.85
C ILE A 42 -0.47 4.50 -13.07
N VAL A 43 -0.84 3.24 -13.32
CA VAL A 43 -1.73 2.87 -14.41
C VAL A 43 -2.99 2.21 -13.87
N GLY A 44 -3.13 2.19 -12.54
CA GLY A 44 -4.32 1.70 -11.87
C GLY A 44 -4.24 1.98 -10.38
N CYS A 45 -5.38 2.26 -9.74
CA CYS A 45 -5.41 2.55 -8.32
C CYS A 45 -6.79 2.24 -7.73
N SER A 46 -6.82 1.82 -6.48
CA SER A 46 -8.06 1.57 -5.76
C SER A 46 -7.85 1.86 -4.28
N VAL A 47 -8.94 2.12 -3.55
CA VAL A 47 -8.86 2.42 -2.13
C VAL A 47 -10.08 1.84 -1.42
N HIS A 48 -9.85 1.39 -0.18
CA HIS A 48 -10.84 0.67 0.61
C HIS A 48 -10.78 1.17 2.04
N LYS A 49 -11.45 0.52 2.99
CA LYS A 49 -11.33 0.88 4.39
C LYS A 49 -10.14 0.15 5.01
N GLY A 50 -9.33 0.90 5.76
CA GLY A 50 -8.15 0.38 6.43
C GLY A 50 -6.97 0.11 5.49
N PHE A 51 -7.20 0.05 4.17
CA PHE A 51 -6.13 -0.18 3.22
C PHE A 51 -6.45 0.40 1.84
N ALA A 52 -5.44 0.41 0.97
CA ALA A 52 -5.56 0.82 -0.41
C ALA A 52 -4.59 0.04 -1.29
N PHE A 53 -4.75 0.13 -2.61
CA PHE A 53 -3.92 -0.57 -3.56
C PHE A 53 -3.55 0.32 -4.74
N VAL A 54 -2.35 0.10 -5.29
CA VAL A 54 -1.86 0.85 -6.44
C VAL A 54 -1.23 -0.11 -7.42
N GLN A 55 -1.33 0.21 -8.72
CA GLN A 55 -0.80 -0.59 -9.79
C GLN A 55 0.15 0.27 -10.65
N TYR A 56 1.44 -0.01 -10.55
CA TYR A 56 2.45 0.67 -11.36
C TYR A 56 2.65 -0.08 -12.67
N VAL A 57 3.59 0.41 -13.49
CA VAL A 57 3.89 -0.20 -14.78
C VAL A 57 4.87 -1.36 -14.62
N ASN A 58 5.68 -1.33 -13.56
CA ASN A 58 6.72 -2.33 -13.33
C ASN A 58 7.05 -2.48 -11.85
N GLU A 59 7.94 -3.43 -11.53
CA GLU A 59 8.34 -3.72 -10.16
C GLU A 59 9.21 -2.61 -9.59
N ARG A 60 10.05 -2.01 -10.42
CA ARG A 60 10.98 -0.96 -9.99
C ARG A 60 10.20 0.20 -9.37
N ASN A 61 9.04 0.54 -9.95
CA ASN A 61 8.21 1.62 -9.45
C ASN A 61 7.60 1.22 -8.09
N ALA A 62 7.27 -0.06 -7.91
CA ALA A 62 6.69 -0.52 -6.66
C ALA A 62 7.73 -0.47 -5.55
N ARG A 63 8.97 -0.88 -5.81
CA ARG A 63 10.02 -0.85 -4.81
C ARG A 63 10.32 0.60 -4.41
N ALA A 64 10.04 1.55 -5.31
CA ALA A 64 10.31 2.95 -5.05
C ALA A 64 9.36 3.50 -3.99
N ALA A 65 8.08 3.15 -4.05
CA ALA A 65 7.12 3.64 -3.08
C ALA A 65 7.01 2.72 -1.86
N VAL A 66 7.30 1.42 -2.04
CA VAL A 66 7.27 0.47 -0.95
C VAL A 66 8.45 0.68 0.00
N ALA A 67 9.51 1.32 -0.47
CA ALA A 67 10.64 1.71 0.37
C ALA A 67 10.71 3.23 0.57
N GLY A 68 9.91 4.00 -0.19
CA GLY A 68 9.92 5.45 -0.11
C GLY A 68 8.84 6.02 0.81
N GLU A 69 7.64 5.45 0.79
CA GLU A 69 6.51 5.96 1.56
C GLU A 69 6.20 5.09 2.78
N ASP A 70 6.76 3.87 2.85
CA ASP A 70 6.45 2.99 3.96
C ASP A 70 6.84 3.63 5.28
N GLY A 71 5.90 3.64 6.24
CA GLY A 71 6.13 4.19 7.57
C GLY A 71 5.87 5.70 7.63
N ARG A 72 5.24 6.28 6.61
CA ARG A 72 4.97 7.72 6.59
C ARG A 72 3.61 8.03 7.20
N MET A 73 3.40 9.28 7.61
CA MET A 73 2.12 9.71 8.14
C MET A 73 1.30 10.41 7.06
N ILE A 74 0.00 10.10 7.05
CA ILE A 74 -0.99 10.72 6.17
C ILE A 74 -2.29 10.86 6.96
N ALA A 75 -2.93 12.03 6.87
CA ALA A 75 -4.18 12.32 7.54
C ALA A 75 -4.16 12.06 9.05
N GLY A 76 -2.97 11.92 9.67
CA GLY A 76 -2.84 11.77 11.11
C GLY A 76 -2.56 10.34 11.54
N GLN A 77 -2.44 9.40 10.60
CA GLN A 77 -2.09 8.02 10.91
C GLN A 77 -0.96 7.55 9.99
N VAL A 78 -0.21 6.54 10.43
CA VAL A 78 0.84 5.94 9.63
C VAL A 78 0.30 4.72 8.90
N LEU A 79 0.84 4.47 7.71
CA LEU A 79 0.41 3.37 6.86
C LEU A 79 1.58 2.43 6.62
N ASP A 80 1.27 1.14 6.60
CA ASP A 80 2.26 0.08 6.43
C ASP A 80 2.23 -0.34 4.96
N ILE A 81 3.26 0.05 4.21
CA ILE A 81 3.31 -0.20 2.78
C ILE A 81 4.27 -1.36 2.49
N ASN A 82 3.88 -2.22 1.55
CA ASN A 82 4.65 -3.41 1.21
C ASN A 82 4.33 -3.83 -0.22
N LEU A 83 5.15 -4.71 -0.80
CA LEU A 83 4.82 -5.29 -2.10
C LEU A 83 3.57 -6.16 -1.93
N ALA A 84 2.85 -6.41 -3.01
CA ALA A 84 1.59 -7.14 -2.94
C ALA A 84 1.79 -8.66 -2.94
N ALA A 85 3.03 -9.14 -3.04
CA ALA A 85 3.34 -10.55 -3.06
C ALA A 85 4.45 -10.91 -2.08
N GLU A 86 4.78 -9.98 -1.17
CA GLU A 86 5.86 -10.19 -0.22
C GLU A 86 5.45 -9.87 1.22
N PRO A 87 4.31 -10.38 1.71
CA PRO A 87 3.82 -10.13 3.05
C PRO A 87 4.68 -10.82 4.11
N LYS A 88 5.91 -10.30 4.31
CA LYS A 88 6.80 -10.76 5.37
C LYS A 88 6.36 -10.17 6.71
N VAL A 89 5.42 -9.23 6.66
CA VAL A 89 4.81 -8.61 7.84
C VAL A 89 3.63 -9.46 8.31
N ASN A 90 3.29 -9.37 9.59
CA ASN A 90 2.27 -10.20 10.20
C ASN A 90 0.88 -9.60 10.00
N ARG A 91 0.80 -8.46 9.32
CA ARG A 91 -0.39 -7.62 9.20
C ARG A 91 -0.92 -7.22 10.58
N GLY A 92 -1.62 -8.14 11.24
CA GLY A 92 -2.09 -7.96 12.61
C GLY A 92 -3.23 -6.95 12.75
N LYS A 93 -3.62 -6.30 11.64
CA LYS A 93 -4.68 -5.29 11.61
C LYS A 93 -4.45 -4.13 12.60
N ALA A 94 -3.26 -4.04 13.20
CA ALA A 94 -2.93 -2.97 14.14
C ALA A 94 -1.43 -2.71 14.19
N GLY A 95 -0.60 -3.63 13.67
CA GLY A 95 0.84 -3.47 13.66
C GLY A 95 1.46 -3.72 15.03
N VAL A 96 0.67 -4.22 15.98
CA VAL A 96 1.10 -4.47 17.34
C VAL A 96 1.85 -5.80 17.44
N LYS A 97 1.64 -6.69 16.48
CA LYS A 97 2.29 -8.00 16.47
C LYS A 97 3.79 -7.87 16.28
N ARG A 98 4.55 -8.80 16.84
CA ARG A 98 6.00 -8.84 16.74
C ARG A 98 6.44 -9.70 15.55
N SER A 99 7.62 -9.42 15.02
CA SER A 99 8.21 -10.20 13.94
C SER A 99 8.95 -11.39 14.52
N ALA A 100 9.01 -12.51 13.80
CA ALA A 100 9.64 -13.74 14.28
C ALA A 100 11.16 -13.56 14.45
N ALA A 101 11.69 -12.42 14.03
CA ALA A 101 13.11 -12.10 14.15
C ALA A 101 13.36 -11.06 15.24
N GLU A 102 12.30 -10.46 15.77
CA GLU A 102 12.38 -9.40 16.77
C GLU A 102 11.75 -9.81 18.09
N MET A 103 11.37 -11.09 18.23
CA MET A 103 10.70 -11.56 19.43
C MET A 103 11.66 -11.61 20.62
N TYR A 104 12.96 -11.77 20.35
CA TYR A 104 13.99 -11.84 21.39
C TYR A 104 15.23 -11.04 21.01
N GLY A 105 15.27 -10.49 19.79
CA GLY A 105 16.38 -9.70 19.29
C GLY A 105 16.49 -8.38 20.06
N ALA A 1 -5.89 7.34 -13.97
CA ALA A 1 -5.44 5.93 -13.99
C ALA A 1 -6.63 4.98 -13.92
N SER A 2 -6.40 3.69 -14.16
CA SER A 2 -7.44 2.67 -14.15
C SER A 2 -7.92 2.37 -12.73
N ASN A 3 -8.91 1.47 -12.61
CA ASN A 3 -9.53 1.10 -11.35
C ASN A 3 -9.33 -0.39 -11.06
N VAL A 4 -8.17 -0.94 -11.44
CA VAL A 4 -7.89 -2.35 -11.20
C VAL A 4 -6.42 -2.57 -10.86
N THR A 5 -6.19 -3.41 -9.85
CA THR A 5 -4.89 -3.73 -9.27
C THR A 5 -4.92 -5.14 -8.67
N ASN A 6 -5.89 -5.98 -9.08
CA ASN A 6 -6.12 -7.28 -8.47
C ASN A 6 -5.81 -8.45 -9.40
N LYS A 7 -5.10 -8.22 -10.50
CA LYS A 7 -4.66 -9.29 -11.40
C LYS A 7 -3.65 -10.17 -10.66
N THR A 8 -3.30 -11.32 -11.23
CA THR A 8 -2.39 -12.26 -10.56
C THR A 8 -1.28 -12.71 -11.50
N ASP A 9 -0.90 -11.86 -12.46
CA ASP A 9 0.17 -12.16 -13.39
C ASP A 9 1.53 -12.11 -12.69
N PRO A 10 2.52 -12.86 -13.21
CA PRO A 10 3.82 -13.04 -12.59
C PRO A 10 4.66 -11.76 -12.53
N ARG A 11 4.20 -10.67 -13.15
CA ARG A 11 4.88 -9.38 -13.06
C ARG A 11 3.96 -8.29 -12.54
N SER A 12 2.65 -8.56 -12.49
CA SER A 12 1.69 -7.60 -11.97
C SER A 12 1.54 -7.73 -10.46
N MET A 13 1.85 -8.91 -9.93
CA MET A 13 1.83 -9.18 -8.49
C MET A 13 3.00 -8.50 -7.79
N ASN A 14 3.99 -8.03 -8.56
CA ASN A 14 5.15 -7.35 -8.02
C ASN A 14 5.34 -5.96 -8.62
N SER A 15 4.36 -5.47 -9.38
CA SER A 15 4.39 -4.12 -9.92
C SER A 15 3.33 -3.24 -9.26
N ARG A 16 2.69 -3.74 -8.20
CA ARG A 16 1.70 -2.97 -7.45
C ARG A 16 2.11 -2.82 -5.99
N VAL A 17 1.38 -1.99 -5.25
CA VAL A 17 1.70 -1.62 -3.88
C VAL A 17 0.52 -1.90 -2.96
N PHE A 18 0.80 -2.50 -1.80
CA PHE A 18 -0.19 -2.67 -0.74
C PHE A 18 -0.01 -1.53 0.26
N ILE A 19 -1.11 -0.97 0.75
CA ILE A 19 -1.08 0.14 1.70
C ILE A 19 -2.05 -0.16 2.83
N GLY A 20 -1.54 -0.72 3.92
CA GLY A 20 -2.35 -1.10 5.07
C GLY A 20 -2.35 -0.05 6.18
N ASN A 21 -3.25 -0.23 7.15
CA ASN A 21 -3.39 0.63 8.33
C ASN A 21 -3.62 2.10 7.95
N LEU A 22 -4.09 2.36 6.74
CA LEU A 22 -4.30 3.70 6.23
C LEU A 22 -5.51 4.35 6.92
N ASN A 23 -5.45 5.68 7.09
CA ASN A 23 -6.58 6.45 7.56
C ASN A 23 -7.53 6.69 6.40
N THR A 24 -8.54 5.85 6.27
CA THR A 24 -9.47 5.86 5.14
C THR A 24 -10.68 6.74 5.41
N LEU A 25 -10.62 7.55 6.48
CA LEU A 25 -11.69 8.45 6.88
C LEU A 25 -11.54 9.81 6.22
N VAL A 26 -10.29 10.21 5.95
CA VAL A 26 -9.99 11.53 5.40
C VAL A 26 -9.27 11.41 4.07
N VAL A 27 -8.69 10.24 3.77
CA VAL A 27 -8.08 9.99 2.48
C VAL A 27 -9.17 9.61 1.48
N LYS A 28 -8.88 9.78 0.19
CA LYS A 28 -9.80 9.42 -0.89
C LYS A 28 -9.00 8.81 -2.03
N LYS A 29 -9.71 8.28 -3.04
CA LYS A 29 -9.04 7.67 -4.19
C LYS A 29 -8.14 8.69 -4.86
N SER A 30 -8.56 9.96 -4.90
CA SER A 30 -7.84 11.02 -5.58
C SER A 30 -6.62 11.45 -4.78
N ASP A 31 -6.48 10.93 -3.55
CA ASP A 31 -5.33 11.20 -2.72
C ASP A 31 -4.30 10.08 -2.86
N VAL A 32 -4.75 8.82 -2.94
CA VAL A 32 -3.81 7.72 -3.06
C VAL A 32 -3.11 7.80 -4.42
N GLU A 33 -3.84 8.16 -5.47
CA GLU A 33 -3.25 8.34 -6.79
C GLU A 33 -2.48 9.66 -6.89
N ALA A 34 -2.35 10.41 -5.79
CA ALA A 34 -1.61 11.66 -5.76
C ALA A 34 -0.44 11.61 -4.77
N ILE A 35 -0.41 10.58 -3.92
CA ILE A 35 0.64 10.40 -2.93
C ILE A 35 1.65 9.35 -3.41
N PHE A 36 1.24 8.51 -4.36
CA PHE A 36 2.10 7.47 -4.91
C PHE A 36 2.49 7.75 -6.36
N SER A 37 1.88 8.76 -7.00
CA SER A 37 2.22 9.14 -8.37
C SER A 37 3.54 9.92 -8.39
N LYS A 38 4.06 10.27 -7.22
CA LYS A 38 5.33 10.98 -7.07
C LYS A 38 6.51 10.01 -6.96
N TYR A 39 6.24 8.70 -7.06
CA TYR A 39 7.27 7.67 -6.99
C TYR A 39 7.23 6.75 -8.21
N GLY A 40 6.27 6.95 -9.11
CA GLY A 40 6.17 6.12 -10.30
C GLY A 40 4.90 6.43 -11.10
N LYS A 41 4.81 5.88 -12.31
CA LYS A 41 3.64 6.05 -13.16
C LYS A 41 2.55 5.09 -12.72
N ILE A 42 1.46 5.63 -12.17
CA ILE A 42 0.32 4.82 -11.78
C ILE A 42 -0.57 4.60 -13.01
N VAL A 43 -0.90 3.35 -13.27
CA VAL A 43 -1.79 2.97 -14.37
C VAL A 43 -3.06 2.31 -13.84
N GLY A 44 -3.16 2.21 -12.51
CA GLY A 44 -4.35 1.68 -11.84
C GLY A 44 -4.27 2.04 -10.36
N CYS A 45 -5.41 2.30 -9.73
CA CYS A 45 -5.44 2.65 -8.32
C CYS A 45 -6.80 2.38 -7.69
N SER A 46 -6.81 2.16 -6.38
CA SER A 46 -8.03 1.96 -5.61
C SER A 46 -7.80 2.26 -4.14
N VAL A 47 -8.89 2.45 -3.40
CA VAL A 47 -8.84 2.69 -1.97
C VAL A 47 -10.05 2.03 -1.31
N HIS A 48 -9.85 1.50 -0.09
CA HIS A 48 -10.83 0.70 0.61
C HIS A 48 -10.89 1.12 2.07
N LYS A 49 -11.52 0.31 2.94
CA LYS A 49 -11.50 0.57 4.37
C LYS A 49 -10.22 0.02 4.98
N GLY A 50 -9.49 0.88 5.69
CA GLY A 50 -8.27 0.52 6.39
C GLY A 50 -7.08 0.22 5.48
N PHE A 51 -7.28 0.09 4.17
CA PHE A 51 -6.19 -0.15 3.23
C PHE A 51 -6.49 0.44 1.86
N ALA A 52 -5.48 0.44 1.00
CA ALA A 52 -5.58 0.89 -0.38
C ALA A 52 -4.60 0.10 -1.26
N PHE A 53 -4.77 0.19 -2.58
CA PHE A 53 -3.91 -0.50 -3.53
C PHE A 53 -3.58 0.41 -4.70
N VAL A 54 -2.35 0.29 -5.22
CA VAL A 54 -1.87 1.10 -6.32
C VAL A 54 -1.13 0.21 -7.31
N GLN A 55 -1.35 0.42 -8.61
CA GLN A 55 -0.77 -0.40 -9.66
C GLN A 55 0.13 0.45 -10.54
N TYR A 56 1.44 0.14 -10.51
CA TYR A 56 2.43 0.81 -11.34
C TYR A 56 2.63 0.05 -12.65
N VAL A 57 3.54 0.55 -13.48
CA VAL A 57 3.82 -0.07 -14.78
C VAL A 57 4.78 -1.24 -14.62
N ASN A 58 5.62 -1.23 -13.57
CA ASN A 58 6.63 -2.25 -13.35
C ASN A 58 6.97 -2.39 -11.87
N GLU A 59 7.87 -3.35 -11.56
CA GLU A 59 8.29 -3.62 -10.20
C GLU A 59 9.17 -2.51 -9.64
N ARG A 60 10.01 -1.91 -10.50
CA ARG A 60 10.94 -0.86 -10.10
C ARG A 60 10.17 0.31 -9.45
N ASN A 61 9.01 0.65 -10.02
CA ASN A 61 8.19 1.73 -9.49
C ASN A 61 7.60 1.33 -8.14
N ALA A 62 7.28 0.05 -7.95
CA ALA A 62 6.73 -0.41 -6.69
C ALA A 62 7.78 -0.33 -5.58
N ARG A 63 9.03 -0.70 -5.86
CA ARG A 63 10.10 -0.62 -4.87
C ARG A 63 10.37 0.84 -4.50
N ALA A 64 10.06 1.77 -5.40
CA ALA A 64 10.27 3.18 -5.14
C ALA A 64 9.32 3.70 -4.06
N ALA A 65 8.05 3.28 -4.11
CA ALA A 65 7.07 3.74 -3.12
C ALA A 65 7.01 2.83 -1.90
N VAL A 66 7.31 1.55 -2.07
CA VAL A 66 7.33 0.58 -0.97
C VAL A 66 8.52 0.87 -0.03
N ALA A 67 9.55 1.54 -0.54
CA ALA A 67 10.67 1.97 0.28
C ALA A 67 10.69 3.49 0.47
N GLY A 68 9.86 4.22 -0.28
CA GLY A 68 9.82 5.67 -0.21
C GLY A 68 8.76 6.20 0.77
N GLU A 69 7.58 5.59 0.78
CA GLU A 69 6.46 6.06 1.59
C GLU A 69 6.19 5.15 2.79
N ASP A 70 6.76 3.95 2.83
CA ASP A 70 6.47 3.03 3.92
C ASP A 70 6.88 3.64 5.26
N GLY A 71 5.95 3.60 6.23
CA GLY A 71 6.20 4.12 7.57
C GLY A 71 5.94 5.62 7.68
N ARG A 72 5.28 6.22 6.68
CA ARG A 72 5.01 7.66 6.70
C ARG A 72 3.66 7.96 7.34
N MET A 73 3.46 9.20 7.78
CA MET A 73 2.19 9.61 8.34
C MET A 73 1.34 10.34 7.30
N ILE A 74 0.04 10.03 7.31
CA ILE A 74 -0.96 10.67 6.45
C ILE A 74 -2.25 10.82 7.27
N ALA A 75 -2.86 11.99 7.21
CA ALA A 75 -4.10 12.29 7.93
C ALA A 75 -4.04 11.99 9.44
N GLY A 76 -2.85 11.83 10.02
CA GLY A 76 -2.69 11.65 11.46
C GLY A 76 -2.35 10.22 11.88
N GLN A 77 -2.26 9.28 10.94
CA GLN A 77 -1.88 7.90 11.23
C GLN A 77 -0.81 7.43 10.24
N VAL A 78 -0.07 6.40 10.63
CA VAL A 78 0.96 5.82 9.77
C VAL A 78 0.38 4.61 9.03
N LEU A 79 0.89 4.39 7.82
CA LEU A 79 0.46 3.32 6.94
C LEU A 79 1.61 2.38 6.67
N ASP A 80 1.29 1.09 6.58
CA ASP A 80 2.25 0.02 6.36
C ASP A 80 2.23 -0.36 4.88
N ILE A 81 3.25 0.06 4.13
CA ILE A 81 3.31 -0.16 2.70
C ILE A 81 4.28 -1.29 2.40
N ASN A 82 3.92 -2.16 1.45
CA ASN A 82 4.71 -3.33 1.13
C ASN A 82 4.42 -3.80 -0.30
N LEU A 83 5.30 -4.64 -0.83
CA LEU A 83 5.07 -5.27 -2.12
C LEU A 83 3.84 -6.18 -1.98
N ALA A 84 3.02 -6.29 -3.03
CA ALA A 84 1.76 -6.99 -2.90
C ALA A 84 1.92 -8.52 -2.95
N ALA A 85 3.14 -9.02 -3.12
CA ALA A 85 3.41 -10.45 -3.15
C ALA A 85 4.55 -10.80 -2.21
N GLU A 86 4.95 -9.88 -1.33
CA GLU A 86 6.08 -10.11 -0.44
C GLU A 86 5.78 -9.72 1.02
N PRO A 87 4.66 -10.16 1.60
CA PRO A 87 4.36 -9.89 2.99
C PRO A 87 5.29 -10.71 3.87
N LYS A 88 5.77 -10.11 4.96
CA LYS A 88 6.70 -10.74 5.89
C LYS A 88 6.17 -10.71 7.32
N VAL A 89 4.95 -10.19 7.49
CA VAL A 89 4.32 -10.05 8.79
C VAL A 89 2.85 -10.43 8.69
N ASN A 90 2.24 -10.77 9.83
CA ASN A 90 0.84 -11.17 9.92
C ASN A 90 -0.09 -9.97 9.76
N ARG A 91 0.49 -8.80 9.51
CA ARG A 91 -0.15 -7.48 9.43
C ARG A 91 -0.80 -7.02 10.73
N GLY A 92 -1.30 -7.97 11.53
CA GLY A 92 -1.81 -7.71 12.87
C GLY A 92 -3.05 -6.81 12.92
N LYS A 93 -3.50 -6.30 11.77
CA LYS A 93 -4.62 -5.37 11.64
C LYS A 93 -4.52 -4.11 12.51
N ALA A 94 -3.39 -3.92 13.21
CA ALA A 94 -3.17 -2.73 14.02
C ALA A 94 -1.68 -2.51 14.30
N GLY A 95 -0.87 -3.58 14.17
CA GLY A 95 0.56 -3.52 14.41
C GLY A 95 0.88 -3.57 15.91
N VAL A 96 -0.15 -3.64 16.75
CA VAL A 96 -0.01 -3.67 18.20
C VAL A 96 -0.50 -4.99 18.78
N LYS A 97 -1.39 -5.68 18.06
CA LYS A 97 -1.95 -6.95 18.51
C LYS A 97 -0.91 -8.05 18.43
N ARG A 98 -1.05 -9.06 19.30
CA ARG A 98 -0.16 -10.21 19.34
C ARG A 98 -0.62 -11.27 18.35
N SER A 99 0.29 -12.19 18.00
CA SER A 99 0.00 -13.30 17.12
C SER A 99 -0.63 -14.42 17.94
N ALA A 100 -1.46 -15.28 17.34
CA ALA A 100 -2.12 -16.34 18.08
C ALA A 100 -1.12 -17.39 18.58
N ALA A 101 0.14 -17.31 18.13
CA ALA A 101 1.22 -18.19 18.58
C ALA A 101 2.01 -17.55 19.71
N GLU A 102 1.74 -16.28 20.01
CA GLU A 102 2.41 -15.53 21.07
C GLU A 102 1.39 -14.91 22.02
N MET A 103 0.11 -15.17 21.79
CA MET A 103 -0.98 -14.62 22.59
C MET A 103 -1.34 -15.54 23.75
N TYR A 104 -0.93 -16.82 23.64
CA TYR A 104 -1.23 -17.83 24.65
C TYR A 104 0.01 -18.63 25.02
N GLY A 105 1.10 -18.46 24.27
CA GLY A 105 2.35 -19.17 24.49
C GLY A 105 2.19 -20.66 24.19
N ALA A 1 -5.61 7.54 -13.78
CA ALA A 1 -5.27 6.09 -13.87
C ALA A 1 -6.54 5.25 -13.85
N SER A 2 -6.40 3.95 -14.14
CA SER A 2 -7.51 3.02 -14.14
C SER A 2 -7.89 2.62 -12.71
N ASN A 3 -8.82 1.67 -12.58
CA ASN A 3 -9.34 1.23 -11.29
C ASN A 3 -9.06 -0.25 -11.03
N VAL A 4 -8.07 -0.83 -11.71
CA VAL A 4 -7.81 -2.26 -11.61
C VAL A 4 -6.42 -2.52 -11.03
N THR A 5 -6.37 -3.38 -10.01
CA THR A 5 -5.14 -3.67 -9.28
C THR A 5 -5.10 -5.10 -8.75
N ASN A 6 -5.96 -6.01 -9.24
CA ASN A 6 -6.08 -7.35 -8.66
C ASN A 6 -5.57 -8.49 -9.55
N LYS A 7 -4.77 -8.19 -10.59
CA LYS A 7 -4.22 -9.23 -11.45
C LYS A 7 -3.21 -10.08 -10.70
N THR A 8 -2.81 -11.22 -11.27
CA THR A 8 -1.92 -12.17 -10.61
C THR A 8 -0.77 -12.60 -11.51
N ASP A 9 -0.45 -11.78 -12.51
CA ASP A 9 0.64 -12.06 -13.44
C ASP A 9 1.99 -12.01 -12.72
N PRO A 10 3.00 -12.73 -13.23
CA PRO A 10 4.30 -12.87 -12.61
C PRO A 10 5.08 -11.57 -12.57
N ARG A 11 4.57 -10.50 -13.19
CA ARG A 11 5.20 -9.18 -13.13
C ARG A 11 4.25 -8.15 -12.54
N SER A 12 2.95 -8.47 -12.46
CA SER A 12 1.96 -7.56 -11.90
C SER A 12 1.83 -7.79 -10.40
N MET A 13 2.30 -8.94 -9.91
CA MET A 13 2.31 -9.26 -8.48
C MET A 13 3.44 -8.54 -7.77
N ASN A 14 4.36 -7.93 -8.53
CA ASN A 14 5.51 -7.21 -7.97
C ASN A 14 5.61 -5.79 -8.51
N SER A 15 4.69 -5.38 -9.40
CA SER A 15 4.60 -4.01 -9.88
C SER A 15 3.48 -3.28 -9.14
N ARG A 16 2.98 -3.90 -8.06
CA ARG A 16 1.85 -3.41 -7.29
C ARG A 16 2.28 -3.01 -5.89
N VAL A 17 1.51 -2.12 -5.26
CA VAL A 17 1.78 -1.64 -3.93
C VAL A 17 0.58 -1.91 -3.03
N PHE A 18 0.83 -2.55 -1.89
CA PHE A 18 -0.17 -2.76 -0.86
C PHE A 18 0.01 -1.64 0.18
N ILE A 19 -1.10 -1.04 0.64
CA ILE A 19 -1.04 0.08 1.58
C ILE A 19 -1.99 -0.22 2.73
N GLY A 20 -1.47 -0.76 3.83
CA GLY A 20 -2.26 -1.13 4.99
C GLY A 20 -2.27 -0.06 6.07
N ASN A 21 -3.16 -0.22 7.06
CA ASN A 21 -3.29 0.68 8.20
C ASN A 21 -3.45 2.16 7.78
N LEU A 22 -3.97 2.38 6.57
CA LEU A 22 -4.10 3.71 6.00
C LEU A 22 -5.10 4.56 6.78
N ASN A 23 -4.90 5.89 6.77
CA ASN A 23 -5.76 6.89 7.41
C ASN A 23 -7.07 7.08 6.64
N THR A 24 -7.72 5.98 6.27
CA THR A 24 -8.85 5.96 5.37
C THR A 24 -10.04 6.80 5.81
N LEU A 25 -10.06 7.33 7.05
CA LEU A 25 -11.17 8.18 7.47
C LEU A 25 -10.95 9.60 6.98
N VAL A 26 -9.79 9.86 6.36
CA VAL A 26 -9.42 11.16 5.85
C VAL A 26 -8.86 11.04 4.43
N VAL A 27 -8.44 9.85 4.03
CA VAL A 27 -7.96 9.62 2.66
C VAL A 27 -9.14 9.42 1.72
N LYS A 28 -8.90 9.63 0.42
CA LYS A 28 -9.88 9.38 -0.62
C LYS A 28 -9.19 8.79 -1.83
N LYS A 29 -9.96 8.33 -2.82
CA LYS A 29 -9.41 7.76 -4.04
C LYS A 29 -8.52 8.76 -4.77
N SER A 30 -8.76 10.07 -4.55
CA SER A 30 -8.00 11.13 -5.21
C SER A 30 -6.73 11.46 -4.44
N ASP A 31 -6.54 10.88 -3.25
CA ASP A 31 -5.35 11.11 -2.46
C ASP A 31 -4.32 10.03 -2.72
N VAL A 32 -4.74 8.76 -2.85
CA VAL A 32 -3.79 7.68 -3.06
C VAL A 32 -3.15 7.80 -4.43
N GLU A 33 -3.89 8.31 -5.42
CA GLU A 33 -3.34 8.54 -6.74
C GLU A 33 -2.56 9.86 -6.81
N ALA A 34 -2.45 10.56 -5.68
CA ALA A 34 -1.70 11.81 -5.60
C ALA A 34 -0.51 11.68 -4.66
N ILE A 35 -0.44 10.58 -3.90
CA ILE A 35 0.64 10.34 -2.95
C ILE A 35 1.63 9.32 -3.52
N PHE A 36 1.18 8.45 -4.43
CA PHE A 36 2.06 7.44 -5.02
C PHE A 36 2.40 7.75 -6.47
N SER A 37 1.80 8.79 -7.04
CA SER A 37 2.10 9.16 -8.42
C SER A 37 3.40 9.98 -8.51
N LYS A 38 4.04 10.24 -7.37
CA LYS A 38 5.33 10.93 -7.33
C LYS A 38 6.51 9.97 -7.30
N TYR A 39 6.22 8.66 -7.27
CA TYR A 39 7.24 7.62 -7.21
C TYR A 39 7.16 6.69 -8.42
N GLY A 40 6.18 6.89 -9.31
CA GLY A 40 6.04 6.07 -10.49
C GLY A 40 4.76 6.37 -11.26
N LYS A 41 4.65 5.77 -12.45
CA LYS A 41 3.48 5.91 -13.31
C LYS A 41 2.40 4.95 -12.84
N ILE A 42 1.32 5.48 -12.27
CA ILE A 42 0.19 4.68 -11.86
C ILE A 42 -0.71 4.45 -13.07
N VAL A 43 -1.06 3.19 -13.33
CA VAL A 43 -1.97 2.81 -14.40
C VAL A 43 -3.22 2.14 -13.83
N GLY A 44 -3.30 2.05 -12.51
CA GLY A 44 -4.45 1.51 -11.81
C GLY A 44 -4.38 1.85 -10.34
N CYS A 45 -5.52 2.14 -9.71
CA CYS A 45 -5.55 2.48 -8.30
C CYS A 45 -6.91 2.14 -7.69
N SER A 46 -6.93 1.77 -6.41
CA SER A 46 -8.16 1.47 -5.69
C SER A 46 -7.97 1.71 -4.19
N VAL A 47 -9.09 1.84 -3.48
CA VAL A 47 -9.07 2.05 -2.02
C VAL A 47 -10.15 1.17 -1.39
N HIS A 48 -9.92 0.72 -0.16
CA HIS A 48 -10.78 -0.25 0.49
C HIS A 48 -10.94 0.02 1.98
N LYS A 49 -11.78 -0.78 2.66
CA LYS A 49 -11.95 -0.70 4.10
C LYS A 49 -10.69 -1.16 4.83
N GLY A 50 -9.78 -0.22 5.09
CA GLY A 50 -8.62 -0.40 5.94
C GLY A 50 -7.30 -0.32 5.20
N PHE A 51 -7.35 -0.39 3.87
CA PHE A 51 -6.16 -0.45 3.05
C PHE A 51 -6.46 0.12 1.67
N ALA A 52 -5.43 0.26 0.84
CA ALA A 52 -5.58 0.73 -0.52
C ALA A 52 -4.56 0.05 -1.42
N PHE A 53 -4.76 0.13 -2.73
CA PHE A 53 -3.89 -0.52 -3.69
C PHE A 53 -3.51 0.43 -4.83
N VAL A 54 -2.29 0.26 -5.33
CA VAL A 54 -1.77 1.03 -6.45
C VAL A 54 -1.09 0.07 -7.41
N GLN A 55 -1.35 0.24 -8.71
CA GLN A 55 -0.79 -0.59 -9.75
C GLN A 55 0.09 0.26 -10.66
N TYR A 56 1.39 0.02 -10.60
CA TYR A 56 2.37 0.70 -11.44
C TYR A 56 2.56 -0.07 -12.74
N VAL A 57 3.45 0.44 -13.60
CA VAL A 57 3.72 -0.19 -14.90
C VAL A 57 4.75 -1.31 -14.75
N ASN A 58 5.59 -1.24 -13.71
CA ASN A 58 6.66 -2.21 -13.50
C ASN A 58 7.04 -2.34 -12.02
N GLU A 59 7.94 -3.28 -11.72
CA GLU A 59 8.39 -3.56 -10.37
C GLU A 59 9.23 -2.42 -9.81
N ARG A 60 10.05 -1.80 -10.65
CA ARG A 60 10.94 -0.72 -10.25
C ARG A 60 10.14 0.41 -9.61
N ASN A 61 8.97 0.72 -10.17
CA ASN A 61 8.12 1.78 -9.65
C ASN A 61 7.54 1.37 -8.30
N ALA A 62 7.23 0.08 -8.12
CA ALA A 62 6.69 -0.40 -6.85
C ALA A 62 7.74 -0.34 -5.76
N ARG A 63 8.99 -0.75 -6.06
CA ARG A 63 10.07 -0.70 -5.09
C ARG A 63 10.35 0.75 -4.68
N ALA A 64 10.04 1.70 -5.57
CA ALA A 64 10.28 3.10 -5.32
C ALA A 64 9.35 3.65 -4.24
N ALA A 65 8.07 3.26 -4.27
CA ALA A 65 7.12 3.73 -3.27
C ALA A 65 7.06 2.82 -2.06
N VAL A 66 7.36 1.52 -2.23
CA VAL A 66 7.36 0.57 -1.13
C VAL A 66 8.56 0.81 -0.22
N ALA A 67 9.62 1.44 -0.74
CA ALA A 67 10.76 1.84 0.08
C ALA A 67 10.81 3.35 0.28
N GLY A 68 10.01 4.12 -0.46
CA GLY A 68 10.01 5.58 -0.37
C GLY A 68 8.95 6.12 0.58
N GLU A 69 7.79 5.46 0.69
CA GLU A 69 6.68 5.95 1.51
C GLU A 69 6.38 5.04 2.68
N ASP A 70 6.90 3.81 2.71
CA ASP A 70 6.60 2.89 3.79
C ASP A 70 7.03 3.48 5.14
N GLY A 71 6.12 3.43 6.13
CA GLY A 71 6.40 3.91 7.46
C GLY A 71 6.21 5.42 7.59
N ARG A 72 5.56 6.07 6.60
CA ARG A 72 5.37 7.51 6.64
C ARG A 72 4.03 7.89 7.28
N MET A 73 3.92 9.12 7.74
CA MET A 73 2.66 9.62 8.29
C MET A 73 1.86 10.37 7.24
N ILE A 74 0.56 10.14 7.23
CA ILE A 74 -0.41 10.81 6.37
C ILE A 74 -1.69 11.01 7.19
N ALA A 75 -2.27 12.21 7.10
CA ALA A 75 -3.48 12.58 7.84
C ALA A 75 -3.42 12.30 9.34
N GLY A 76 -2.24 12.07 9.90
CA GLY A 76 -2.05 11.89 11.33
C GLY A 76 -1.79 10.45 11.75
N GLN A 77 -1.83 9.49 10.81
CA GLN A 77 -1.56 8.09 11.10
C GLN A 77 -0.48 7.58 10.14
N VAL A 78 0.16 6.46 10.50
CA VAL A 78 1.17 5.84 9.66
C VAL A 78 0.57 4.65 8.93
N LEU A 79 1.07 4.40 7.71
CA LEU A 79 0.61 3.33 6.86
C LEU A 79 1.74 2.34 6.60
N ASP A 80 1.36 1.07 6.49
CA ASP A 80 2.29 -0.03 6.28
C ASP A 80 2.28 -0.40 4.80
N ILE A 81 3.30 0.04 4.07
CA ILE A 81 3.37 -0.17 2.63
C ILE A 81 4.33 -1.31 2.33
N ASN A 82 3.97 -2.17 1.38
CA ASN A 82 4.76 -3.33 1.02
C ASN A 82 4.46 -3.76 -0.41
N LEU A 83 5.32 -4.59 -0.99
CA LEU A 83 5.04 -5.17 -2.29
C LEU A 83 3.82 -6.09 -2.15
N ALA A 84 3.11 -6.34 -3.24
CA ALA A 84 1.87 -7.10 -3.19
C ALA A 84 2.10 -8.62 -3.13
N ALA A 85 3.34 -9.07 -3.22
CA ALA A 85 3.66 -10.50 -3.21
C ALA A 85 4.78 -10.81 -2.21
N GLU A 86 5.11 -9.88 -1.32
CA GLU A 86 6.20 -10.05 -0.36
C GLU A 86 5.79 -9.67 1.06
N PRO A 87 4.63 -10.12 1.57
CA PRO A 87 4.15 -9.76 2.89
C PRO A 87 5.05 -10.33 3.98
N LYS A 88 5.22 -9.56 5.06
CA LYS A 88 6.01 -9.93 6.23
C LYS A 88 5.32 -9.55 7.52
N VAL A 89 4.11 -8.98 7.42
CA VAL A 89 3.34 -8.51 8.55
C VAL A 89 2.24 -9.50 8.91
N ASN A 90 1.81 -9.50 10.17
CA ASN A 90 0.81 -10.42 10.68
C ASN A 90 -0.61 -9.92 10.42
N ARG A 91 -0.73 -8.79 9.72
CA ARG A 91 -2.00 -8.12 9.46
C ARG A 91 -2.82 -7.98 10.74
N GLY A 92 -2.21 -7.44 11.78
CA GLY A 92 -2.83 -7.28 13.08
C GLY A 92 -3.89 -6.17 13.14
N LYS A 93 -4.16 -5.52 12.00
CA LYS A 93 -5.16 -4.45 11.88
C LYS A 93 -4.94 -3.29 12.85
N ALA A 94 -3.76 -3.19 13.47
CA ALA A 94 -3.44 -2.11 14.39
C ALA A 94 -1.94 -1.83 14.47
N GLY A 95 -1.11 -2.79 14.05
CA GLY A 95 0.34 -2.65 14.10
C GLY A 95 0.87 -2.86 15.51
N VAL A 96 -0.01 -3.20 16.46
CA VAL A 96 0.35 -3.43 17.85
C VAL A 96 0.74 -4.88 18.08
N LYS A 97 0.29 -5.77 17.20
CA LYS A 97 0.60 -7.19 17.29
C LYS A 97 2.07 -7.44 16.99
N ARG A 98 2.62 -8.51 17.58
CA ARG A 98 4.00 -8.91 17.40
C ARG A 98 4.08 -10.17 16.56
N SER A 99 5.23 -10.39 15.92
CA SER A 99 5.49 -11.59 15.13
C SER A 99 5.98 -12.71 16.05
N ALA A 100 5.82 -13.96 15.64
CA ALA A 100 6.16 -15.11 16.47
C ALA A 100 7.66 -15.22 16.76
N ALA A 101 8.47 -14.36 16.13
CA ALA A 101 9.91 -14.31 16.35
C ALA A 101 10.32 -13.04 17.09
N GLU A 102 9.35 -12.14 17.32
CA GLU A 102 9.56 -10.86 17.97
C GLU A 102 8.67 -10.71 19.19
N MET A 103 8.08 -11.82 19.65
CA MET A 103 7.17 -11.81 20.80
C MET A 103 7.88 -11.33 22.07
N TYR A 104 9.21 -11.46 22.13
CA TYR A 104 9.99 -11.04 23.29
C TYR A 104 11.30 -10.35 22.88
N GLY A 105 11.60 -10.35 21.57
CA GLY A 105 12.80 -9.73 21.05
C GLY A 105 14.05 -10.48 21.49
N ALA A 1 -5.89 7.16 -14.19
CA ALA A 1 -5.46 5.75 -14.17
C ALA A 1 -6.67 4.82 -14.07
N SER A 2 -6.45 3.52 -14.27
CA SER A 2 -7.51 2.52 -14.24
C SER A 2 -8.01 2.28 -12.81
N ASN A 3 -9.02 1.43 -12.66
CA ASN A 3 -9.66 1.13 -11.38
C ASN A 3 -9.45 -0.34 -11.00
N VAL A 4 -8.45 -1.01 -11.60
CA VAL A 4 -8.22 -2.42 -11.36
C VAL A 4 -6.79 -2.63 -10.86
N THR A 5 -6.65 -3.43 -9.81
CA THR A 5 -5.37 -3.68 -9.15
C THR A 5 -5.30 -5.08 -8.54
N ASN A 6 -6.16 -6.03 -8.97
CA ASN A 6 -6.21 -7.35 -8.36
C ASN A 6 -5.75 -8.48 -9.28
N LYS A 7 -5.02 -8.16 -10.36
CA LYS A 7 -4.48 -9.16 -11.27
C LYS A 7 -3.46 -10.04 -10.53
N THR A 8 -3.10 -11.18 -11.11
CA THR A 8 -2.22 -12.14 -10.47
C THR A 8 -1.06 -12.55 -11.37
N ASP A 9 -0.72 -11.73 -12.37
CA ASP A 9 0.36 -12.01 -13.29
C ASP A 9 1.71 -11.98 -12.58
N PRO A 10 2.71 -12.72 -13.07
CA PRO A 10 4.00 -12.87 -12.44
C PRO A 10 4.82 -11.58 -12.40
N ARG A 11 4.33 -10.51 -13.05
CA ARG A 11 4.99 -9.20 -13.02
C ARG A 11 4.05 -8.12 -12.49
N SER A 12 2.77 -8.45 -12.31
CA SER A 12 1.79 -7.52 -11.78
C SER A 12 1.62 -7.72 -10.27
N MET A 13 2.03 -8.88 -9.76
CA MET A 13 2.03 -9.17 -8.34
C MET A 13 3.18 -8.46 -7.62
N ASN A 14 4.12 -7.90 -8.38
CA ASN A 14 5.27 -7.21 -7.81
C ASN A 14 5.42 -5.79 -8.37
N SER A 15 4.55 -5.40 -9.31
CA SER A 15 4.48 -4.02 -9.78
C SER A 15 3.36 -3.28 -9.06
N ARG A 16 2.85 -3.89 -8.00
CA ARG A 16 1.73 -3.38 -7.22
C ARG A 16 2.18 -2.97 -5.83
N VAL A 17 1.47 -2.02 -5.23
CA VAL A 17 1.75 -1.54 -3.88
C VAL A 17 0.55 -1.79 -2.99
N PHE A 18 0.79 -2.38 -1.82
CA PHE A 18 -0.23 -2.52 -0.79
C PHE A 18 -0.04 -1.36 0.19
N ILE A 19 -1.16 -0.80 0.66
CA ILE A 19 -1.14 0.33 1.58
C ILE A 19 -2.10 0.06 2.72
N GLY A 20 -1.65 -0.71 3.70
CA GLY A 20 -2.45 -1.06 4.86
C GLY A 20 -2.37 0.02 5.94
N ASN A 21 -3.20 -0.14 6.98
CA ASN A 21 -3.30 0.77 8.10
C ASN A 21 -3.53 2.23 7.65
N LEU A 22 -4.11 2.43 6.47
CA LEU A 22 -4.26 3.75 5.87
C LEU A 22 -5.29 4.59 6.62
N ASN A 23 -5.12 5.93 6.53
CA ASN A 23 -6.00 6.93 7.11
C ASN A 23 -7.29 7.06 6.29
N THR A 24 -7.95 5.94 5.99
CA THR A 24 -9.07 5.90 5.07
C THR A 24 -10.29 6.70 5.54
N LEU A 25 -10.20 7.32 6.72
CA LEU A 25 -11.28 8.16 7.23
C LEU A 25 -11.19 9.56 6.63
N VAL A 26 -10.06 9.87 5.99
CA VAL A 26 -9.80 11.18 5.42
C VAL A 26 -9.23 11.06 4.01
N VAL A 27 -8.66 9.90 3.65
CA VAL A 27 -8.11 9.70 2.32
C VAL A 27 -9.22 9.45 1.31
N LYS A 28 -8.91 9.65 0.03
CA LYS A 28 -9.80 9.34 -1.08
C LYS A 28 -8.98 8.75 -2.22
N LYS A 29 -9.63 8.26 -3.26
CA LYS A 29 -8.91 7.68 -4.40
C LYS A 29 -8.01 8.71 -5.05
N SER A 30 -8.42 9.98 -5.01
CA SER A 30 -7.70 11.08 -5.63
C SER A 30 -6.49 11.47 -4.80
N ASP A 31 -6.37 10.93 -3.59
CA ASP A 31 -5.24 11.21 -2.72
C ASP A 31 -4.18 10.11 -2.89
N VAL A 32 -4.60 8.85 -3.03
CA VAL A 32 -3.65 7.76 -3.17
C VAL A 32 -2.91 7.90 -4.49
N GLU A 33 -3.60 8.34 -5.54
CA GLU A 33 -2.98 8.54 -6.85
C GLU A 33 -2.19 9.86 -6.88
N ALA A 34 -2.15 10.60 -5.77
CA ALA A 34 -1.41 11.84 -5.66
C ALA A 34 -0.26 11.73 -4.67
N ILE A 35 -0.21 10.63 -3.91
CA ILE A 35 0.83 10.38 -2.90
C ILE A 35 1.80 9.31 -3.40
N PHE A 36 1.42 8.55 -4.42
CA PHE A 36 2.27 7.50 -4.97
C PHE A 36 2.69 7.81 -6.42
N SER A 37 2.08 8.83 -7.05
CA SER A 37 2.49 9.22 -8.39
C SER A 37 3.84 9.96 -8.35
N LYS A 38 4.34 10.24 -7.13
CA LYS A 38 5.63 10.86 -6.91
C LYS A 38 6.78 9.86 -7.04
N TYR A 39 6.46 8.57 -7.17
CA TYR A 39 7.46 7.51 -7.19
C TYR A 39 7.31 6.58 -8.39
N GLY A 40 6.29 6.80 -9.23
CA GLY A 40 6.11 5.96 -10.40
C GLY A 40 4.86 6.31 -11.19
N LYS A 41 4.76 5.76 -12.41
CA LYS A 41 3.59 5.93 -13.26
C LYS A 41 2.50 4.98 -12.80
N ILE A 42 1.41 5.53 -12.28
CA ILE A 42 0.28 4.73 -11.86
C ILE A 42 -0.62 4.48 -13.07
N VAL A 43 -0.92 3.20 -13.33
CA VAL A 43 -1.80 2.81 -14.42
C VAL A 43 -3.08 2.17 -13.88
N GLY A 44 -3.19 2.07 -12.54
CA GLY A 44 -4.38 1.58 -11.89
C GLY A 44 -4.34 1.94 -10.41
N CYS A 45 -5.49 2.23 -9.81
CA CYS A 45 -5.55 2.59 -8.40
C CYS A 45 -6.92 2.22 -7.81
N SER A 46 -6.91 1.86 -6.52
CA SER A 46 -8.12 1.52 -5.79
C SER A 46 -7.91 1.82 -4.31
N VAL A 47 -8.99 2.15 -3.59
CA VAL A 47 -8.90 2.42 -2.16
C VAL A 47 -10.16 1.93 -1.45
N HIS A 48 -9.99 1.50 -0.20
CA HIS A 48 -11.02 0.88 0.61
C HIS A 48 -10.89 1.40 2.04
N LYS A 49 -11.61 0.82 3.00
CA LYS A 49 -11.37 1.13 4.40
C LYS A 49 -10.16 0.35 4.89
N GLY A 50 -9.32 1.01 5.70
CA GLY A 50 -8.13 0.43 6.31
C GLY A 50 -7.00 0.16 5.33
N PHE A 51 -7.30 -0.16 4.06
CA PHE A 51 -6.27 -0.53 3.10
C PHE A 51 -6.54 0.10 1.73
N ALA A 52 -5.51 0.16 0.90
CA ALA A 52 -5.62 0.67 -0.46
C ALA A 52 -4.61 -0.04 -1.38
N PHE A 53 -4.74 0.17 -2.69
CA PHE A 53 -3.90 -0.48 -3.67
C PHE A 53 -3.53 0.47 -4.81
N VAL A 54 -2.32 0.29 -5.33
CA VAL A 54 -1.81 1.06 -6.46
C VAL A 54 -1.13 0.10 -7.42
N GLN A 55 -1.36 0.30 -8.72
CA GLN A 55 -0.80 -0.55 -9.76
C GLN A 55 0.12 0.29 -10.65
N TYR A 56 1.42 0.02 -10.57
CA TYR A 56 2.42 0.68 -11.39
C TYR A 56 2.63 -0.08 -12.69
N VAL A 57 3.55 0.41 -13.52
CA VAL A 57 3.87 -0.21 -14.80
C VAL A 57 4.85 -1.37 -14.62
N ASN A 58 5.68 -1.32 -13.58
CA ASN A 58 6.70 -2.32 -13.33
C ASN A 58 7.05 -2.44 -11.84
N GLU A 59 7.91 -3.41 -11.51
CA GLU A 59 8.34 -3.68 -10.14
C GLU A 59 9.21 -2.56 -9.59
N ARG A 60 10.04 -1.96 -10.43
CA ARG A 60 10.96 -0.91 -10.03
C ARG A 60 10.19 0.26 -9.42
N ASN A 61 9.03 0.59 -10.00
CA ASN A 61 8.19 1.67 -9.51
C ASN A 61 7.60 1.30 -8.14
N ALA A 62 7.27 0.01 -7.94
CA ALA A 62 6.70 -0.43 -6.68
C ALA A 62 7.74 -0.36 -5.57
N ARG A 63 8.98 -0.77 -5.85
CA ARG A 63 10.04 -0.73 -4.85
C ARG A 63 10.34 0.71 -4.46
N ALA A 64 10.07 1.65 -5.37
CA ALA A 64 10.35 3.06 -5.14
C ALA A 64 9.40 3.63 -4.09
N ALA A 65 8.12 3.25 -4.13
CA ALA A 65 7.15 3.76 -3.16
C ALA A 65 7.06 2.85 -1.93
N VAL A 66 7.34 1.55 -2.08
CA VAL A 66 7.33 0.62 -0.97
C VAL A 66 8.50 0.88 -0.03
N ALA A 67 9.56 1.53 -0.53
CA ALA A 67 10.66 1.97 0.30
C ALA A 67 10.72 3.49 0.44
N GLY A 68 9.91 4.22 -0.33
CA GLY A 68 9.92 5.68 -0.31
C GLY A 68 8.83 6.30 0.55
N GLU A 69 7.76 5.56 0.85
CA GLU A 69 6.63 6.07 1.62
C GLU A 69 6.29 5.19 2.82
N ASP A 70 6.78 3.94 2.85
CA ASP A 70 6.45 3.04 3.93
C ASP A 70 6.85 3.63 5.29
N GLY A 71 5.93 3.57 6.26
CA GLY A 71 6.18 4.06 7.60
C GLY A 71 5.97 5.56 7.74
N ARG A 72 5.32 6.19 6.75
CA ARG A 72 5.09 7.64 6.78
C ARG A 72 3.73 7.96 7.39
N MET A 73 3.55 9.20 7.86
CA MET A 73 2.26 9.62 8.38
C MET A 73 1.48 10.41 7.33
N ILE A 74 0.17 10.15 7.26
CA ILE A 74 -0.76 10.85 6.38
C ILE A 74 -2.07 11.02 7.13
N ALA A 75 -2.64 12.22 7.06
CA ALA A 75 -3.89 12.58 7.74
C ALA A 75 -3.94 12.22 9.23
N GLY A 76 -2.79 11.92 9.86
CA GLY A 76 -2.73 11.64 11.28
C GLY A 76 -2.54 10.17 11.63
N GLN A 77 -2.42 9.29 10.63
CA GLN A 77 -2.12 7.88 10.86
C GLN A 77 -0.94 7.45 10.01
N VAL A 78 -0.20 6.44 10.47
CA VAL A 78 0.88 5.85 9.68
C VAL A 78 0.32 4.66 8.91
N LEU A 79 0.84 4.45 7.70
CA LEU A 79 0.38 3.39 6.81
C LEU A 79 1.51 2.39 6.59
N ASP A 80 1.14 1.12 6.53
CA ASP A 80 2.06 0.02 6.31
C ASP A 80 2.09 -0.29 4.82
N ILE A 81 3.13 0.20 4.12
CA ILE A 81 3.25 0.00 2.69
C ILE A 81 4.22 -1.14 2.41
N ASN A 82 3.86 -2.00 1.46
CA ASN A 82 4.64 -3.18 1.16
C ASN A 82 4.36 -3.63 -0.27
N LEU A 83 5.22 -4.48 -0.84
CA LEU A 83 4.93 -5.07 -2.13
C LEU A 83 3.69 -5.96 -1.97
N ALA A 84 2.92 -6.16 -3.04
CA ALA A 84 1.66 -6.87 -2.93
C ALA A 84 1.83 -8.39 -2.83
N ALA A 85 3.06 -8.88 -2.98
CA ALA A 85 3.32 -10.32 -2.94
C ALA A 85 4.42 -10.67 -1.93
N GLU A 86 4.78 -9.72 -1.07
CA GLU A 86 5.84 -9.92 -0.09
C GLU A 86 5.43 -9.52 1.33
N PRO A 87 4.23 -9.89 1.81
CA PRO A 87 3.76 -9.55 3.15
C PRO A 87 4.55 -10.32 4.21
N LYS A 88 5.75 -9.82 4.55
CA LYS A 88 6.59 -10.42 5.58
C LYS A 88 6.13 -9.98 6.97
N VAL A 89 5.18 -9.03 7.03
CA VAL A 89 4.62 -8.56 8.28
C VAL A 89 3.39 -9.40 8.64
N ASN A 90 3.05 -9.45 9.93
CA ASN A 90 2.01 -10.34 10.42
C ASN A 90 0.61 -9.84 10.10
N ARG A 91 0.49 -8.62 9.59
CA ARG A 91 -0.79 -7.97 9.31
C ARG A 91 -1.76 -8.17 10.46
N GLY A 92 -1.44 -7.59 11.61
CA GLY A 92 -2.28 -7.67 12.80
C GLY A 92 -3.61 -6.95 12.66
N LYS A 93 -3.83 -6.30 11.51
CA LYS A 93 -5.01 -5.51 11.20
C LYS A 93 -5.32 -4.41 12.22
N ALA A 94 -4.42 -4.20 13.18
CA ALA A 94 -4.57 -3.14 14.17
C ALA A 94 -3.22 -2.78 14.79
N GLY A 95 -3.29 -2.07 15.93
CA GLY A 95 -2.14 -1.52 16.63
C GLY A 95 -2.41 -0.08 17.03
N VAL A 96 -3.57 0.44 16.63
CA VAL A 96 -3.98 1.81 16.88
C VAL A 96 -4.79 1.90 18.18
N LYS A 97 -5.42 0.79 18.57
CA LYS A 97 -6.25 0.72 19.77
C LYS A 97 -5.40 0.47 21.01
N ARG A 98 -5.97 0.78 22.18
CA ARG A 98 -5.33 0.59 23.47
C ARG A 98 -5.83 -0.69 24.13
N SER A 99 -5.10 -1.14 25.15
CA SER A 99 -5.42 -2.35 25.89
C SER A 99 -6.56 -2.08 26.85
N ALA A 100 -7.32 -3.12 27.20
CA ALA A 100 -8.43 -2.98 28.13
C ALA A 100 -7.95 -2.67 29.56
N ALA A 101 -6.63 -2.65 29.76
CA ALA A 101 -6.01 -2.33 31.04
C ALA A 101 -5.22 -1.03 30.97
N GLU A 102 -5.13 -0.43 29.78
CA GLU A 102 -4.40 0.81 29.55
C GLU A 102 -5.30 1.87 28.94
N MET A 103 -6.61 1.61 28.86
CA MET A 103 -7.56 2.52 28.24
C MET A 103 -8.56 3.06 29.27
N TYR A 104 -9.52 3.85 28.79
CA TYR A 104 -10.51 4.52 29.63
C TYR A 104 -11.40 3.56 30.41
N GLY A 105 -11.42 2.28 30.03
CA GLY A 105 -12.22 1.25 30.68
C GLY A 105 -13.70 1.45 30.38
#